data_4COF
#
_entry.id   4COF
#
_cell.length_a   174.100
_cell.length_b   108.900
_cell.length_c   207.440
_cell.angle_alpha   90.00
_cell.angle_beta   107.43
_cell.angle_gamma   90.00
#
_symmetry.space_group_name_H-M   'C 1 2 1'
#
loop_
_entity.id
_entity.type
_entity.pdbx_description
1 polymer 'GAMMA-AMINOBUTYRIC ACID RECEPTOR SUBUNIT BETA-3'
2 branched beta-D-mannopyranose-(1-4)-2-acetamido-2-deoxy-beta-D-glucopyranose-(1-4)-2-acetamido-2-deoxy-beta-D-glucopyranose
3 non-polymer BENZAMIDINE
4 non-polymer 2-acetamido-2-deoxy-beta-D-glucopyranose
5 non-polymer 'CHLORIDE ION'
#
_entity_poly.entity_id   1
_entity_poly.type   'polypeptide(L)'
_entity_poly.pdbx_seq_one_letter_code
;ETGQSVNDPGNMSFVKETVDKLLKGYDIRLRPDFGGPPVCVGMNIDIASIDMVSEVNMDYTLTMYFQQYWRDKRLAYSGI
PLNLTLDNRVADQLWVPDTYFLNDKKSFVHGVTVKNRMIRLHPDGTVLYGLRITTTAACMMDLRRYPLDEQNCTLEIESY
GYTTDDIEFYWRGGDKAVTGVERIELPQFSIVEHRLVSRNVVFATGAYPRLSLSFRLKRNIGYFILQTYMPSILITILSW
VSFWINYDASAARVALGITTVLTMTTINTHLRETLPKIPYVKAIDMYLMGCFVFVFLALLEYAFVNYIFFSQPARAAAID
RWSRIVFPFTFSLFNLVYWLYYVNGATETSQVAPA
;
_entity_poly.pdbx_strand_id   A,B,C,D,E
#
# COMPACT_ATOMS: atom_id res chain seq x y z
N GLN A 4 -4.60 -41.80 -47.92
CA GLN A 4 -4.55 -40.35 -48.22
C GLN A 4 -3.27 -39.71 -47.68
N SER A 5 -2.22 -39.61 -48.53
CA SER A 5 -0.93 -38.99 -48.15
C SER A 5 -1.11 -37.51 -47.78
N VAL A 6 -2.14 -36.83 -48.34
CA VAL A 6 -2.52 -35.45 -47.99
C VAL A 6 -4.03 -35.46 -47.67
N ASN A 7 -4.40 -34.99 -46.49
CA ASN A 7 -5.78 -34.98 -46.02
C ASN A 7 -6.37 -33.55 -45.97
N ASP A 8 -7.69 -33.45 -46.23
CA ASP A 8 -8.47 -32.21 -46.19
C ASP A 8 -8.15 -31.46 -44.87
N PRO A 9 -7.55 -30.24 -44.96
CA PRO A 9 -7.23 -29.49 -43.72
C PRO A 9 -8.49 -29.16 -42.89
N GLY A 10 -9.61 -29.00 -43.58
CA GLY A 10 -10.91 -28.71 -43.01
C GLY A 10 -11.64 -29.92 -42.44
N ASN A 11 -11.06 -31.13 -42.51
CA ASN A 11 -11.68 -32.29 -41.86
C ASN A 11 -11.30 -32.22 -40.35
N MET A 12 -12.22 -31.69 -39.52
CA MET A 12 -11.99 -31.51 -38.08
C MET A 12 -11.92 -32.86 -37.36
N SER A 13 -12.54 -33.91 -37.94
CA SER A 13 -12.56 -35.25 -37.35
C SER A 13 -11.19 -35.90 -37.47
N PHE A 14 -10.52 -35.72 -38.63
CA PHE A 14 -9.19 -36.26 -38.86
C PHE A 14 -8.18 -35.54 -37.97
N VAL A 15 -8.26 -34.17 -37.87
CA VAL A 15 -7.39 -33.35 -37.01
C VAL A 15 -7.56 -33.80 -35.55
N LYS A 16 -8.84 -33.92 -35.08
CA LYS A 16 -9.17 -34.40 -33.74
C LYS A 16 -8.45 -35.73 -33.46
N GLU A 17 -8.73 -36.78 -34.27
CA GLU A 17 -8.10 -38.09 -34.07
C GLU A 17 -6.56 -38.02 -34.20
N THR A 18 -6.02 -37.14 -35.08
CA THR A 18 -4.56 -36.97 -35.22
C THR A 18 -3.99 -36.47 -33.90
N VAL A 19 -4.54 -35.33 -33.38
CA VAL A 19 -4.10 -34.72 -32.12
C VAL A 19 -4.33 -35.72 -30.99
N ASP A 20 -5.42 -36.49 -31.03
CA ASP A 20 -5.71 -37.52 -30.04
C ASP A 20 -4.67 -38.63 -29.97
N LYS A 21 -4.15 -39.12 -31.11
CA LYS A 21 -3.15 -40.20 -31.03
C LYS A 21 -1.78 -39.65 -30.60
N LEU A 22 -1.52 -38.35 -30.90
CA LEU A 22 -0.29 -37.65 -30.51
C LEU A 22 -0.10 -37.68 -29.01
N LEU A 23 -1.18 -37.38 -28.24
CA LEU A 23 -1.18 -37.33 -26.80
C LEU A 23 -1.53 -38.65 -26.11
N LYS A 24 -1.93 -39.70 -26.85
CA LYS A 24 -2.23 -41.01 -26.26
C LYS A 24 -0.92 -41.68 -25.82
N GLY A 25 -0.81 -41.96 -24.53
CA GLY A 25 0.40 -42.58 -23.99
C GLY A 25 1.62 -41.67 -23.88
N TYR A 26 1.39 -40.35 -24.01
CA TYR A 26 2.40 -39.30 -23.91
C TYR A 26 2.66 -39.06 -22.43
N ASP A 27 3.96 -39.10 -22.02
CA ASP A 27 4.35 -38.88 -20.63
C ASP A 27 4.96 -37.48 -20.46
N ILE A 28 4.25 -36.56 -19.75
CA ILE A 28 4.72 -35.19 -19.51
C ILE A 28 5.98 -35.19 -18.63
N ARG A 29 6.14 -36.23 -17.78
CA ARG A 29 7.29 -36.44 -16.87
C ARG A 29 8.63 -36.45 -17.62
N LEU A 30 8.59 -36.97 -18.85
CA LEU A 30 9.76 -37.14 -19.70
C LEU A 30 9.91 -36.02 -20.72
N ARG A 31 11.09 -35.39 -20.72
CA ARG A 31 11.44 -34.33 -21.67
C ARG A 31 11.70 -34.94 -23.07
N PRO A 32 11.57 -34.17 -24.19
CA PRO A 32 11.87 -34.72 -25.52
C PRO A 32 13.32 -35.22 -25.62
N ASP A 33 13.53 -36.43 -26.22
CA ASP A 33 14.85 -37.07 -26.35
C ASP A 33 15.38 -37.46 -24.95
N PHE A 34 14.46 -37.91 -24.05
CA PHE A 34 14.69 -38.21 -22.63
C PHE A 34 16.08 -38.83 -22.28
N GLY A 35 16.51 -39.87 -22.96
CA GLY A 35 17.80 -40.43 -22.59
C GLY A 35 18.99 -40.01 -23.43
N GLY A 36 18.74 -39.16 -24.42
CA GLY A 36 19.78 -38.79 -25.36
C GLY A 36 20.30 -37.37 -25.29
N PRO A 37 20.63 -36.80 -26.48
CA PRO A 37 21.17 -35.44 -26.53
C PRO A 37 20.21 -34.39 -25.91
N PRO A 38 20.76 -33.27 -25.38
CA PRO A 38 19.88 -32.25 -24.75
C PRO A 38 18.88 -31.64 -25.73
N VAL A 39 17.70 -31.24 -25.23
CA VAL A 39 16.70 -30.56 -26.03
C VAL A 39 17.14 -29.08 -26.11
N CYS A 40 17.11 -28.50 -27.32
CA CYS A 40 17.56 -27.12 -27.53
C CYS A 40 16.38 -26.16 -27.57
N VAL A 41 16.26 -25.34 -26.53
CA VAL A 41 15.17 -24.38 -26.45
C VAL A 41 15.64 -23.01 -26.96
N GLY A 42 14.90 -22.48 -27.94
CA GLY A 42 15.15 -21.20 -28.58
C GLY A 42 14.28 -20.13 -27.98
N MET A 43 14.90 -19.18 -27.26
CA MET A 43 14.19 -18.10 -26.59
C MET A 43 14.18 -16.85 -27.43
N ASN A 44 13.06 -16.13 -27.33
CA ASN A 44 12.69 -14.94 -28.07
C ASN A 44 11.86 -14.05 -27.14
N ILE A 45 12.20 -12.75 -27.01
CA ILE A 45 11.45 -11.84 -26.14
C ILE A 45 11.03 -10.57 -26.89
N ASP A 46 9.75 -10.21 -26.83
CA ASP A 46 9.31 -8.93 -27.36
C ASP A 46 8.88 -8.09 -26.17
N ILE A 47 9.66 -7.06 -25.85
CA ILE A 47 9.40 -6.22 -24.67
C ILE A 47 8.24 -5.25 -24.96
N ALA A 48 7.12 -5.45 -24.24
CA ALA A 48 5.95 -4.61 -24.37
C ALA A 48 6.17 -3.28 -23.65
N SER A 49 6.82 -3.29 -22.47
CA SER A 49 7.06 -2.05 -21.68
C SER A 49 7.98 -2.24 -20.48
N ILE A 50 8.62 -1.13 -20.02
CA ILE A 50 9.37 -1.07 -18.76
C ILE A 50 8.51 -0.11 -17.93
N ASP A 51 7.58 -0.71 -17.19
CA ASP A 51 6.51 -0.08 -16.44
C ASP A 51 6.99 0.76 -15.32
N MET A 52 8.16 0.43 -14.72
CA MET A 52 8.68 1.15 -13.56
C MET A 52 10.11 0.77 -13.22
N VAL A 53 10.85 1.71 -12.58
CA VAL A 53 12.23 1.58 -12.09
C VAL A 53 12.26 2.19 -10.69
N SER A 54 12.47 1.35 -9.66
CA SER A 54 12.49 1.81 -8.26
C SER A 54 13.89 1.77 -7.66
N GLU A 55 14.35 2.90 -7.11
CA GLU A 55 15.63 3.00 -6.39
C GLU A 55 15.42 2.50 -4.98
N VAL A 56 14.26 2.88 -4.37
CA VAL A 56 13.85 2.51 -3.03
C VAL A 56 13.88 0.96 -2.87
N ASN A 57 13.22 0.22 -3.76
CA ASN A 57 13.23 -1.25 -3.66
C ASN A 57 14.25 -1.86 -4.60
N MET A 58 15.13 -1.03 -5.16
CA MET A 58 16.20 -1.38 -6.10
C MET A 58 15.82 -2.53 -7.02
N ASP A 59 14.76 -2.28 -7.82
CA ASP A 59 14.20 -3.21 -8.79
C ASP A 59 13.52 -2.46 -9.94
N TYR A 60 13.08 -3.18 -10.99
CA TYR A 60 12.39 -2.60 -12.13
C TYR A 60 11.29 -3.58 -12.60
N THR A 61 10.30 -3.09 -13.36
CA THR A 61 9.25 -3.98 -13.83
C THR A 61 9.09 -3.89 -15.36
N LEU A 62 9.09 -5.05 -16.03
CA LEU A 62 8.90 -5.11 -17.47
C LEU A 62 7.80 -6.08 -17.85
N THR A 63 7.09 -5.79 -18.97
CA THR A 63 6.06 -6.68 -19.49
C THR A 63 6.57 -7.12 -20.82
N MET A 64 6.41 -8.43 -21.11
CA MET A 64 6.92 -8.98 -22.33
C MET A 64 6.13 -10.20 -22.84
N TYR A 65 6.40 -10.54 -24.11
CA TYR A 65 5.94 -11.71 -24.82
C TYR A 65 7.12 -12.64 -24.80
N PHE A 66 7.04 -13.72 -23.99
CA PHE A 66 8.14 -14.66 -23.83
C PHE A 66 7.87 -15.88 -24.67
N GLN A 67 8.68 -16.08 -25.72
CA GLN A 67 8.49 -17.20 -26.65
C GLN A 67 9.62 -18.22 -26.58
N GLN A 68 9.26 -19.50 -26.50
CA GLN A 68 10.16 -20.65 -26.43
C GLN A 68 9.86 -21.59 -27.59
N TYR A 69 10.92 -22.15 -28.15
CA TYR A 69 10.88 -22.97 -29.33
C TYR A 69 11.73 -24.22 -29.09
N TRP A 70 11.17 -25.42 -29.30
CA TRP A 70 11.88 -26.69 -29.16
C TRP A 70 11.15 -27.76 -29.99
N ARG A 71 11.82 -28.86 -30.31
CA ARG A 71 11.20 -29.91 -31.09
C ARG A 71 10.94 -31.11 -30.19
N ASP A 72 9.71 -31.63 -30.25
CA ASP A 72 9.29 -32.83 -29.52
C ASP A 72 8.82 -33.84 -30.57
N LYS A 73 9.66 -34.83 -30.92
CA LYS A 73 9.32 -35.79 -31.97
C LYS A 73 8.01 -36.55 -31.68
N ARG A 74 7.66 -36.75 -30.40
CA ARG A 74 6.40 -37.37 -29.95
C ARG A 74 5.17 -36.64 -30.51
N LEU A 75 5.33 -35.36 -30.92
CA LEU A 75 4.24 -34.50 -31.40
C LEU A 75 4.26 -34.27 -32.92
N ALA A 76 5.06 -35.04 -33.67
CA ALA A 76 5.12 -34.91 -35.13
C ALA A 76 3.92 -35.61 -35.79
N TYR A 77 3.27 -34.98 -36.80
CA TYR A 77 2.07 -35.48 -37.49
C TYR A 77 2.25 -35.52 -39.02
N SER A 78 1.82 -36.64 -39.63
CA SER A 78 2.01 -36.93 -41.05
C SER A 78 0.92 -36.43 -42.01
N GLY A 79 -0.35 -36.55 -41.64
CA GLY A 79 -1.43 -36.22 -42.56
C GLY A 79 -1.61 -34.78 -43.00
N ILE A 80 -1.62 -33.89 -42.03
CA ILE A 80 -1.91 -32.48 -42.17
C ILE A 80 -0.71 -31.65 -42.70
N PRO A 81 -0.94 -30.88 -43.81
CA PRO A 81 0.13 -30.02 -44.35
C PRO A 81 0.04 -28.58 -43.80
N LEU A 82 -0.38 -28.45 -42.53
CA LEU A 82 -0.56 -27.16 -41.86
C LEU A 82 0.08 -27.12 -40.48
N ASN A 83 0.34 -25.90 -39.98
CA ASN A 83 0.83 -25.69 -38.62
C ASN A 83 -0.41 -25.63 -37.73
N LEU A 84 -0.45 -26.38 -36.63
CA LEU A 84 -1.65 -26.42 -35.82
C LEU A 84 -1.63 -25.45 -34.63
N THR A 85 -2.51 -24.41 -34.65
CA THR A 85 -2.68 -23.51 -33.50
C THR A 85 -3.80 -24.10 -32.65
N LEU A 86 -3.40 -24.70 -31.53
CA LEU A 86 -4.33 -25.35 -30.62
C LEU A 86 -4.66 -24.41 -29.46
N ASP A 87 -5.87 -24.57 -28.89
CA ASP A 87 -6.34 -23.80 -27.74
C ASP A 87 -5.30 -23.98 -26.60
N ASN A 88 -4.83 -22.84 -26.02
CA ASN A 88 -3.76 -22.74 -25.02
C ASN A 88 -3.83 -23.78 -23.87
N ARG A 89 -5.03 -24.28 -23.53
CA ARG A 89 -5.21 -25.28 -22.47
C ARG A 89 -4.43 -26.60 -22.76
N VAL A 90 -4.07 -26.88 -24.04
CA VAL A 90 -3.32 -28.07 -24.44
C VAL A 90 -1.89 -28.07 -23.81
N ALA A 91 -1.34 -26.87 -23.47
CA ALA A 91 -0.03 -26.72 -22.84
C ALA A 91 0.04 -27.50 -21.49
N ASP A 92 -1.12 -27.73 -20.83
CA ASP A 92 -1.21 -28.48 -19.58
C ASP A 92 -1.02 -29.99 -19.83
N GLN A 93 -1.14 -30.42 -21.10
CA GLN A 93 -1.01 -31.82 -21.51
C GLN A 93 0.33 -32.09 -22.21
N LEU A 94 1.21 -31.07 -22.32
CA LEU A 94 2.50 -31.20 -22.98
C LEU A 94 3.67 -30.96 -22.03
N TRP A 95 4.85 -31.47 -22.37
CA TRP A 95 6.06 -31.16 -21.63
C TRP A 95 6.48 -29.78 -22.09
N VAL A 96 6.91 -28.93 -21.18
CA VAL A 96 7.41 -27.57 -21.44
C VAL A 96 8.72 -27.34 -20.63
N PRO A 97 9.66 -26.52 -21.14
CA PRO A 97 10.89 -26.26 -20.36
C PRO A 97 10.56 -25.57 -19.03
N ASP A 98 11.35 -25.87 -17.99
CA ASP A 98 11.17 -25.30 -16.64
C ASP A 98 11.93 -23.97 -16.50
N THR A 99 11.78 -23.11 -17.50
CA THR A 99 12.41 -21.79 -17.60
C THR A 99 11.90 -20.88 -16.48
N TYR A 100 12.83 -20.19 -15.83
CA TYR A 100 12.54 -19.27 -14.74
C TYR A 100 13.53 -18.09 -14.78
N PHE A 101 13.12 -16.94 -14.19
CA PHE A 101 13.97 -15.73 -14.15
C PHE A 101 14.65 -15.68 -12.82
N LEU A 102 15.92 -16.00 -12.82
CA LEU A 102 16.79 -16.13 -11.68
C LEU A 102 16.75 -14.94 -10.71
N ASN A 103 16.69 -13.68 -11.25
CA ASN A 103 16.68 -12.44 -10.45
C ASN A 103 15.27 -11.84 -10.29
N ASP A 104 14.27 -12.67 -10.45
CA ASP A 104 12.86 -12.35 -10.34
C ASP A 104 12.46 -12.16 -8.86
N LYS A 105 11.66 -11.13 -8.55
CA LYS A 105 11.15 -10.87 -7.20
C LYS A 105 9.72 -11.40 -7.14
N LYS A 106 8.86 -11.04 -8.13
CA LYS A 106 7.48 -11.47 -8.35
C LYS A 106 7.21 -11.47 -9.86
N SER A 107 6.52 -12.48 -10.35
CA SER A 107 6.14 -12.56 -11.75
C SER A 107 4.72 -13.11 -11.87
N PHE A 108 4.09 -12.94 -13.06
CA PHE A 108 2.78 -13.49 -13.36
C PHE A 108 2.49 -13.49 -14.86
N VAL A 109 1.78 -14.53 -15.32
CA VAL A 109 1.28 -14.65 -16.69
C VAL A 109 -0.11 -13.96 -16.66
N HIS A 110 -0.40 -13.06 -17.61
CA HIS A 110 -1.68 -12.34 -17.60
C HIS A 110 -2.80 -13.35 -17.90
N GLY A 111 -3.94 -13.21 -17.24
CA GLY A 111 -5.00 -14.20 -17.33
C GLY A 111 -6.36 -13.80 -17.82
N VAL A 112 -6.50 -12.57 -18.36
CA VAL A 112 -7.76 -12.10 -18.94
C VAL A 112 -7.57 -11.97 -20.48
N THR A 113 -8.52 -12.46 -21.34
CA THR A 113 -9.77 -13.15 -20.99
C THR A 113 -9.47 -14.63 -20.67
N VAL A 114 -8.36 -15.13 -21.20
CA VAL A 114 -7.80 -16.46 -20.99
C VAL A 114 -6.35 -16.28 -20.52
N LYS A 115 -5.65 -17.39 -20.18
CA LYS A 115 -4.23 -17.32 -19.85
C LYS A 115 -3.55 -16.81 -21.12
N ASN A 116 -2.75 -15.75 -20.99
CA ASN A 116 -2.07 -15.18 -22.14
C ASN A 116 -0.90 -16.10 -22.50
N ARG A 117 -1.24 -17.24 -23.14
CA ARG A 117 -0.33 -18.26 -23.63
C ARG A 117 -0.80 -18.77 -24.98
N MET A 118 0.15 -19.33 -25.73
CA MET A 118 -0.03 -19.78 -27.10
C MET A 118 0.78 -21.06 -27.40
N ILE A 119 0.13 -22.07 -28.03
CA ILE A 119 0.81 -23.30 -28.47
C ILE A 119 0.59 -23.45 -29.98
N ARG A 120 1.66 -23.55 -30.76
CA ARG A 120 1.61 -23.77 -32.20
C ARG A 120 2.47 -24.97 -32.55
N LEU A 121 1.84 -26.07 -32.97
CA LEU A 121 2.55 -27.28 -33.38
C LEU A 121 2.92 -27.25 -34.87
N HIS A 122 4.04 -27.87 -35.22
CA HIS A 122 4.52 -27.97 -36.60
C HIS A 122 4.62 -29.46 -36.99
N PRO A 123 4.34 -29.86 -38.28
CA PRO A 123 4.35 -31.29 -38.63
C PRO A 123 5.65 -32.01 -38.23
N ASP A 124 6.80 -31.32 -38.25
CA ASP A 124 8.08 -31.95 -37.89
C ASP A 124 8.20 -32.21 -36.35
N GLY A 125 7.25 -31.72 -35.54
CA GLY A 125 7.22 -31.91 -34.10
C GLY A 125 7.64 -30.72 -33.26
N THR A 126 8.03 -29.63 -33.93
CA THR A 126 8.45 -28.39 -33.26
C THR A 126 7.26 -27.72 -32.59
N VAL A 127 7.49 -27.18 -31.40
CA VAL A 127 6.50 -26.46 -30.62
C VAL A 127 6.94 -25.01 -30.50
N LEU A 128 6.00 -24.06 -30.71
CA LEU A 128 6.19 -22.62 -30.47
C LEU A 128 5.29 -22.31 -29.27
N TYR A 129 5.90 -21.94 -28.12
CA TYR A 129 5.20 -21.72 -26.86
C TYR A 129 5.34 -20.27 -26.40
N GLY A 130 4.23 -19.53 -26.37
CA GLY A 130 4.22 -18.12 -25.99
C GLY A 130 3.54 -17.83 -24.68
N LEU A 131 4.08 -16.89 -23.91
CA LEU A 131 3.52 -16.45 -22.63
C LEU A 131 3.67 -14.94 -22.44
N ARG A 132 2.63 -14.28 -21.90
CA ARG A 132 2.77 -12.86 -21.62
C ARG A 132 3.00 -12.70 -20.12
N ILE A 133 4.23 -12.32 -19.75
CA ILE A 133 4.67 -12.18 -18.36
C ILE A 133 4.94 -10.70 -17.97
N THR A 134 4.68 -10.37 -16.71
CA THR A 134 5.07 -9.13 -16.05
C THR A 134 6.03 -9.58 -14.97
N THR A 135 7.23 -9.01 -14.95
CA THR A 135 8.30 -9.38 -14.01
C THR A 135 8.86 -8.19 -13.28
N THR A 136 8.94 -8.29 -11.93
CA THR A 136 9.66 -7.37 -11.07
C THR A 136 10.96 -8.09 -10.79
N ALA A 137 12.05 -7.58 -11.37
CA ALA A 137 13.38 -8.14 -11.24
C ALA A 137 14.27 -7.18 -10.46
N ALA A 138 15.18 -7.76 -9.67
CA ALA A 138 16.16 -7.06 -8.85
C ALA A 138 17.19 -6.34 -9.74
N CYS A 139 17.49 -5.10 -9.34
CA CYS A 139 18.50 -4.27 -9.98
C CYS A 139 19.19 -3.47 -8.89
N MET A 140 20.30 -4.02 -8.35
CA MET A 140 21.14 -3.39 -7.35
C MET A 140 21.78 -2.16 -8.01
N MET A 141 21.61 -0.99 -7.38
CA MET A 141 22.04 0.26 -7.97
C MET A 141 23.12 0.99 -7.18
N ASP A 142 24.05 1.61 -7.93
CA ASP A 142 25.10 2.43 -7.38
C ASP A 142 24.65 3.87 -7.58
N LEU A 143 24.31 4.55 -6.49
CA LEU A 143 23.80 5.92 -6.56
C LEU A 143 24.87 6.93 -6.15
N ARG A 144 26.18 6.59 -6.26
CA ARG A 144 27.28 7.51 -5.91
C ARG A 144 27.28 8.74 -6.83
N ARG A 145 26.97 8.56 -8.10
CA ARG A 145 26.92 9.62 -9.10
C ARG A 145 25.50 10.15 -9.34
N TYR A 146 24.49 9.68 -8.56
CA TYR A 146 23.08 10.09 -8.67
C TYR A 146 22.96 11.58 -8.46
N PRO A 147 22.21 12.34 -9.30
CA PRO A 147 21.34 11.90 -10.40
C PRO A 147 21.97 11.89 -11.82
N LEU A 148 23.32 11.96 -11.90
CA LEU A 148 24.08 11.91 -13.17
C LEU A 148 24.71 10.52 -13.30
N ASP A 149 23.87 9.48 -13.14
CA ASP A 149 24.28 8.08 -13.11
C ASP A 149 23.68 7.28 -14.24
N GLU A 150 24.25 6.06 -14.44
CA GLU A 150 23.84 5.03 -15.38
C GLU A 150 23.68 3.74 -14.62
N GLN A 151 22.62 3.00 -14.87
CA GLN A 151 22.42 1.73 -14.18
C GLN A 151 22.36 0.59 -15.18
N ASN A 152 22.86 -0.59 -14.79
CA ASN A 152 22.79 -1.77 -15.64
C ASN A 152 21.80 -2.74 -15.00
N CYS A 153 20.66 -2.98 -15.67
CA CYS A 153 19.63 -3.90 -15.17
C CYS A 153 19.55 -5.10 -16.08
N THR A 154 19.42 -6.29 -15.49
CA THR A 154 19.39 -7.51 -16.30
C THR A 154 18.20 -8.40 -16.01
N LEU A 155 17.96 -9.37 -16.92
CA LEU A 155 16.97 -10.42 -16.78
C LEU A 155 17.72 -11.73 -16.99
N GLU A 156 17.85 -12.52 -15.92
CA GLU A 156 18.60 -13.78 -15.93
C GLU A 156 17.65 -14.94 -16.13
N ILE A 157 17.74 -15.59 -17.31
CA ILE A 157 16.90 -16.73 -17.72
C ILE A 157 17.66 -18.06 -17.48
N GLU A 158 17.06 -19.00 -16.74
CA GLU A 158 17.73 -20.29 -16.48
C GLU A 158 16.73 -21.47 -16.43
N SER A 159 17.24 -22.72 -16.50
CA SER A 159 16.47 -23.94 -16.32
C SER A 159 16.43 -24.24 -14.83
N TYR A 160 15.25 -24.56 -14.28
CA TYR A 160 15.19 -24.77 -12.84
C TYR A 160 15.79 -26.14 -12.40
N GLY A 161 15.43 -27.23 -13.07
CA GLY A 161 15.89 -28.55 -12.67
C GLY A 161 16.78 -29.31 -13.63
N TYR A 162 16.68 -29.01 -14.93
CA TYR A 162 17.46 -29.68 -15.95
C TYR A 162 18.84 -29.04 -16.12
N THR A 163 19.87 -29.88 -16.12
CA THR A 163 21.27 -29.49 -16.32
C THR A 163 21.56 -29.40 -17.83
N THR A 164 22.79 -28.96 -18.20
CA THR A 164 23.22 -28.81 -19.59
C THR A 164 23.23 -30.17 -20.36
N ASP A 165 23.13 -31.29 -19.63
CA ASP A 165 23.04 -32.64 -20.19
C ASP A 165 21.65 -32.91 -20.75
N ASP A 166 20.63 -32.19 -20.26
CA ASP A 166 19.23 -32.38 -20.67
C ASP A 166 18.66 -31.20 -21.44
N ILE A 167 19.06 -29.96 -21.10
CA ILE A 167 18.53 -28.76 -21.77
C ILE A 167 19.67 -27.82 -22.15
N GLU A 168 19.50 -27.18 -23.32
CA GLU A 168 20.39 -26.16 -23.88
C GLU A 168 19.53 -24.98 -24.31
N PHE A 169 19.94 -23.78 -23.93
CA PHE A 169 19.26 -22.53 -24.25
C PHE A 169 20.02 -21.77 -25.32
N TYR A 170 19.30 -21.03 -26.17
CA TYR A 170 19.90 -20.17 -27.17
C TYR A 170 18.95 -19.04 -27.55
N TRP A 171 19.51 -17.88 -27.93
CA TRP A 171 18.71 -16.74 -28.38
C TRP A 171 18.31 -17.01 -29.83
N ARG A 172 17.00 -17.22 -30.08
CA ARG A 172 16.50 -17.52 -31.44
C ARG A 172 16.40 -16.20 -32.24
N GLY A 173 17.38 -16.01 -33.11
CA GLY A 173 17.49 -14.82 -33.94
C GLY A 173 18.75 -14.03 -33.65
N GLY A 174 19.60 -14.58 -32.77
CA GLY A 174 20.86 -14.00 -32.34
C GLY A 174 20.69 -12.66 -31.66
N ASP A 175 21.40 -11.63 -32.17
CA ASP A 175 21.35 -10.27 -31.66
C ASP A 175 19.98 -9.64 -31.85
N LYS A 176 19.14 -10.18 -32.77
CA LYS A 176 17.80 -9.66 -33.03
C LYS A 176 16.68 -10.46 -32.28
N ALA A 177 17.06 -11.28 -31.28
CA ALA A 177 16.14 -12.12 -30.50
C ALA A 177 15.20 -11.31 -29.60
N VAL A 178 15.72 -10.21 -29.01
CA VAL A 178 14.92 -9.36 -28.12
C VAL A 178 14.56 -8.07 -28.88
N THR A 179 13.25 -7.76 -28.95
CA THR A 179 12.74 -6.60 -29.69
C THR A 179 11.93 -5.67 -28.78
N GLY A 180 11.62 -4.48 -29.26
CA GLY A 180 10.82 -3.52 -28.52
C GLY A 180 11.55 -2.61 -27.56
N VAL A 181 12.88 -2.79 -27.41
CA VAL A 181 13.79 -2.02 -26.55
C VAL A 181 13.82 -0.54 -26.98
N GLU A 182 13.72 -0.27 -28.30
CA GLU A 182 13.74 1.09 -28.85
C GLU A 182 12.38 1.79 -28.68
N ARG A 183 11.32 1.01 -28.43
CA ARG A 183 9.95 1.48 -28.23
C ARG A 183 9.66 1.76 -26.74
N ILE A 184 10.67 1.63 -25.86
CA ILE A 184 10.53 1.83 -24.42
C ILE A 184 10.40 3.31 -24.11
N GLU A 185 9.31 3.66 -23.39
CA GLU A 185 9.06 5.03 -23.02
C GLU A 185 9.14 5.17 -21.49
N LEU A 186 10.34 5.48 -21.01
CA LEU A 186 10.60 5.74 -19.59
C LEU A 186 10.75 7.27 -19.41
N PRO A 187 9.95 7.95 -18.56
CA PRO A 187 10.08 9.42 -18.45
C PRO A 187 11.39 9.90 -17.80
N GLN A 188 11.88 9.21 -16.77
CA GLN A 188 13.08 9.60 -16.04
C GLN A 188 14.35 8.88 -16.56
N PHE A 189 14.21 7.85 -17.41
CA PHE A 189 15.37 7.11 -17.94
C PHE A 189 15.36 6.96 -19.45
N SER A 190 16.53 6.68 -20.01
CA SER A 190 16.65 6.40 -21.44
C SER A 190 17.53 5.15 -21.65
N ILE A 191 17.00 4.13 -22.40
CA ILE A 191 17.77 2.92 -22.71
C ILE A 191 18.86 3.35 -23.69
N VAL A 192 20.11 3.28 -23.25
CA VAL A 192 21.27 3.70 -23.98
C VAL A 192 21.86 2.54 -24.81
N GLU A 193 21.73 1.29 -24.31
CA GLU A 193 22.23 0.07 -24.94
C GLU A 193 21.59 -1.18 -24.32
N HIS A 194 21.58 -2.31 -25.06
CA HIS A 194 21.10 -3.59 -24.55
C HIS A 194 21.97 -4.73 -25.11
N ARG A 195 22.26 -5.76 -24.29
CA ARG A 195 23.12 -6.88 -24.71
C ARG A 195 22.52 -8.26 -24.36
N LEU A 196 22.63 -9.23 -25.32
CA LEU A 196 22.19 -10.62 -25.14
C LEU A 196 23.41 -11.47 -24.86
N VAL A 197 23.32 -12.37 -23.88
CA VAL A 197 24.44 -13.23 -23.48
C VAL A 197 23.94 -14.67 -23.29
N SER A 198 24.75 -15.66 -23.71
CA SER A 198 24.53 -17.09 -23.56
C SER A 198 25.69 -17.69 -22.77
N ARG A 199 25.41 -18.45 -21.70
CA ARG A 199 26.41 -19.06 -20.83
C ARG A 199 25.98 -20.42 -20.35
N ASN A 200 26.84 -21.07 -19.54
CA ASN A 200 26.59 -22.33 -18.87
C ASN A 200 27.17 -22.17 -17.45
N VAL A 201 26.32 -21.78 -16.51
CA VAL A 201 26.71 -21.51 -15.12
C VAL A 201 26.82 -22.83 -14.35
N VAL A 202 27.99 -23.05 -13.71
CA VAL A 202 28.30 -24.27 -12.95
C VAL A 202 27.87 -24.11 -11.49
N PHE A 203 27.16 -25.12 -10.96
CA PHE A 203 26.68 -25.19 -9.58
C PHE A 203 26.96 -26.58 -8.98
N ALA A 204 26.60 -26.79 -7.70
CA ALA A 204 26.81 -28.06 -6.98
C ALA A 204 26.07 -29.21 -7.64
N THR A 205 24.82 -28.94 -8.11
CA THR A 205 23.93 -29.89 -8.78
C THR A 205 24.23 -30.03 -10.30
N GLY A 206 25.31 -29.37 -10.77
CA GLY A 206 25.78 -29.41 -12.15
C GLY A 206 25.79 -28.08 -12.88
N ALA A 207 26.09 -28.14 -14.19
CA ALA A 207 26.12 -26.97 -15.10
C ALA A 207 24.71 -26.69 -15.60
N TYR A 208 24.31 -25.42 -15.62
CA TYR A 208 22.97 -25.04 -16.06
C TYR A 208 23.00 -24.06 -17.23
N PRO A 209 22.07 -24.17 -18.22
CA PRO A 209 22.09 -23.21 -19.33
C PRO A 209 21.59 -21.83 -18.87
N ARG A 210 22.25 -20.75 -19.30
CA ARG A 210 21.77 -19.44 -18.90
C ARG A 210 21.74 -18.46 -20.05
N LEU A 211 20.62 -17.76 -20.18
CA LEU A 211 20.44 -16.67 -21.13
C LEU A 211 20.37 -15.39 -20.32
N SER A 212 20.98 -14.31 -20.82
CA SER A 212 21.01 -13.06 -20.07
C SER A 212 20.67 -11.86 -20.95
N LEU A 213 19.67 -11.06 -20.53
CA LEU A 213 19.28 -9.81 -21.21
C LEU A 213 19.71 -8.64 -20.33
N SER A 214 20.46 -7.68 -20.89
CA SER A 214 20.98 -6.52 -20.13
C SER A 214 20.58 -5.17 -20.73
N PHE A 215 20.31 -4.18 -19.88
CA PHE A 215 20.02 -2.81 -20.29
C PHE A 215 20.98 -1.85 -19.63
N ARG A 216 21.22 -0.69 -20.27
CA ARG A 216 22.00 0.40 -19.71
C ARG A 216 21.09 1.59 -19.69
N LEU A 217 20.60 1.92 -18.50
CA LEU A 217 19.66 3.02 -18.26
C LEU A 217 20.39 4.30 -17.90
N LYS A 218 20.08 5.39 -18.61
CA LYS A 218 20.69 6.69 -18.32
C LYS A 218 19.61 7.64 -17.79
N ARG A 219 19.82 8.17 -16.56
CA ARG A 219 18.89 9.08 -15.89
C ARG A 219 18.83 10.44 -16.56
N ASN A 220 17.62 11.02 -16.64
CA ASN A 220 17.38 12.35 -17.21
C ASN A 220 17.41 13.39 -16.07
N ILE A 221 18.39 14.30 -16.13
CA ILE A 221 18.70 15.34 -15.14
C ILE A 221 17.55 16.37 -14.93
N GLY A 222 16.70 16.56 -15.95
CA GLY A 222 15.61 17.53 -15.98
C GLY A 222 14.83 17.73 -14.69
N TYR A 223 14.27 16.64 -14.15
CA TYR A 223 13.48 16.67 -12.92
C TYR A 223 14.29 17.22 -11.74
N PHE A 224 15.53 16.76 -11.60
CA PHE A 224 16.44 17.14 -10.50
C PHE A 224 16.86 18.59 -10.59
N ILE A 225 17.04 19.13 -11.81
CA ILE A 225 17.39 20.54 -12.04
C ILE A 225 16.27 21.40 -11.48
N LEU A 226 15.04 21.03 -11.78
CA LEU A 226 13.85 21.73 -11.33
C LEU A 226 13.51 21.48 -9.86
N GLN A 227 13.77 20.26 -9.33
CA GLN A 227 13.38 19.96 -7.95
C GLN A 227 14.41 20.26 -6.89
N THR A 228 15.69 20.02 -7.18
CA THR A 228 16.73 20.18 -6.18
C THR A 228 17.74 21.22 -6.54
N TYR A 229 18.27 21.23 -7.78
CA TYR A 229 19.31 22.18 -8.16
C TYR A 229 18.83 23.63 -8.19
N MET A 230 17.74 23.98 -8.88
CA MET A 230 17.24 25.36 -8.92
C MET A 230 16.83 25.85 -7.52
N PRO A 231 16.08 25.08 -6.68
CA PRO A 231 15.78 25.56 -5.31
C PRO A 231 17.06 25.82 -4.47
N SER A 232 18.12 25.03 -4.65
CA SER A 232 19.41 25.27 -4.00
C SER A 232 20.02 26.61 -4.44
N ILE A 233 20.11 26.83 -5.77
CA ILE A 233 20.71 28.04 -6.33
C ILE A 233 19.95 29.26 -5.81
N LEU A 234 18.59 29.20 -5.83
CA LEU A 234 17.76 30.30 -5.37
C LEU A 234 17.93 30.60 -3.89
N ILE A 235 17.96 29.56 -3.02
CA ILE A 235 18.16 29.79 -1.58
C ILE A 235 19.54 30.44 -1.35
N THR A 236 20.58 30.03 -2.09
CA THR A 236 21.92 30.60 -1.96
C THR A 236 21.87 32.08 -2.42
N ILE A 237 21.20 32.35 -3.58
CA ILE A 237 21.04 33.73 -4.07
C ILE A 237 20.29 34.54 -2.99
N LEU A 238 19.24 33.94 -2.39
CA LEU A 238 18.49 34.59 -1.32
C LEU A 238 19.42 35.00 -0.16
N SER A 239 20.36 34.11 0.25
CA SER A 239 21.27 34.38 1.38
C SER A 239 22.16 35.62 1.16
N TRP A 240 22.35 36.05 -0.10
CA TRP A 240 23.20 37.19 -0.47
C TRP A 240 22.49 38.51 -0.35
N VAL A 241 21.13 38.51 -0.29
CA VAL A 241 20.34 39.73 -0.11
C VAL A 241 20.77 40.44 1.22
N SER A 242 21.18 39.64 2.25
CA SER A 242 21.61 40.13 3.54
C SER A 242 22.73 41.20 3.46
N PHE A 243 23.73 41.00 2.58
CA PHE A 243 24.89 41.89 2.40
C PHE A 243 24.51 43.30 1.93
N TRP A 244 23.30 43.43 1.35
CA TRP A 244 22.77 44.72 0.86
C TRP A 244 21.85 45.39 1.90
N ILE A 245 21.55 44.69 2.99
CA ILE A 245 20.70 45.22 4.05
C ILE A 245 21.60 45.81 5.17
N ASN A 246 21.19 46.97 5.73
CA ASN A 246 21.91 47.73 6.75
C ASN A 246 22.27 46.82 7.92
N TYR A 247 23.51 46.90 8.42
CA TYR A 247 23.96 46.04 9.51
C TYR A 247 23.26 46.35 10.83
N ASP A 248 22.52 47.48 10.89
CA ASP A 248 21.68 47.86 12.03
C ASP A 248 20.51 46.86 12.16
N ALA A 249 20.12 46.24 11.02
CA ALA A 249 19.01 45.30 10.90
C ALA A 249 19.42 43.88 11.37
N SER A 250 19.62 43.73 12.69
CA SER A 250 20.03 42.48 13.28
C SER A 250 19.01 41.35 13.03
N ALA A 251 17.69 41.56 13.35
CA ALA A 251 16.64 40.53 13.14
C ALA A 251 16.54 40.15 11.67
N ALA A 252 16.40 41.12 10.77
CA ALA A 252 16.28 40.91 9.32
C ALA A 252 17.45 40.09 8.80
N ARG A 253 18.68 40.50 9.12
CA ARG A 253 19.85 39.77 8.63
C ARG A 253 20.02 38.37 9.28
N VAL A 254 19.68 38.21 10.58
CA VAL A 254 19.76 36.90 11.23
C VAL A 254 18.60 36.02 10.66
N ALA A 255 17.39 36.61 10.42
CA ALA A 255 16.25 35.89 9.86
C ALA A 255 16.59 35.33 8.50
N LEU A 256 17.31 36.10 7.65
CA LEU A 256 17.75 35.60 6.34
C LEU A 256 18.74 34.45 6.50
N GLY A 257 19.66 34.56 7.47
CA GLY A 257 20.64 33.54 7.80
C GLY A 257 20.01 32.23 8.24
N ILE A 258 19.17 32.28 9.29
CA ILE A 258 18.46 31.12 9.83
C ILE A 258 17.64 30.44 8.72
N THR A 259 16.81 31.21 8.01
CA THR A 259 15.92 30.72 6.98
C THR A 259 16.67 29.93 5.89
N THR A 260 17.72 30.54 5.30
CA THR A 260 18.52 29.92 4.26
C THR A 260 19.32 28.71 4.81
N VAL A 261 19.85 28.79 6.06
CA VAL A 261 20.61 27.68 6.66
C VAL A 261 19.70 26.46 6.87
N LEU A 262 18.48 26.66 7.44
CA LEU A 262 17.57 25.55 7.69
C LEU A 262 17.00 24.99 6.42
N THR A 263 16.57 25.84 5.47
CA THR A 263 16.00 25.38 4.19
C THR A 263 17.00 24.44 3.45
N MET A 264 18.31 24.78 3.50
CA MET A 264 19.37 23.97 2.94
C MET A 264 19.43 22.59 3.56
N THR A 265 19.37 22.53 4.91
CA THR A 265 19.39 21.29 5.67
C THR A 265 18.20 20.41 5.25
N THR A 266 16.98 20.99 5.18
CA THR A 266 15.79 20.21 4.81
C THR A 266 15.87 19.73 3.33
N ILE A 267 16.44 20.52 2.38
CA ILE A 267 16.58 20.08 0.98
C ILE A 267 17.43 18.79 0.95
N ASN A 268 18.51 18.73 1.74
CA ASN A 268 19.39 17.56 1.78
C ASN A 268 18.73 16.39 2.51
N THR A 269 18.18 16.63 3.70
CA THR A 269 17.58 15.53 4.46
C THR A 269 16.34 14.95 3.76
N HIS A 270 15.56 15.81 3.09
CA HIS A 270 14.35 15.38 2.40
C HIS A 270 14.71 14.41 1.27
N LEU A 271 15.63 14.82 0.37
CA LEU A 271 16.09 14.02 -0.77
C LEU A 271 16.57 12.62 -0.32
N ARG A 272 17.32 12.55 0.80
CA ARG A 272 17.82 11.31 1.38
C ARG A 272 16.69 10.35 1.77
N GLU A 273 15.55 10.88 2.22
CA GLU A 273 14.40 10.07 2.62
C GLU A 273 13.61 9.52 1.39
N THR A 274 13.78 10.15 0.20
CA THR A 274 13.10 9.74 -1.04
C THR A 274 13.80 8.50 -1.68
N LEU A 275 15.01 8.18 -1.18
CA LEU A 275 15.87 7.10 -1.68
C LEU A 275 16.10 5.97 -0.63
N PRO A 276 16.67 4.78 -1.00
CA PRO A 276 16.93 3.74 0.03
C PRO A 276 18.09 4.17 0.95
N LYS A 277 18.10 3.69 2.21
CA LYS A 277 19.06 4.09 3.25
C LYS A 277 20.51 3.58 2.98
N ILE A 278 21.15 4.16 1.95
CA ILE A 278 22.53 3.90 1.55
C ILE A 278 23.47 4.64 2.52
N PRO A 279 24.66 4.09 2.84
CA PRO A 279 25.56 4.77 3.80
C PRO A 279 26.56 5.74 3.16
N TYR A 280 26.69 5.74 1.83
CA TYR A 280 27.62 6.60 1.12
C TYR A 280 27.01 7.96 0.75
N VAL A 281 27.87 8.86 0.20
CA VAL A 281 27.51 10.22 -0.22
C VAL A 281 27.38 10.27 -1.76
N LYS A 282 26.20 10.74 -2.22
CA LYS A 282 25.81 10.90 -3.64
C LYS A 282 26.36 12.20 -4.24
N ALA A 283 26.33 12.32 -5.58
CA ALA A 283 26.78 13.50 -6.35
C ALA A 283 26.01 14.75 -5.94
N ILE A 284 24.71 14.59 -5.74
CA ILE A 284 23.83 15.64 -5.35
C ILE A 284 24.15 16.09 -3.91
N ASP A 285 24.54 15.17 -3.00
CA ASP A 285 24.87 15.50 -1.61
C ASP A 285 26.08 16.41 -1.55
N MET A 286 27.04 16.22 -2.47
CA MET A 286 28.24 17.04 -2.54
C MET A 286 27.86 18.50 -2.87
N TYR A 287 26.92 18.68 -3.80
CA TYR A 287 26.42 19.97 -4.21
C TYR A 287 25.69 20.64 -3.07
N LEU A 288 24.74 19.92 -2.44
CA LEU A 288 23.93 20.44 -1.34
C LEU A 288 24.76 20.77 -0.10
N MET A 289 25.89 20.03 0.15
CA MET A 289 26.78 20.33 1.27
C MET A 289 27.54 21.60 0.99
N GLY A 290 27.93 21.80 -0.29
CA GLY A 290 28.60 23.02 -0.75
C GLY A 290 27.73 24.23 -0.50
N CYS A 291 26.45 24.16 -0.94
CA CYS A 291 25.45 25.20 -0.75
C CYS A 291 25.22 25.51 0.73
N PHE A 292 25.27 24.49 1.60
CA PHE A 292 25.14 24.68 3.05
C PHE A 292 26.29 25.55 3.56
N VAL A 293 27.53 25.26 3.11
CA VAL A 293 28.72 26.00 3.56
C VAL A 293 28.61 27.46 3.10
N PHE A 294 28.10 27.71 1.87
CA PHE A 294 27.90 29.07 1.35
C PHE A 294 26.81 29.84 2.12
N VAL A 295 25.71 29.15 2.52
CA VAL A 295 24.64 29.84 3.24
C VAL A 295 25.00 29.99 4.72
N PHE A 296 25.81 29.07 5.28
CA PHE A 296 26.25 29.20 6.68
C PHE A 296 27.28 30.35 6.81
N LEU A 297 28.16 30.51 5.80
CA LEU A 297 29.17 31.56 5.89
C LEU A 297 28.52 32.97 5.82
N ALA A 298 27.41 33.14 5.04
CA ALA A 298 26.72 34.44 4.97
C ALA A 298 26.21 34.82 6.33
N LEU A 299 25.73 33.85 7.12
CA LEU A 299 25.28 34.11 8.48
C LEU A 299 26.47 34.45 9.38
N LEU A 300 27.60 33.71 9.27
CA LEU A 300 28.82 34.00 10.04
C LEU A 300 29.36 35.37 9.67
N GLU A 301 29.22 35.74 8.38
CA GLU A 301 29.65 37.06 7.93
C GLU A 301 28.85 38.13 8.72
N TYR A 302 27.49 37.98 8.85
CA TYR A 302 26.70 38.95 9.61
C TYR A 302 27.09 38.93 11.09
N ALA A 303 27.30 37.74 11.65
CA ALA A 303 27.76 37.61 13.03
C ALA A 303 29.04 38.42 13.21
N PHE A 304 30.00 38.24 12.29
CA PHE A 304 31.28 38.96 12.33
C PHE A 304 31.09 40.51 12.21
N VAL A 305 30.30 40.97 11.22
CA VAL A 305 29.98 42.38 10.98
C VAL A 305 29.26 42.93 12.23
N ASN A 306 28.28 42.20 12.74
CA ASN A 306 27.52 42.59 13.93
C ASN A 306 28.43 42.73 15.15
N TYR A 307 29.45 41.87 15.25
CA TYR A 307 30.42 41.84 16.34
C TYR A 307 31.40 43.02 16.24
N ILE A 308 31.68 43.54 15.02
CA ILE A 308 32.70 44.61 14.84
C ILE A 308 32.19 46.03 14.44
N PHE A 309 30.94 46.22 13.95
CA PHE A 309 30.54 47.54 13.45
C PHE A 309 30.53 48.72 14.46
N PHE A 310 30.47 48.49 15.79
CA PHE A 310 30.51 49.64 16.70
C PHE A 310 31.90 50.30 16.72
N SER A 311 32.93 49.49 17.00
CA SER A 311 34.31 49.93 17.12
C SER A 311 34.97 50.16 15.76
N GLN A 312 34.56 49.39 14.72
CA GLN A 312 35.15 49.49 13.39
C GLN A 312 34.06 49.58 12.29
N PRO A 313 33.26 50.69 12.24
CA PRO A 313 32.20 50.79 11.22
C PRO A 313 32.70 50.71 9.77
N ALA A 314 33.84 51.35 9.47
CA ALA A 314 34.45 51.35 8.14
C ALA A 314 34.75 49.92 7.67
N ARG A 315 35.37 49.10 8.55
CA ARG A 315 35.76 47.71 8.31
C ARG A 315 34.54 46.88 8.04
N ALA A 316 33.51 47.03 8.91
CA ALA A 316 32.23 46.32 8.79
C ALA A 316 31.59 46.62 7.46
N ALA A 317 31.48 47.93 7.11
CA ALA A 317 30.92 48.36 5.83
C ALA A 317 31.70 47.69 4.66
N ALA A 318 33.05 47.65 4.74
CA ALA A 318 33.92 47.03 3.76
C ALA A 318 33.66 45.51 3.62
N ILE A 319 33.52 44.78 4.75
CA ILE A 319 33.27 43.34 4.71
C ILE A 319 31.96 43.06 3.97
N ASP A 320 30.89 43.88 4.20
CA ASP A 320 29.62 43.73 3.47
C ASP A 320 29.81 44.05 2.00
N ARG A 321 30.63 45.09 1.70
CA ARG A 321 30.94 45.52 0.33
C ARG A 321 31.62 44.40 -0.47
N TRP A 322 32.59 43.69 0.14
CA TRP A 322 33.34 42.61 -0.50
C TRP A 322 32.53 41.35 -0.64
N SER A 323 31.71 41.02 0.38
CA SER A 323 30.85 39.85 0.40
C SER A 323 29.91 39.86 -0.80
N ARG A 324 29.47 41.05 -1.22
CA ARG A 324 28.61 41.24 -2.37
C ARG A 324 29.21 40.74 -3.70
N ILE A 325 30.54 40.66 -3.80
CA ILE A 325 31.18 40.21 -5.04
C ILE A 325 31.86 38.84 -4.82
N VAL A 326 32.56 38.66 -3.67
CA VAL A 326 33.25 37.40 -3.36
C VAL A 326 32.27 36.21 -3.35
N PHE A 327 31.14 36.29 -2.59
CA PHE A 327 30.17 35.19 -2.52
C PHE A 327 29.63 34.77 -3.90
N PRO A 328 29.02 35.67 -4.73
CA PRO A 328 28.54 35.22 -6.07
C PRO A 328 29.65 34.64 -6.96
N PHE A 329 30.86 35.23 -6.88
CA PHE A 329 32.01 34.77 -7.66
C PHE A 329 32.41 33.34 -7.24
N THR A 330 32.59 33.10 -5.93
CA THR A 330 33.01 31.80 -5.40
C THR A 330 31.92 30.70 -5.67
N PHE A 331 30.63 31.09 -5.62
CA PHE A 331 29.55 30.15 -5.87
C PHE A 331 29.53 29.77 -7.36
N SER A 332 29.76 30.75 -8.26
CA SER A 332 29.86 30.48 -9.71
C SER A 332 31.03 29.55 -9.96
N LEU A 333 32.17 29.79 -9.27
CA LEU A 333 33.36 28.96 -9.35
C LEU A 333 33.10 27.54 -8.83
N PHE A 334 32.28 27.40 -7.75
CA PHE A 334 31.94 26.10 -7.19
C PHE A 334 31.09 25.30 -8.17
N ASN A 335 30.10 25.97 -8.80
CA ASN A 335 29.18 25.41 -9.80
C ASN A 335 29.95 24.90 -11.01
N LEU A 336 30.93 25.70 -11.46
CA LEU A 336 31.81 25.41 -12.58
C LEU A 336 32.69 24.19 -12.26
N VAL A 337 33.32 24.12 -11.07
CA VAL A 337 34.15 22.99 -10.67
C VAL A 337 33.31 21.71 -10.54
N TYR A 338 32.16 21.77 -9.84
CA TYR A 338 31.26 20.61 -9.64
C TYR A 338 30.74 20.04 -10.99
N TRP A 339 30.09 20.87 -11.83
CA TRP A 339 29.51 20.43 -13.08
C TRP A 339 30.56 19.92 -14.07
N LEU A 340 31.77 20.52 -14.10
CA LEU A 340 32.84 20.03 -14.98
C LEU A 340 33.35 18.69 -14.50
N TYR A 341 33.60 18.55 -13.18
CA TYR A 341 34.05 17.29 -12.58
C TYR A 341 33.04 16.15 -12.81
N TYR A 342 31.73 16.43 -12.66
CA TYR A 342 30.70 15.40 -12.83
C TYR A 342 30.30 15.13 -14.31
N VAL A 343 30.65 16.01 -15.26
CA VAL A 343 30.34 15.75 -16.68
C VAL A 343 31.66 15.63 -17.47
N SER B 13 -36.82 -33.40 -20.46
CA SER B 13 -35.96 -34.57 -20.68
C SER B 13 -35.26 -34.51 -22.06
N PHE B 14 -35.97 -33.98 -23.07
CA PHE B 14 -35.43 -33.84 -24.42
C PHE B 14 -34.31 -32.80 -24.44
N VAL B 15 -34.49 -31.67 -23.74
CA VAL B 15 -33.49 -30.60 -23.66
C VAL B 15 -32.25 -31.08 -22.88
N LYS B 16 -32.43 -32.04 -21.95
CA LYS B 16 -31.31 -32.60 -21.19
C LYS B 16 -30.43 -33.48 -22.09
N GLU B 17 -31.04 -34.37 -22.94
CA GLU B 17 -30.29 -35.24 -23.84
C GLU B 17 -29.64 -34.41 -24.97
N THR B 18 -30.22 -33.22 -25.29
CA THR B 18 -29.77 -32.31 -26.34
C THR B 18 -28.36 -31.76 -26.06
N VAL B 19 -28.18 -31.12 -24.89
CA VAL B 19 -26.93 -30.47 -24.44
C VAL B 19 -25.76 -31.49 -24.31
N ASP B 20 -26.10 -32.72 -23.83
CA ASP B 20 -25.14 -33.83 -23.68
C ASP B 20 -24.61 -34.28 -25.03
N LYS B 21 -25.48 -34.35 -26.05
CA LYS B 21 -25.12 -34.77 -27.40
C LYS B 21 -24.34 -33.68 -28.16
N LEU B 22 -24.39 -32.42 -27.68
CA LEU B 22 -23.68 -31.28 -28.25
C LEU B 22 -22.19 -31.37 -27.93
N LEU B 23 -21.87 -31.70 -26.66
CA LEU B 23 -20.50 -31.78 -26.19
C LEU B 23 -19.86 -33.17 -26.37
N LYS B 24 -20.64 -34.19 -26.82
CA LYS B 24 -20.10 -35.53 -27.06
C LYS B 24 -19.19 -35.50 -28.30
N GLY B 25 -17.93 -35.85 -28.13
CA GLY B 25 -16.94 -35.85 -29.21
C GLY B 25 -16.47 -34.48 -29.66
N TYR B 26 -16.75 -33.45 -28.84
CA TYR B 26 -16.35 -32.06 -29.08
C TYR B 26 -14.88 -31.89 -28.68
N ASP B 27 -14.04 -31.36 -29.59
CA ASP B 27 -12.63 -31.09 -29.28
C ASP B 27 -12.42 -29.60 -29.01
N ILE B 28 -12.21 -29.27 -27.74
CA ILE B 28 -12.01 -27.90 -27.25
C ILE B 28 -10.74 -27.24 -27.84
N ARG B 29 -9.74 -28.07 -28.21
CA ARG B 29 -8.44 -27.70 -28.78
C ARG B 29 -8.57 -27.02 -30.14
N LEU B 30 -9.63 -27.39 -30.87
CA LEU B 30 -9.92 -26.92 -32.22
C LEU B 30 -10.94 -25.81 -32.21
N ARG B 31 -10.58 -24.69 -32.87
CA ARG B 31 -11.46 -23.54 -33.03
C ARG B 31 -12.58 -23.87 -34.04
N PRO B 32 -13.76 -23.18 -34.01
CA PRO B 32 -14.81 -23.45 -35.02
C PRO B 32 -14.31 -23.22 -36.46
N ASP B 33 -14.63 -24.15 -37.37
CA ASP B 33 -14.18 -24.12 -38.79
C ASP B 33 -12.64 -24.31 -38.86
N PHE B 34 -12.08 -25.16 -37.97
CA PHE B 34 -10.66 -25.39 -37.77
C PHE B 34 -9.75 -25.31 -39.03
N GLY B 35 -10.07 -25.99 -40.10
CA GLY B 35 -9.15 -25.90 -41.24
C GLY B 35 -9.56 -24.95 -42.34
N GLY B 36 -10.67 -24.24 -42.14
CA GLY B 36 -11.24 -23.36 -43.16
C GLY B 36 -11.17 -21.88 -42.91
N PRO B 37 -12.22 -21.17 -43.36
CA PRO B 37 -12.24 -19.69 -43.19
C PRO B 37 -12.17 -19.26 -41.72
N PRO B 38 -11.63 -18.05 -41.43
CA PRO B 38 -11.50 -17.60 -40.03
C PRO B 38 -12.83 -17.46 -39.31
N VAL B 39 -12.86 -17.70 -37.98
CA VAL B 39 -14.05 -17.49 -37.16
C VAL B 39 -14.13 -15.98 -36.88
N CYS B 40 -15.32 -15.38 -37.06
CA CYS B 40 -15.51 -13.95 -36.85
C CYS B 40 -16.10 -13.67 -35.49
N VAL B 41 -15.27 -13.08 -34.61
CA VAL B 41 -15.73 -12.75 -33.28
C VAL B 41 -16.21 -11.28 -33.23
N GLY B 42 -17.44 -11.09 -32.74
CA GLY B 42 -18.09 -9.79 -32.62
C GLY B 42 -18.01 -9.30 -31.20
N MET B 43 -17.25 -8.22 -30.99
CA MET B 43 -17.04 -7.65 -29.66
C MET B 43 -17.97 -6.48 -29.41
N ASN B 44 -18.41 -6.39 -28.16
CA ASN B 44 -19.38 -5.47 -27.60
C ASN B 44 -18.94 -5.15 -26.16
N ILE B 45 -18.85 -3.84 -25.80
CA ILE B 45 -18.42 -3.44 -24.46
C ILE B 45 -19.43 -2.48 -23.83
N ASP B 46 -19.86 -2.76 -22.60
CA ASP B 46 -20.65 -1.85 -21.80
C ASP B 46 -19.73 -1.37 -20.67
N ILE B 47 -19.42 -0.06 -20.63
CA ILE B 47 -18.53 0.45 -19.61
C ILE B 47 -19.33 0.76 -18.33
N ALA B 48 -19.08 -0.04 -17.28
CA ALA B 48 -19.70 0.14 -15.98
C ALA B 48 -19.10 1.38 -15.29
N SER B 49 -17.77 1.61 -15.44
CA SER B 49 -17.11 2.75 -14.76
C SER B 49 -15.67 2.97 -15.15
N ILE B 50 -15.22 4.23 -14.98
CA ILE B 50 -13.81 4.59 -15.05
C ILE B 50 -13.53 4.93 -13.61
N ASP B 51 -13.10 3.91 -12.88
CA ASP B 51 -12.89 3.90 -11.43
C ASP B 51 -11.81 4.80 -11.03
N MET B 52 -10.79 5.04 -11.88
CA MET B 52 -9.64 5.86 -11.51
C MET B 52 -8.74 6.19 -12.71
N VAL B 53 -8.02 7.36 -12.62
CA VAL B 53 -7.07 7.86 -13.61
C VAL B 53 -5.84 8.33 -12.83
N SER B 54 -4.71 7.64 -12.98
CA SER B 54 -3.48 7.97 -12.26
C SER B 54 -2.42 8.55 -13.19
N GLU B 55 -1.90 9.75 -12.85
CA GLU B 55 -0.79 10.40 -13.56
C GLU B 55 0.51 9.77 -13.05
N VAL B 56 0.58 9.54 -11.73
CA VAL B 56 1.73 8.94 -11.04
C VAL B 56 2.10 7.60 -11.70
N ASN B 57 1.15 6.67 -11.86
CA ASN B 57 1.46 5.39 -12.49
C ASN B 57 1.04 5.38 -13.95
N MET B 58 0.73 6.55 -14.49
CA MET B 58 0.30 6.79 -15.87
C MET B 58 -0.54 5.63 -16.43
N ASP B 59 -1.69 5.40 -15.78
CA ASP B 59 -2.66 4.37 -16.12
C ASP B 59 -4.07 4.77 -15.69
N TYR B 60 -5.08 3.96 -16.05
CA TYR B 60 -6.48 4.19 -15.69
C TYR B 60 -7.16 2.82 -15.41
N THR B 61 -8.16 2.76 -14.53
CA THR B 61 -8.86 1.52 -14.24
C THR B 61 -10.25 1.65 -14.78
N LEU B 62 -10.71 0.57 -15.38
CA LEU B 62 -12.01 0.51 -16.04
C LEU B 62 -12.67 -0.83 -15.72
N THR B 63 -14.00 -0.82 -15.47
CA THR B 63 -14.80 -2.01 -15.19
C THR B 63 -15.85 -2.06 -16.25
N MET B 64 -16.01 -3.21 -16.88
CA MET B 64 -16.90 -3.36 -18.02
C MET B 64 -17.51 -4.75 -18.16
N TYR B 65 -18.56 -4.82 -19.00
CA TYR B 65 -19.22 -6.02 -19.44
C TYR B 65 -18.64 -6.28 -20.82
N PHE B 66 -17.80 -7.32 -20.94
CA PHE B 66 -17.13 -7.64 -22.18
C PHE B 66 -17.85 -8.79 -22.83
N GLN B 67 -18.49 -8.53 -23.99
CA GLN B 67 -19.28 -9.54 -24.68
C GLN B 67 -18.68 -9.90 -26.04
N GLN B 68 -18.57 -11.20 -26.30
CA GLN B 68 -18.04 -11.80 -27.52
C GLN B 68 -19.10 -12.69 -28.15
N TYR B 69 -19.19 -12.64 -29.50
CA TYR B 69 -20.16 -13.36 -30.30
C TYR B 69 -19.47 -14.06 -31.47
N TRP B 70 -19.69 -15.35 -31.59
CA TRP B 70 -19.14 -16.12 -32.71
C TRP B 70 -20.03 -17.33 -32.93
N ARG B 71 -19.92 -17.97 -34.11
CA ARG B 71 -20.72 -19.15 -34.40
C ARG B 71 -19.86 -20.39 -34.41
N ASP B 72 -20.31 -21.41 -33.65
CA ASP B 72 -19.68 -22.71 -33.56
C ASP B 72 -20.72 -23.74 -34.01
N LYS B 73 -20.64 -24.19 -35.29
CA LYS B 73 -21.62 -25.13 -35.85
C LYS B 73 -21.73 -26.42 -35.02
N ARG B 74 -20.65 -26.86 -34.34
CA ARG B 74 -20.62 -28.04 -33.46
C ARG B 74 -21.66 -27.92 -32.32
N LEU B 75 -22.12 -26.68 -32.02
CA LEU B 75 -23.05 -26.41 -30.93
C LEU B 75 -24.48 -26.08 -31.42
N ALA B 76 -24.81 -26.36 -32.70
CA ALA B 76 -26.15 -26.14 -33.21
C ALA B 76 -27.10 -27.23 -32.73
N TYR B 77 -28.37 -26.87 -32.43
CA TYR B 77 -29.40 -27.81 -31.96
C TYR B 77 -30.71 -27.60 -32.75
N SER B 78 -31.32 -28.73 -33.19
CA SER B 78 -32.47 -28.77 -34.08
C SER B 78 -33.85 -28.68 -33.43
N GLY B 79 -34.06 -29.41 -32.35
CA GLY B 79 -35.40 -29.50 -31.75
C GLY B 79 -35.99 -28.28 -31.10
N ILE B 80 -35.19 -27.63 -30.26
CA ILE B 80 -35.58 -26.53 -29.41
C ILE B 80 -35.66 -25.19 -30.17
N PRO B 81 -36.82 -24.49 -30.09
CA PRO B 81 -36.95 -23.17 -30.75
C PRO B 81 -36.67 -22.01 -29.76
N LEU B 82 -35.73 -22.25 -28.82
CA LEU B 82 -35.34 -21.30 -27.78
C LEU B 82 -33.83 -21.09 -27.70
N ASN B 83 -33.42 -19.96 -27.13
CA ASN B 83 -32.00 -19.67 -26.87
C ASN B 83 -31.67 -20.27 -25.51
N LEU B 84 -30.60 -21.06 -25.42
CA LEU B 84 -30.28 -21.75 -24.17
C LEU B 84 -29.26 -21.00 -23.27
N THR B 85 -29.69 -20.55 -22.08
CA THR B 85 -28.77 -19.92 -21.11
C THR B 85 -28.29 -21.03 -20.19
N LEU B 86 -27.04 -21.43 -20.37
CA LEU B 86 -26.44 -22.51 -19.60
C LEU B 86 -25.60 -21.95 -18.47
N ASP B 87 -25.48 -22.73 -17.36
CA ASP B 87 -24.67 -22.36 -16.19
C ASP B 87 -23.23 -22.08 -16.68
N ASN B 88 -22.67 -20.91 -16.31
CA ASN B 88 -21.36 -20.38 -16.73
C ASN B 88 -20.21 -21.40 -16.71
N ARG B 89 -20.26 -22.43 -15.85
CA ARG B 89 -19.22 -23.46 -15.78
C ARG B 89 -19.04 -24.23 -17.11
N VAL B 90 -20.05 -24.21 -18.02
CA VAL B 90 -20.01 -24.87 -19.33
C VAL B 90 -18.91 -24.22 -20.22
N ALA B 91 -18.57 -22.93 -19.99
CA ALA B 91 -17.52 -22.20 -20.71
C ALA B 91 -16.15 -22.94 -20.65
N ASP B 92 -15.93 -23.73 -19.58
CA ASP B 92 -14.69 -24.51 -19.39
C ASP B 92 -14.67 -25.72 -20.34
N GLN B 93 -15.83 -26.10 -20.91
CA GLN B 93 -15.99 -27.23 -21.81
C GLN B 93 -16.15 -26.81 -23.28
N LEU B 94 -16.10 -25.50 -23.55
CA LEU B 94 -16.25 -24.96 -24.90
C LEU B 94 -15.00 -24.25 -25.37
N TRP B 95 -14.83 -24.12 -26.69
CA TRP B 95 -13.76 -23.32 -27.25
C TRP B 95 -14.21 -21.89 -27.11
N VAL B 96 -13.31 -20.99 -26.72
CA VAL B 96 -13.54 -19.54 -26.58
C VAL B 96 -12.36 -18.79 -27.22
N PRO B 97 -12.58 -17.56 -27.76
CA PRO B 97 -11.45 -16.81 -28.33
C PRO B 97 -10.43 -16.46 -27.26
N ASP B 98 -9.14 -16.42 -27.64
CA ASP B 98 -8.04 -16.09 -26.72
C ASP B 98 -7.80 -14.55 -26.69
N THR B 99 -8.89 -13.80 -26.51
CA THR B 99 -8.92 -12.36 -26.48
C THR B 99 -8.19 -11.86 -25.23
N TYR B 100 -7.33 -10.85 -25.43
CA TYR B 100 -6.55 -10.24 -24.35
C TYR B 100 -6.39 -8.74 -24.61
N PHE B 101 -6.15 -7.95 -23.54
CA PHE B 101 -5.97 -6.49 -23.65
C PHE B 101 -4.48 -6.21 -23.65
N LEU B 102 -3.98 -5.89 -24.83
CA LEU B 102 -2.58 -5.67 -25.14
C LEU B 102 -1.88 -4.69 -24.18
N ASN B 103 -2.57 -3.59 -23.75
CA ASN B 103 -2.02 -2.55 -22.88
C ASN B 103 -2.51 -2.65 -21.41
N ASP B 104 -3.01 -3.81 -20.98
CA ASP B 104 -3.41 -3.92 -19.59
C ASP B 104 -2.15 -4.13 -18.74
N LYS B 105 -2.25 -3.77 -17.49
CA LYS B 105 -1.23 -3.90 -16.47
C LYS B 105 -1.61 -5.09 -15.56
N LYS B 106 -2.87 -5.11 -15.09
CA LYS B 106 -3.53 -6.17 -14.30
C LYS B 106 -5.02 -6.19 -14.67
N SER B 107 -5.61 -7.37 -14.71
CA SER B 107 -7.02 -7.51 -15.00
C SER B 107 -7.59 -8.68 -14.21
N PHE B 108 -8.92 -8.74 -14.07
CA PHE B 108 -9.60 -9.83 -13.38
C PHE B 108 -11.09 -9.86 -13.70
N VAL B 109 -11.64 -11.09 -13.77
CA VAL B 109 -13.06 -11.36 -13.91
C VAL B 109 -13.61 -11.43 -12.45
N HIS B 110 -14.73 -10.72 -12.18
CA HIS B 110 -15.28 -10.68 -10.82
C HIS B 110 -15.84 -12.07 -10.49
N GLY B 111 -15.63 -12.51 -9.25
CA GLY B 111 -15.95 -13.88 -8.85
C GLY B 111 -16.97 -14.12 -7.76
N VAL B 112 -17.67 -13.08 -7.32
CA VAL B 112 -18.72 -13.25 -6.31
C VAL B 112 -20.11 -12.97 -6.98
N THR B 113 -21.16 -13.82 -6.76
CA THR B 113 -21.17 -15.05 -5.94
C THR B 113 -20.54 -16.21 -6.74
N VAL B 114 -20.56 -16.09 -8.06
CA VAL B 114 -20.00 -17.01 -9.04
C VAL B 114 -19.07 -16.18 -9.95
N LYS B 115 -18.36 -16.85 -10.89
CA LYS B 115 -17.56 -16.13 -11.89
C LYS B 115 -18.56 -15.31 -12.70
N ASN B 116 -18.35 -13.98 -12.85
CA ASN B 116 -19.28 -13.11 -13.58
C ASN B 116 -19.06 -13.37 -15.07
N ARG B 117 -19.58 -14.51 -15.49
CA ARG B 117 -19.44 -15.16 -16.78
C ARG B 117 -20.82 -15.63 -17.25
N MET B 118 -21.07 -15.49 -18.56
CA MET B 118 -22.34 -15.85 -19.15
C MET B 118 -22.19 -16.57 -20.50
N ILE B 119 -22.89 -17.72 -20.66
CA ILE B 119 -22.93 -18.47 -21.92
C ILE B 119 -24.38 -18.58 -22.37
N ARG B 120 -24.69 -18.11 -23.60
CA ARG B 120 -26.01 -18.20 -24.19
C ARG B 120 -25.86 -18.81 -25.57
N LEU B 121 -26.40 -20.02 -25.74
CA LEU B 121 -26.36 -20.73 -27.02
C LEU B 121 -27.59 -20.41 -27.85
N HIS B 122 -27.43 -20.39 -29.17
CA HIS B 122 -28.50 -20.14 -30.12
C HIS B 122 -28.64 -21.37 -31.03
N PRO B 123 -29.87 -21.73 -31.50
CA PRO B 123 -30.03 -22.94 -32.33
C PRO B 123 -29.10 -23.01 -33.54
N ASP B 124 -28.76 -21.82 -34.09
CA ASP B 124 -27.83 -21.53 -35.17
C ASP B 124 -26.43 -22.12 -34.88
N GLY B 125 -26.05 -22.13 -33.61
CA GLY B 125 -24.73 -22.56 -33.14
C GLY B 125 -23.94 -21.37 -32.62
N THR B 126 -24.54 -20.14 -32.74
CA THR B 126 -23.95 -18.88 -32.26
C THR B 126 -23.85 -18.91 -30.74
N VAL B 127 -22.76 -18.37 -30.23
CA VAL B 127 -22.48 -18.29 -28.81
C VAL B 127 -22.40 -16.80 -28.42
N LEU B 128 -23.01 -16.45 -27.29
CA LEU B 128 -22.92 -15.12 -26.69
C LEU B 128 -22.16 -15.36 -25.38
N TYR B 129 -20.92 -14.84 -25.28
CA TYR B 129 -20.04 -15.05 -24.15
C TYR B 129 -19.74 -13.74 -23.43
N GLY B 130 -20.21 -13.62 -22.20
CA GLY B 130 -20.05 -12.42 -21.39
C GLY B 130 -19.13 -12.57 -20.21
N LEU B 131 -18.35 -11.51 -19.94
CA LEU B 131 -17.43 -11.45 -18.83
C LEU B 131 -17.43 -10.07 -18.19
N ARG B 132 -17.46 -9.99 -16.84
CA ARG B 132 -17.39 -8.70 -16.15
C ARG B 132 -15.92 -8.55 -15.67
N ILE B 133 -15.18 -7.67 -16.36
CA ILE B 133 -13.76 -7.48 -16.15
C ILE B 133 -13.43 -6.09 -15.57
N THR B 134 -12.47 -6.05 -14.62
CA THR B 134 -11.84 -4.82 -14.14
C THR B 134 -10.43 -4.88 -14.68
N THR B 135 -10.04 -3.84 -15.45
CA THR B 135 -8.76 -3.69 -16.13
C THR B 135 -8.05 -2.40 -15.76
N THR B 136 -6.77 -2.50 -15.38
CA THR B 136 -5.92 -1.35 -15.19
C THR B 136 -5.07 -1.31 -16.44
N ALA B 137 -5.36 -0.38 -17.33
CA ALA B 137 -4.65 -0.23 -18.59
C ALA B 137 -3.66 0.93 -18.50
N ALA B 138 -2.54 0.84 -19.23
CA ALA B 138 -1.53 1.89 -19.33
C ALA B 138 -2.02 3.02 -20.20
N CYS B 139 -1.70 4.24 -19.80
CA CYS B 139 -2.05 5.48 -20.51
C CYS B 139 -0.91 6.46 -20.30
N MET B 140 0.08 6.46 -21.24
CA MET B 140 1.21 7.37 -21.23
C MET B 140 0.66 8.78 -21.43
N MET B 141 1.02 9.71 -20.55
CA MET B 141 0.45 11.06 -20.58
C MET B 141 1.46 12.17 -20.84
N ASP B 142 1.01 13.17 -21.61
CA ASP B 142 1.78 14.38 -21.88
C ASP B 142 1.24 15.46 -20.95
N LEU B 143 2.04 15.83 -19.94
CA LEU B 143 1.62 16.81 -18.94
C LEU B 143 2.25 18.20 -19.19
N ARG B 144 2.66 18.52 -20.43
CA ARG B 144 3.23 19.83 -20.74
C ARG B 144 2.22 20.96 -20.52
N ARG B 145 0.95 20.72 -20.84
CA ARG B 145 -0.13 21.69 -20.70
C ARG B 145 -0.92 21.50 -19.36
N TYR B 146 -0.44 20.63 -18.45
CA TYR B 146 -1.08 20.37 -17.17
C TYR B 146 -1.24 21.66 -16.37
N PRO B 147 -2.41 21.96 -15.76
CA PRO B 147 -3.63 21.15 -15.65
C PRO B 147 -4.72 21.48 -16.70
N LEU B 148 -4.32 22.21 -17.77
CA LEU B 148 -5.22 22.56 -18.88
C LEU B 148 -4.92 21.62 -20.06
N ASP B 149 -4.98 20.30 -19.81
CA ASP B 149 -4.61 19.26 -20.76
C ASP B 149 -5.72 18.26 -21.05
N GLU B 150 -5.56 17.56 -22.19
CA GLU B 150 -6.41 16.51 -22.68
C GLU B 150 -5.58 15.26 -22.88
N GLN B 151 -6.09 14.12 -22.43
CA GLN B 151 -5.37 12.85 -22.53
C GLN B 151 -6.15 11.83 -23.34
N ASN B 152 -5.44 11.07 -24.16
CA ASN B 152 -6.04 10.04 -24.99
C ASN B 152 -5.66 8.69 -24.39
N CYS B 153 -6.66 7.97 -23.85
CA CYS B 153 -6.45 6.66 -23.26
C CYS B 153 -7.13 5.60 -24.09
N THR B 154 -6.46 4.48 -24.32
CA THR B 154 -7.03 3.43 -25.15
C THR B 154 -7.06 2.07 -24.47
N LEU B 155 -7.86 1.15 -25.05
CA LEU B 155 -7.95 -0.24 -24.68
C LEU B 155 -7.72 -1.04 -25.96
N GLU B 156 -6.58 -1.74 -26.02
CA GLU B 156 -6.15 -2.50 -27.20
C GLU B 156 -6.52 -3.95 -27.03
N ILE B 157 -7.49 -4.41 -27.85
CA ILE B 157 -8.02 -5.79 -27.83
C ILE B 157 -7.35 -6.60 -28.96
N GLU B 158 -6.76 -7.76 -28.63
CA GLU B 158 -6.13 -8.60 -29.66
C GLU B 158 -6.31 -10.12 -29.38
N SER B 159 -6.02 -10.96 -30.39
CA SER B 159 -5.99 -12.41 -30.26
C SER B 159 -4.57 -12.79 -29.80
N TYR B 160 -4.46 -13.66 -28.79
CA TYR B 160 -3.13 -13.97 -28.30
C TYR B 160 -2.34 -14.92 -29.24
N GLY B 161 -2.96 -16.01 -29.70
CA GLY B 161 -2.27 -17.00 -30.52
C GLY B 161 -2.73 -17.18 -31.94
N TYR B 162 -4.01 -16.87 -32.21
CA TYR B 162 -4.57 -17.03 -33.55
C TYR B 162 -4.31 -15.83 -34.43
N THR B 163 -3.84 -16.09 -35.65
CA THR B 163 -3.57 -15.08 -36.68
C THR B 163 -4.87 -14.76 -37.44
N THR B 164 -4.81 -13.78 -38.36
CA THR B 164 -5.95 -13.34 -39.17
C THR B 164 -6.51 -14.49 -40.08
N ASP B 165 -5.73 -15.58 -40.25
CA ASP B 165 -6.10 -16.77 -41.00
C ASP B 165 -7.09 -17.61 -40.23
N ASP B 166 -7.11 -17.49 -38.87
CA ASP B 166 -7.96 -18.28 -37.99
C ASP B 166 -9.02 -17.46 -37.29
N ILE B 167 -8.72 -16.20 -36.91
CA ILE B 167 -9.67 -15.33 -36.19
C ILE B 167 -9.73 -13.95 -36.82
N GLU B 168 -10.94 -13.38 -36.85
CA GLU B 168 -11.24 -12.03 -37.31
C GLU B 168 -12.10 -11.37 -36.25
N PHE B 169 -11.74 -10.14 -35.87
CA PHE B 169 -12.45 -9.35 -34.86
C PHE B 169 -13.26 -8.24 -35.53
N TYR B 170 -14.41 -7.89 -34.95
CA TYR B 170 -15.23 -6.79 -35.43
C TYR B 170 -16.07 -6.21 -34.30
N TRP B 171 -16.36 -4.91 -34.36
CA TRP B 171 -17.21 -4.23 -33.38
C TRP B 171 -18.66 -4.57 -33.75
N ARG B 172 -19.36 -5.33 -32.87
CA ARG B 172 -20.73 -5.74 -33.11
C ARG B 172 -21.67 -4.57 -32.75
N GLY B 173 -22.14 -3.90 -33.79
CA GLY B 173 -23.03 -2.76 -33.70
C GLY B 173 -22.38 -1.49 -34.24
N GLY B 174 -21.17 -1.63 -34.80
CA GLY B 174 -20.39 -0.56 -35.39
C GLY B 174 -20.01 0.50 -34.38
N ASP B 175 -20.35 1.76 -34.68
CA ASP B 175 -20.07 2.91 -33.82
C ASP B 175 -20.83 2.84 -32.50
N LYS B 176 -21.91 2.03 -32.43
CA LYS B 176 -22.73 1.87 -31.23
C LYS B 176 -22.38 0.58 -30.43
N ALA B 177 -21.20 -0.03 -30.70
CA ALA B 177 -20.72 -1.24 -30.03
C ALA B 177 -20.33 -1.00 -28.55
N VAL B 178 -19.75 0.17 -28.22
CA VAL B 178 -19.34 0.51 -26.86
C VAL B 178 -20.38 1.48 -26.27
N THR B 179 -20.98 1.11 -25.12
CA THR B 179 -22.01 1.87 -24.43
C THR B 179 -21.58 2.22 -23.00
N GLY B 180 -22.24 3.23 -22.42
CA GLY B 180 -22.01 3.66 -21.05
C GLY B 180 -20.91 4.69 -20.85
N VAL B 181 -20.33 5.20 -21.95
CA VAL B 181 -19.24 6.20 -21.93
C VAL B 181 -19.81 7.55 -21.51
N GLU B 182 -21.09 7.82 -21.83
CA GLU B 182 -21.74 9.09 -21.51
C GLU B 182 -22.17 9.16 -20.02
N ARG B 183 -22.35 8.01 -19.36
CA ARG B 183 -22.74 7.97 -17.95
C ARG B 183 -21.51 7.80 -17.02
N ILE B 184 -20.29 8.03 -17.54
CA ILE B 184 -19.04 7.98 -16.77
C ILE B 184 -18.99 9.20 -15.84
N GLU B 185 -18.77 8.94 -14.53
CA GLU B 185 -18.72 9.94 -13.47
C GLU B 185 -17.30 10.14 -12.93
N LEU B 186 -16.44 10.83 -13.68
CA LEU B 186 -15.09 11.14 -13.21
C LEU B 186 -15.09 12.55 -12.58
N PRO B 187 -14.67 12.73 -11.30
CA PRO B 187 -14.75 14.08 -10.71
C PRO B 187 -13.75 15.08 -11.29
N GLN B 188 -12.52 14.65 -11.61
CA GLN B 188 -11.47 15.51 -12.14
C GLN B 188 -11.41 15.51 -13.69
N PHE B 189 -12.11 14.59 -14.35
CA PHE B 189 -12.09 14.51 -15.82
C PHE B 189 -13.46 14.44 -16.45
N SER B 190 -13.52 14.77 -17.75
CA SER B 190 -14.75 14.67 -18.51
C SER B 190 -14.46 14.00 -19.86
N ILE B 191 -15.16 12.87 -20.19
CA ILE B 191 -14.97 12.19 -21.48
C ILE B 191 -15.55 13.12 -22.55
N VAL B 192 -14.68 13.64 -23.40
CA VAL B 192 -15.03 14.59 -24.43
C VAL B 192 -15.41 13.87 -25.76
N GLU B 193 -14.82 12.68 -26.02
CA GLU B 193 -15.00 11.89 -27.22
C GLU B 193 -14.47 10.46 -27.02
N HIS B 194 -14.98 9.52 -27.81
CA HIS B 194 -14.49 8.14 -27.82
C HIS B 194 -14.57 7.60 -29.26
N ARG B 195 -13.55 6.80 -29.69
CA ARG B 195 -13.48 6.27 -31.04
C ARG B 195 -13.19 4.74 -31.08
N LEU B 196 -13.90 4.03 -31.98
CA LEU B 196 -13.72 2.58 -32.19
C LEU B 196 -12.91 2.39 -33.46
N VAL B 197 -11.94 1.47 -33.43
CA VAL B 197 -11.04 1.21 -34.56
C VAL B 197 -10.88 -0.32 -34.75
N SER B 198 -10.84 -0.76 -36.01
CA SER B 198 -10.58 -2.15 -36.43
C SER B 198 -9.34 -2.16 -37.31
N ARG B 199 -8.38 -3.03 -37.01
CA ARG B 199 -7.12 -3.17 -37.76
C ARG B 199 -6.68 -4.62 -37.84
N ASN B 200 -5.55 -4.83 -38.52
CA ASN B 200 -4.87 -6.12 -38.64
C ASN B 200 -3.37 -5.80 -38.52
N VAL B 201 -2.85 -5.91 -37.31
CA VAL B 201 -1.47 -5.59 -36.98
C VAL B 201 -0.55 -6.75 -37.39
N VAL B 202 0.48 -6.44 -38.20
CA VAL B 202 1.44 -7.44 -38.72
C VAL B 202 2.61 -7.60 -37.75
N PHE B 203 2.98 -8.85 -37.44
CA PHE B 203 4.08 -9.25 -36.58
C PHE B 203 4.90 -10.38 -37.23
N ALA B 204 5.99 -10.84 -36.56
CA ALA B 204 6.86 -11.90 -37.05
C ALA B 204 6.11 -13.22 -37.22
N THR B 205 5.22 -13.53 -36.24
CA THR B 205 4.39 -14.73 -36.20
C THR B 205 3.11 -14.60 -37.08
N GLY B 206 2.98 -13.49 -37.82
CA GLY B 206 1.87 -13.21 -38.73
C GLY B 206 1.05 -11.98 -38.42
N ALA B 207 -0.05 -11.79 -39.15
CA ALA B 207 -0.99 -10.68 -38.98
C ALA B 207 -2.00 -11.06 -37.91
N TYR B 208 -2.31 -10.12 -37.00
CA TYR B 208 -3.25 -10.38 -35.91
C TYR B 208 -4.45 -9.42 -35.92
N PRO B 209 -5.67 -9.88 -35.58
CA PRO B 209 -6.82 -8.94 -35.57
C PRO B 209 -6.75 -8.00 -34.38
N ARG B 210 -7.02 -6.71 -34.59
CA ARG B 210 -7.01 -5.80 -33.46
C ARG B 210 -8.20 -4.86 -33.45
N LEU B 211 -8.86 -4.79 -32.29
CA LEU B 211 -9.91 -3.83 -32.01
C LEU B 211 -9.35 -2.79 -31.06
N SER B 212 -9.72 -1.53 -31.25
CA SER B 212 -9.17 -0.47 -30.43
C SER B 212 -10.25 0.49 -29.95
N LEU B 213 -10.33 0.70 -28.61
CA LEU B 213 -11.25 1.66 -27.99
C LEU B 213 -10.43 2.82 -27.47
N SER B 214 -10.77 4.08 -27.83
CA SER B 214 -10.06 5.27 -27.31
C SER B 214 -10.98 6.30 -26.67
N PHE B 215 -10.51 6.98 -25.63
CA PHE B 215 -11.21 8.06 -24.94
C PHE B 215 -10.39 9.28 -24.97
N ARG B 216 -11.02 10.45 -25.05
CA ARG B 216 -10.30 11.69 -24.88
C ARG B 216 -10.84 12.32 -23.61
N LEU B 217 -9.96 12.38 -22.58
CA LEU B 217 -10.23 12.93 -21.25
C LEU B 217 -9.87 14.42 -21.15
N LYS B 218 -10.77 15.27 -20.66
CA LYS B 218 -10.48 16.69 -20.45
C LYS B 218 -10.50 16.99 -18.95
N ARG B 219 -9.38 17.50 -18.42
CA ARG B 219 -9.20 17.81 -17.01
C ARG B 219 -10.03 19.02 -16.58
N ASN B 220 -10.61 18.95 -15.37
CA ASN B 220 -11.42 20.03 -14.78
C ASN B 220 -10.50 20.91 -13.90
N ILE B 221 -10.35 22.17 -14.31
CA ILE B 221 -9.47 23.18 -13.70
C ILE B 221 -9.81 23.51 -12.22
N GLY B 222 -11.08 23.32 -11.83
CA GLY B 222 -11.63 23.62 -10.51
C GLY B 222 -10.74 23.37 -9.32
N TYR B 223 -10.29 22.11 -9.18
CA TYR B 223 -9.41 21.69 -8.08
C TYR B 223 -8.11 22.51 -8.04
N PHE B 224 -7.49 22.70 -9.19
CA PHE B 224 -6.23 23.40 -9.34
C PHE B 224 -6.34 24.88 -9.04
N ILE B 225 -7.49 25.51 -9.38
CA ILE B 225 -7.76 26.93 -9.10
C ILE B 225 -7.74 27.11 -7.59
N LEU B 226 -8.39 26.20 -6.89
CA LEU B 226 -8.48 26.21 -5.43
C LEU B 226 -7.20 25.75 -4.74
N GLN B 227 -6.46 24.80 -5.30
CA GLN B 227 -5.27 24.26 -4.62
C GLN B 227 -3.99 24.95 -4.94
N THR B 228 -3.78 25.37 -6.20
CA THR B 228 -2.51 25.95 -6.60
C THR B 228 -2.64 27.39 -7.05
N TYR B 229 -3.60 27.72 -7.92
CA TYR B 229 -3.70 29.06 -8.47
C TYR B 229 -4.07 30.11 -7.42
N MET B 230 -5.15 29.93 -6.64
CA MET B 230 -5.53 30.90 -5.60
C MET B 230 -4.44 31.06 -4.52
N PRO B 231 -3.83 29.97 -3.96
CA PRO B 231 -2.73 30.18 -3.02
C PRO B 231 -1.55 30.98 -3.61
N SER B 232 -1.28 30.85 -4.92
CA SER B 232 -0.23 31.62 -5.58
C SER B 232 -0.57 33.09 -5.67
N ILE B 233 -1.84 33.41 -6.05
CA ILE B 233 -2.30 34.79 -6.20
C ILE B 233 -2.26 35.48 -4.84
N LEU B 234 -2.77 34.81 -3.78
CA LEU B 234 -2.78 35.36 -2.41
C LEU B 234 -1.36 35.60 -1.90
N ILE B 235 -0.42 34.61 -2.03
CA ILE B 235 0.99 34.78 -1.61
C ILE B 235 1.63 35.98 -2.37
N THR B 236 1.27 36.20 -3.66
CA THR B 236 1.77 37.35 -4.42
C THR B 236 1.13 38.68 -3.89
N ILE B 237 -0.18 38.67 -3.51
CA ILE B 237 -0.81 39.87 -2.94
C ILE B 237 -0.14 40.14 -1.57
N LEU B 238 0.04 39.08 -0.76
CA LEU B 238 0.68 39.21 0.53
C LEU B 238 2.05 39.96 0.42
N SER B 239 2.86 39.66 -0.64
CA SER B 239 4.15 40.28 -0.87
C SER B 239 4.07 41.80 -1.16
N TRP B 240 2.87 42.32 -1.54
CA TRP B 240 2.71 43.73 -1.89
C TRP B 240 2.40 44.57 -0.67
N VAL B 241 1.95 43.92 0.43
CA VAL B 241 1.67 44.61 1.70
C VAL B 241 2.96 45.37 2.17
N SER B 242 4.17 44.80 1.88
CA SER B 242 5.45 45.37 2.24
C SER B 242 5.64 46.85 1.76
N PHE B 243 5.20 47.18 0.53
CA PHE B 243 5.33 48.52 -0.06
C PHE B 243 4.56 49.62 0.70
N TRP B 244 3.57 49.22 1.51
CA TRP B 244 2.75 50.11 2.33
C TRP B 244 3.28 50.20 3.77
N ILE B 245 4.28 49.37 4.11
CA ILE B 245 4.89 49.38 5.45
C ILE B 245 6.17 50.28 5.41
N ASN B 246 6.38 51.07 6.48
CA ASN B 246 7.50 52.02 6.64
C ASN B 246 8.84 51.31 6.39
N TYR B 247 9.73 51.94 5.62
CA TYR B 247 11.02 51.34 5.28
C TYR B 247 11.94 51.22 6.51
N ASP B 248 11.57 51.86 7.62
CA ASP B 248 12.27 51.73 8.90
C ASP B 248 12.08 50.28 9.42
N ALA B 249 10.98 49.60 9.02
CA ALA B 249 10.59 48.28 9.44
C ALA B 249 11.37 47.18 8.67
N SER B 250 12.68 47.08 8.95
CA SER B 250 13.55 46.12 8.30
C SER B 250 13.10 44.66 8.54
N ALA B 251 12.88 44.22 9.81
CA ALA B 251 12.43 42.84 10.11
C ALA B 251 11.10 42.50 9.43
N ALA B 252 10.08 43.35 9.63
CA ALA B 252 8.74 43.20 9.06
C ALA B 252 8.81 43.04 7.53
N ARG B 253 9.52 43.97 6.86
CA ARG B 253 9.57 43.89 5.41
C ARG B 253 10.43 42.71 4.90
N VAL B 254 11.51 42.35 5.61
CA VAL B 254 12.32 41.17 5.21
C VAL B 254 11.50 39.88 5.52
N ALA B 255 10.75 39.85 6.66
CA ALA B 255 9.89 38.71 7.03
C ALA B 255 8.86 38.47 5.96
N LEU B 256 8.24 39.54 5.40
CA LEU B 256 7.26 39.35 4.32
C LEU B 256 7.94 38.78 3.08
N GLY B 257 9.15 39.28 2.76
CA GLY B 257 9.95 38.82 1.63
C GLY B 257 10.30 37.35 1.73
N ILE B 258 10.97 36.94 2.82
CA ILE B 258 11.36 35.56 3.07
C ILE B 258 10.14 34.63 2.99
N THR B 259 9.07 34.97 3.75
CA THR B 259 7.85 34.18 3.85
C THR B 259 7.24 33.90 2.46
N THR B 260 7.00 34.96 1.67
CA THR B 260 6.40 34.85 0.33
C THR B 260 7.37 34.15 -0.66
N VAL B 261 8.71 34.39 -0.55
CA VAL B 261 9.67 33.74 -1.44
C VAL B 261 9.73 32.22 -1.16
N LEU B 262 9.78 31.79 0.11
CA LEU B 262 9.84 30.37 0.44
C LEU B 262 8.54 29.67 0.16
N THR B 263 7.38 30.28 0.52
CA THR B 263 6.06 29.68 0.30
C THR B 263 5.87 29.35 -1.20
N MET B 264 6.33 30.26 -2.09
CA MET B 264 6.31 30.08 -3.53
C MET B 264 7.08 28.86 -3.95
N THR B 265 8.31 28.72 -3.42
CA THR B 265 9.18 27.59 -3.73
C THR B 265 8.49 26.27 -3.33
N THR B 266 7.91 26.19 -2.11
CA THR B 266 7.25 24.98 -1.64
C THR B 266 5.97 24.67 -2.48
N ILE B 267 5.19 25.69 -2.93
CA ILE B 267 4.00 25.45 -3.78
C ILE B 267 4.44 24.71 -5.07
N ASN B 268 5.57 25.14 -5.68
CA ASN B 268 6.09 24.54 -6.90
C ASN B 268 6.70 23.14 -6.62
N THR B 269 7.58 23.02 -5.60
CA THR B 269 8.20 21.73 -5.34
C THR B 269 7.20 20.68 -4.87
N HIS B 270 6.17 21.10 -4.09
CA HIS B 270 5.16 20.17 -3.59
C HIS B 270 4.40 19.56 -4.77
N LEU B 271 3.84 20.41 -5.65
CA LEU B 271 3.06 19.99 -6.82
C LEU B 271 3.85 18.96 -7.66
N ARG B 272 5.16 19.20 -7.88
CA ARG B 272 6.03 18.31 -8.63
C ARG B 272 6.11 16.89 -8.01
N GLU B 273 6.03 16.80 -6.67
CA GLU B 273 6.09 15.51 -5.96
C GLU B 273 4.75 14.74 -6.05
N THR B 274 3.62 15.43 -6.35
CA THR B 274 2.29 14.82 -6.46
C THR B 274 2.13 14.09 -7.82
N LEU B 275 3.08 14.35 -8.75
CA LEU B 275 3.07 13.85 -10.12
C LEU B 275 4.27 12.91 -10.42
N PRO B 276 4.30 12.15 -11.57
CA PRO B 276 5.49 11.31 -11.86
C PRO B 276 6.70 12.17 -12.28
N LYS B 277 7.92 11.67 -12.04
CA LYS B 277 9.17 12.39 -12.28
C LYS B 277 9.51 12.59 -13.79
N ILE B 278 8.71 13.47 -14.43
CA ILE B 278 8.88 13.92 -15.81
C ILE B 278 10.02 14.99 -15.85
N PRO B 279 10.82 15.06 -16.95
CA PRO B 279 11.93 16.02 -16.98
C PRO B 279 11.57 17.40 -17.55
N TYR B 280 10.40 17.54 -18.17
CA TYR B 280 9.97 18.79 -18.78
C TYR B 280 9.23 19.72 -17.81
N VAL B 281 8.91 20.95 -18.31
CA VAL B 281 8.23 22.01 -17.55
C VAL B 281 6.75 22.08 -18.00
N LYS B 282 5.84 21.96 -17.00
CA LYS B 282 4.37 21.99 -17.16
C LYS B 282 3.84 23.44 -17.24
N ALA B 283 2.56 23.60 -17.69
CA ALA B 283 1.87 24.90 -17.79
C ALA B 283 1.78 25.59 -16.42
N ILE B 284 1.50 24.82 -15.38
CA ILE B 284 1.41 25.33 -14.05
C ILE B 284 2.79 25.84 -13.57
N ASP B 285 3.91 25.17 -13.97
CA ASP B 285 5.27 25.58 -13.57
C ASP B 285 5.63 26.97 -14.10
N MET B 286 5.16 27.32 -15.33
CA MET B 286 5.42 28.64 -15.94
C MET B 286 4.71 29.75 -15.12
N TYR B 287 3.49 29.46 -14.64
CA TYR B 287 2.74 30.37 -13.80
C TYR B 287 3.47 30.57 -12.47
N LEU B 288 3.82 29.46 -11.79
CA LEU B 288 4.51 29.47 -10.49
C LEU B 288 5.93 30.10 -10.57
N MET B 289 6.65 29.93 -11.70
CA MET B 289 7.97 30.55 -11.81
C MET B 289 7.81 32.05 -11.94
N GLY B 290 6.72 32.47 -12.62
CA GLY B 290 6.35 33.87 -12.78
C GLY B 290 6.11 34.52 -11.42
N CYS B 291 5.27 33.86 -10.60
CA CYS B 291 4.96 34.28 -9.23
C CYS B 291 6.23 34.38 -8.37
N PHE B 292 7.17 33.43 -8.54
CA PHE B 292 8.43 33.47 -7.81
C PHE B 292 9.21 34.76 -8.17
N VAL B 293 9.27 35.11 -9.47
CA VAL B 293 9.99 36.31 -9.92
C VAL B 293 9.32 37.56 -9.31
N PHE B 294 7.97 37.58 -9.27
CA PHE B 294 7.25 38.71 -8.68
C PHE B 294 7.47 38.85 -7.17
N VAL B 295 7.55 37.70 -6.43
CA VAL B 295 7.77 37.78 -4.99
C VAL B 295 9.26 38.04 -4.67
N PHE B 296 10.17 37.54 -5.51
CA PHE B 296 11.59 37.77 -5.30
C PHE B 296 11.91 39.26 -5.57
N LEU B 297 11.26 39.86 -6.60
CA LEU B 297 11.50 41.26 -6.93
C LEU B 297 10.96 42.21 -5.83
N ALA B 298 9.84 41.85 -5.15
CA ALA B 298 9.32 42.65 -4.04
C ALA B 298 10.37 42.71 -2.94
N LEU B 299 11.05 41.57 -2.65
CA LEU B 299 12.10 41.55 -1.62
C LEU B 299 13.33 42.38 -2.04
N LEU B 300 13.79 42.25 -3.33
CA LEU B 300 14.90 43.01 -3.86
C LEU B 300 14.55 44.49 -3.81
N GLU B 301 13.24 44.81 -4.03
CA GLU B 301 12.81 46.20 -3.98
C GLU B 301 13.08 46.72 -2.56
N TYR B 302 12.71 45.93 -1.49
CA TYR B 302 12.98 46.39 -0.13
C TYR B 302 14.48 46.52 0.09
N ALA B 303 15.25 45.51 -0.34
CA ALA B 303 16.71 45.57 -0.25
C ALA B 303 17.24 46.89 -0.87
N PHE B 304 16.76 47.24 -2.07
CA PHE B 304 17.15 48.46 -2.76
C PHE B 304 16.74 49.74 -1.96
N VAL B 305 15.49 49.80 -1.47
CA VAL B 305 14.99 50.92 -0.66
C VAL B 305 15.79 51.00 0.64
N ASN B 306 16.05 49.86 1.30
CA ASN B 306 16.82 49.79 2.54
C ASN B 306 18.24 50.28 2.33
N TYR B 307 18.80 50.00 1.15
CA TYR B 307 20.16 50.37 0.75
C TYR B 307 20.29 51.87 0.48
N ILE B 308 19.20 52.56 0.05
CA ILE B 308 19.30 53.98 -0.33
C ILE B 308 18.57 55.00 0.58
N PHE B 309 17.57 54.60 1.41
CA PHE B 309 16.77 55.58 2.16
C PHE B 309 17.55 56.57 3.08
N PHE B 310 18.78 56.27 3.52
CA PHE B 310 19.50 57.26 4.34
C PHE B 310 19.92 58.48 3.52
N SER B 311 20.64 58.23 2.42
CA SER B 311 21.19 59.27 1.55
C SER B 311 20.13 59.87 0.60
N GLN B 312 19.13 59.06 0.22
CA GLN B 312 18.08 59.50 -0.71
C GLN B 312 16.68 59.12 -0.20
N PRO B 313 16.19 59.70 0.94
CA PRO B 313 14.85 59.33 1.45
C PRO B 313 13.70 59.57 0.46
N ALA B 314 13.73 60.69 -0.30
CA ALA B 314 12.71 61.03 -1.29
C ALA B 314 12.60 59.95 -2.37
N ARG B 315 13.75 59.47 -2.89
CA ARG B 315 13.84 58.45 -3.93
C ARG B 315 13.28 57.14 -3.39
N ALA B 316 13.70 56.76 -2.17
CA ALA B 316 13.24 55.55 -1.50
C ALA B 316 11.73 55.59 -1.36
N ALA B 317 11.18 56.69 -0.82
CA ALA B 317 9.73 56.89 -0.69
C ALA B 317 9.04 56.70 -2.05
N ALA B 318 9.61 57.29 -3.14
CA ALA B 318 9.11 57.19 -4.51
C ALA B 318 9.11 55.74 -5.03
N ILE B 319 10.20 55.00 -4.80
CA ILE B 319 10.29 53.61 -5.26
C ILE B 319 9.16 52.79 -4.61
N ASP B 320 8.86 53.01 -3.30
CA ASP B 320 7.76 52.31 -2.63
C ASP B 320 6.43 52.75 -3.21
N ARG B 321 6.30 54.06 -3.52
CA ARG B 321 5.09 54.65 -4.10
C ARG B 321 4.75 54.02 -5.43
N TRP B 322 5.76 53.84 -6.32
CA TRP B 322 5.59 53.28 -7.66
C TRP B 322 5.34 51.78 -7.63
N SER B 323 6.04 51.06 -6.72
CA SER B 323 5.91 49.63 -6.55
C SER B 323 4.48 49.25 -6.25
N ARG B 324 3.77 50.11 -5.52
CA ARG B 324 2.35 49.92 -5.16
C ARG B 324 1.43 49.84 -6.38
N ILE B 325 1.81 50.41 -7.52
CA ILE B 325 0.95 50.37 -8.69
C ILE B 325 1.59 49.48 -9.79
N VAL B 326 2.91 49.58 -10.03
CA VAL B 326 3.62 48.78 -11.03
C VAL B 326 3.44 47.29 -10.77
N PHE B 327 3.73 46.78 -9.55
CA PHE B 327 3.61 45.34 -9.23
C PHE B 327 2.18 44.81 -9.50
N PRO B 328 1.07 45.35 -8.90
CA PRO B 328 -0.26 44.79 -9.22
C PRO B 328 -0.61 44.86 -10.70
N PHE B 329 -0.20 45.94 -11.39
CA PHE B 329 -0.45 46.11 -12.81
C PHE B 329 0.26 45.03 -13.63
N THR B 330 1.57 44.83 -13.41
CA THR B 330 2.39 43.86 -14.13
C THR B 330 1.92 42.40 -13.85
N PHE B 331 1.45 42.13 -12.61
CA PHE B 331 0.96 40.80 -12.27
C PHE B 331 -0.36 40.53 -12.98
N SER B 332 -1.25 41.54 -13.07
CA SER B 332 -2.50 41.43 -13.82
C SER B 332 -2.19 41.18 -15.28
N LEU B 333 -1.19 41.91 -15.83
CA LEU B 333 -0.72 41.76 -17.20
C LEU B 333 -0.13 40.37 -17.46
N PHE B 334 0.61 39.80 -16.46
CA PHE B 334 1.21 38.47 -16.56
C PHE B 334 0.10 37.41 -16.62
N ASN B 335 -0.92 37.55 -15.75
CA ASN B 335 -2.06 36.62 -15.69
C ASN B 335 -2.84 36.64 -16.99
N LEU B 336 -3.06 37.84 -17.53
CA LEU B 336 -3.75 38.05 -18.79
C LEU B 336 -2.98 37.38 -19.94
N VAL B 337 -1.66 37.58 -20.03
CA VAL B 337 -0.83 36.97 -21.08
C VAL B 337 -0.82 35.43 -20.94
N TYR B 338 -0.58 34.92 -19.71
CA TYR B 338 -0.53 33.49 -19.42
C TYR B 338 -1.84 32.79 -19.84
N TRP B 339 -2.97 33.12 -19.21
CA TRP B 339 -4.29 32.52 -19.46
C TRP B 339 -4.73 32.65 -20.93
N LEU B 340 -4.49 33.81 -21.60
CA LEU B 340 -4.86 33.95 -23.02
C LEU B 340 -4.04 33.00 -23.87
N TYR B 341 -2.71 32.93 -23.63
CA TYR B 341 -1.81 32.01 -24.35
C TYR B 341 -2.21 30.54 -24.14
N TYR B 342 -2.58 30.14 -22.91
CA TYR B 342 -2.94 28.75 -22.62
C TYR B 342 -4.41 28.40 -22.91
N VAL B 343 -5.30 29.39 -23.19
CA VAL B 343 -6.69 29.08 -23.56
C VAL B 343 -6.91 29.59 -25.00
N SER C 13 -28.15 -45.71 7.20
CA SER C 13 -27.72 -46.26 5.91
C SER C 13 -28.64 -45.82 4.76
N PHE C 14 -29.94 -45.65 5.06
CA PHE C 14 -30.95 -45.22 4.11
C PHE C 14 -30.67 -43.77 3.67
N VAL C 15 -30.30 -42.89 4.62
CA VAL C 15 -30.01 -41.48 4.35
C VAL C 15 -28.75 -41.34 3.49
N LYS C 16 -27.76 -42.26 3.66
CA LYS C 16 -26.49 -42.28 2.90
C LYS C 16 -26.75 -42.48 1.39
N GLU C 17 -27.64 -43.43 1.06
CA GLU C 17 -27.98 -43.80 -0.31
C GLU C 17 -28.96 -42.80 -0.94
N THR C 18 -29.75 -42.09 -0.12
CA THR C 18 -30.71 -41.08 -0.58
C THR C 18 -29.97 -39.90 -1.28
N VAL C 19 -28.90 -39.38 -0.64
CA VAL C 19 -28.08 -38.23 -1.10
C VAL C 19 -27.28 -38.55 -2.40
N ASP C 20 -26.78 -39.80 -2.49
CA ASP C 20 -26.02 -40.30 -3.64
C ASP C 20 -26.92 -40.40 -4.87
N LYS C 21 -28.15 -40.90 -4.65
CA LYS C 21 -29.14 -41.04 -5.71
C LYS C 21 -29.75 -39.68 -6.06
N LEU C 22 -29.58 -38.65 -5.16
CA LEU C 22 -30.05 -37.28 -5.36
C LEU C 22 -29.37 -36.66 -6.54
N LEU C 23 -28.04 -36.80 -6.55
CA LEU C 23 -27.14 -36.23 -7.54
C LEU C 23 -26.90 -37.17 -8.72
N LYS C 24 -27.53 -38.37 -8.74
CA LYS C 24 -27.43 -39.34 -9.84
C LYS C 24 -28.04 -38.75 -11.12
N GLY C 25 -27.19 -38.57 -12.15
CA GLY C 25 -27.57 -38.05 -13.46
C GLY C 25 -27.96 -36.58 -13.48
N TYR C 26 -27.62 -35.82 -12.42
CA TYR C 26 -27.91 -34.41 -12.26
C TYR C 26 -26.99 -33.56 -13.15
N ASP C 27 -27.57 -32.63 -13.94
CA ASP C 27 -26.78 -31.73 -14.80
C ASP C 27 -26.76 -30.29 -14.20
N ILE C 28 -25.57 -29.84 -13.73
CA ILE C 28 -25.38 -28.50 -13.14
C ILE C 28 -25.61 -27.40 -14.18
N ARG C 29 -25.39 -27.69 -15.47
CA ARG C 29 -25.59 -26.79 -16.60
C ARG C 29 -27.02 -26.24 -16.71
N LEU C 30 -27.99 -27.09 -16.32
CA LEU C 30 -29.43 -26.84 -16.41
C LEU C 30 -30.01 -26.34 -15.08
N ARG C 31 -30.59 -25.10 -15.08
CA ARG C 31 -31.24 -24.49 -13.91
C ARG C 31 -32.53 -25.25 -13.55
N PRO C 32 -33.02 -25.21 -12.28
CA PRO C 32 -34.28 -25.90 -11.94
C PRO C 32 -35.46 -25.41 -12.78
N ASP C 33 -36.29 -26.34 -13.30
CA ASP C 33 -37.44 -26.05 -14.16
C ASP C 33 -36.94 -25.48 -15.51
N PHE C 34 -35.81 -26.01 -16.02
CA PHE C 34 -35.07 -25.57 -17.20
C PHE C 34 -35.93 -25.00 -18.38
N GLY C 35 -36.94 -25.71 -18.83
CA GLY C 35 -37.71 -25.18 -19.94
C GLY C 35 -39.00 -24.47 -19.59
N GLY C 36 -39.31 -24.40 -18.29
CA GLY C 36 -40.57 -23.85 -17.83
C GLY C 36 -40.53 -22.52 -17.11
N PRO C 37 -41.41 -22.37 -16.09
CA PRO C 37 -41.49 -21.10 -15.36
C PRO C 37 -40.17 -20.72 -14.68
N PRO C 38 -39.91 -19.40 -14.47
CA PRO C 38 -38.64 -18.99 -13.84
C PRO C 38 -38.48 -19.53 -12.44
N VAL C 39 -37.22 -19.76 -12.01
CA VAL C 39 -36.91 -20.21 -10.66
C VAL C 39 -36.91 -18.93 -9.79
N CYS C 40 -37.61 -18.97 -8.63
CA CYS C 40 -37.72 -17.81 -7.76
C CYS C 40 -36.72 -17.87 -6.65
N VAL C 41 -35.68 -17.03 -6.76
CA VAL C 41 -34.66 -17.00 -5.74
C VAL C 41 -35.04 -15.93 -4.69
N GLY C 42 -35.05 -16.34 -3.43
CA GLY C 42 -35.38 -15.49 -2.30
C GLY C 42 -34.10 -15.12 -1.57
N MET C 43 -33.78 -13.81 -1.57
CA MET C 43 -32.56 -13.28 -0.95
C MET C 43 -32.85 -12.68 0.42
N ASN C 44 -31.86 -12.78 1.31
CA ASN C 44 -31.97 -12.33 2.70
C ASN C 44 -30.53 -12.12 3.18
N ILE C 45 -30.24 -10.92 3.74
CA ILE C 45 -28.91 -10.46 4.13
C ILE C 45 -28.83 -10.10 5.62
N ASP C 46 -27.82 -10.63 6.33
CA ASP C 46 -27.55 -10.22 7.70
C ASP C 46 -26.24 -9.48 7.66
N ILE C 47 -26.27 -8.15 7.82
CA ILE C 47 -25.06 -7.34 7.74
C ILE C 47 -24.24 -7.47 9.02
N ALA C 48 -23.05 -8.09 8.90
CA ALA C 48 -22.13 -8.30 9.99
C ALA C 48 -21.48 -6.97 10.36
N SER C 49 -21.10 -6.16 9.33
CA SER C 49 -20.44 -4.89 9.58
C SER C 49 -20.29 -3.98 8.35
N ILE C 50 -20.05 -2.68 8.60
CA ILE C 50 -19.68 -1.72 7.58
C ILE C 50 -18.29 -1.31 8.04
N ASP C 51 -17.30 -2.03 7.56
CA ASP C 51 -15.89 -1.99 7.94
C ASP C 51 -15.24 -0.71 7.63
N MET C 52 -15.68 0.01 6.58
CA MET C 52 -15.06 1.27 6.17
C MET C 52 -15.90 2.03 5.14
N VAL C 53 -15.76 3.39 5.11
CA VAL C 53 -16.40 4.31 4.17
C VAL C 53 -15.30 5.25 3.68
N SER C 54 -14.93 5.18 2.39
CA SER C 54 -13.87 6.02 1.83
C SER C 54 -14.41 7.08 0.89
N GLU C 55 -14.08 8.36 1.16
CA GLU C 55 -14.43 9.49 0.28
C GLU C 55 -13.42 9.54 -0.86
N VAL C 56 -12.13 9.30 -0.53
CA VAL C 56 -11.01 9.28 -1.49
C VAL C 56 -11.32 8.31 -2.65
N ASN C 57 -11.66 7.04 -2.34
CA ASN C 57 -11.96 6.07 -3.40
C ASN C 57 -13.45 5.93 -3.60
N MET C 58 -14.23 6.86 -3.04
CA MET C 58 -15.69 6.94 -3.12
C MET C 58 -16.36 5.55 -3.17
N ASP C 59 -16.13 4.78 -2.11
CA ASP C 59 -16.66 3.43 -1.92
C ASP C 59 -16.80 3.10 -0.42
N TYR C 60 -17.41 1.94 -0.11
CA TYR C 60 -17.59 1.47 1.27
C TYR C 60 -17.41 -0.06 1.31
N THR C 61 -16.90 -0.61 2.44
CA THR C 61 -16.72 -2.06 2.55
C THR C 61 -17.73 -2.58 3.54
N LEU C 62 -18.32 -3.70 3.20
CA LEU C 62 -19.38 -4.31 3.97
C LEU C 62 -19.15 -5.83 4.04
N THR C 63 -19.37 -6.44 5.21
CA THR C 63 -19.28 -7.88 5.43
C THR C 63 -20.66 -8.38 5.81
N MET C 64 -21.11 -9.46 5.17
CA MET C 64 -22.46 -9.95 5.39
C MET C 64 -22.60 -11.45 5.21
N TYR C 65 -23.74 -11.97 5.69
CA TYR C 65 -24.21 -13.33 5.53
C TYR C 65 -25.24 -13.24 4.41
N PHE C 66 -24.89 -13.72 3.22
CA PHE C 66 -25.75 -13.64 2.05
C PHE C 66 -26.45 -14.98 1.86
N GLN C 67 -27.78 -14.97 2.04
CA GLN C 67 -28.57 -16.20 1.96
C GLN C 67 -29.53 -16.18 0.78
N GLN C 68 -29.53 -17.28 0.01
CA GLN C 68 -30.37 -17.49 -1.17
C GLN C 68 -31.21 -18.75 -0.97
N TYR C 69 -32.45 -18.70 -1.41
CA TYR C 69 -33.44 -19.75 -1.21
C TYR C 69 -34.22 -19.95 -2.51
N TRP C 70 -34.16 -21.19 -3.05
CA TRP C 70 -34.88 -21.57 -4.28
C TRP C 70 -35.24 -23.04 -4.21
N ARG C 71 -36.18 -23.49 -5.06
CA ARG C 71 -36.57 -24.91 -5.08
C ARG C 71 -36.02 -25.59 -6.33
N ASP C 72 -35.35 -26.74 -6.12
CA ASP C 72 -34.83 -27.59 -7.18
C ASP C 72 -35.49 -28.98 -7.03
N LYS C 73 -36.54 -29.28 -7.83
CA LYS C 73 -37.27 -30.54 -7.69
C LYS C 73 -36.36 -31.79 -7.82
N ARG C 74 -35.25 -31.68 -8.58
CA ARG C 74 -34.23 -32.72 -8.74
C ARG C 74 -33.60 -33.15 -7.41
N LEU C 75 -33.73 -32.29 -6.37
CA LEU C 75 -33.16 -32.51 -5.04
C LEU C 75 -34.21 -32.88 -3.97
N ALA C 76 -35.45 -33.26 -4.38
CA ALA C 76 -36.49 -33.66 -3.43
C ALA C 76 -36.21 -35.07 -2.93
N TYR C 77 -36.53 -35.35 -1.64
CA TYR C 77 -36.37 -36.69 -1.04
C TYR C 77 -37.63 -37.09 -0.25
N SER C 78 -38.09 -38.35 -0.45
CA SER C 78 -39.34 -38.89 0.07
C SER C 78 -39.31 -39.47 1.48
N GLY C 79 -38.31 -40.27 1.80
CA GLY C 79 -38.28 -41.00 3.06
C GLY C 79 -38.09 -40.23 4.34
N ILE C 80 -37.11 -39.33 4.35
CA ILE C 80 -36.67 -38.59 5.52
C ILE C 80 -37.60 -37.39 5.84
N PRO C 81 -38.09 -37.31 7.12
CA PRO C 81 -38.94 -36.18 7.54
C PRO C 81 -38.10 -35.08 8.23
N LEU C 82 -36.85 -34.90 7.78
CA LEU C 82 -35.90 -33.93 8.32
C LEU C 82 -35.28 -33.06 7.24
N ASN C 83 -34.77 -31.88 7.65
CA ASN C 83 -34.03 -30.98 6.77
C ASN C 83 -32.56 -31.42 6.80
N LEU C 84 -31.93 -31.62 5.64
CA LEU C 84 -30.57 -32.14 5.60
C LEU C 84 -29.48 -31.05 5.49
N THR C 85 -28.63 -30.92 6.53
CA THR C 85 -27.49 -29.99 6.47
C THR C 85 -26.29 -30.81 5.96
N LEU C 86 -25.92 -30.56 4.70
CA LEU C 86 -24.82 -31.27 4.06
C LEU C 86 -23.55 -30.44 4.09
N ASP C 87 -22.38 -31.13 4.07
CA ASP C 87 -21.05 -30.49 4.04
C ASP C 87 -20.99 -29.54 2.82
N ASN C 88 -20.60 -28.27 3.06
CA ASN C 88 -20.56 -27.16 2.10
C ASN C 88 -19.97 -27.51 0.71
N ARG C 89 -19.06 -28.48 0.63
CA ARG C 89 -18.44 -28.89 -0.63
C ARG C 89 -19.47 -29.40 -1.66
N VAL C 90 -20.69 -29.82 -1.22
CA VAL C 90 -21.77 -30.31 -2.08
C VAL C 90 -22.25 -29.18 -3.03
N ALA C 91 -22.10 -27.89 -2.62
CA ALA C 91 -22.46 -26.72 -3.43
C ALA C 91 -21.76 -26.70 -4.82
N ASP C 92 -20.58 -27.33 -4.91
CA ASP C 92 -19.81 -27.44 -6.15
C ASP C 92 -20.47 -28.46 -7.11
N GLN C 93 -21.37 -29.30 -6.59
CA GLN C 93 -22.06 -30.33 -7.37
C GLN C 93 -23.52 -29.95 -7.65
N LEU C 94 -23.95 -28.75 -7.25
CA LEU C 94 -25.32 -28.30 -7.44
C LEU C 94 -25.39 -27.08 -8.34
N TRP C 95 -26.56 -26.83 -8.95
CA TRP C 95 -26.79 -25.59 -9.68
C TRP C 95 -27.05 -24.53 -8.61
N VAL C 96 -26.49 -23.34 -8.78
CA VAL C 96 -26.69 -22.18 -7.90
C VAL C 96 -26.96 -20.93 -8.75
N PRO C 97 -27.75 -19.94 -8.26
CA PRO C 97 -27.99 -18.73 -9.05
C PRO C 97 -26.70 -17.96 -9.30
N ASP C 98 -26.58 -17.30 -10.47
CA ASP C 98 -25.40 -16.52 -10.85
C ASP C 98 -25.52 -15.07 -10.34
N THR C 99 -25.88 -14.94 -9.07
CA THR C 99 -26.07 -13.69 -8.36
C THR C 99 -24.73 -12.95 -8.25
N TYR C 100 -24.75 -11.65 -8.56
CA TYR C 100 -23.58 -10.80 -8.50
C TYR C 100 -23.99 -9.37 -8.04
N PHE C 101 -23.03 -8.60 -7.48
CA PHE C 101 -23.28 -7.23 -7.00
C PHE C 101 -22.82 -6.28 -8.07
N LEU C 102 -23.77 -5.71 -8.76
CA LEU C 102 -23.61 -4.84 -9.91
C LEU C 102 -22.62 -3.68 -9.68
N ASN C 103 -22.62 -3.06 -8.47
CA ASN C 103 -21.75 -1.92 -8.11
C ASN C 103 -20.53 -2.35 -7.24
N ASP C 104 -20.17 -3.60 -7.33
CA ASP C 104 -19.07 -4.22 -6.62
C ASP C 104 -17.71 -3.78 -7.24
N LYS C 105 -16.69 -3.49 -6.39
CA LYS C 105 -15.36 -3.15 -6.87
C LYS C 105 -14.46 -4.39 -6.74
N LYS C 106 -14.46 -5.03 -5.55
CA LYS C 106 -13.82 -6.28 -5.19
C LYS C 106 -14.65 -7.00 -4.15
N SER C 107 -14.77 -8.32 -4.28
CA SER C 107 -15.51 -9.10 -3.30
C SER C 107 -14.79 -10.41 -3.05
N PHE C 108 -15.13 -11.11 -1.93
CA PHE C 108 -14.59 -12.42 -1.61
C PHE C 108 -15.42 -13.12 -0.55
N VAL C 109 -15.50 -14.47 -0.68
CA VAL C 109 -16.12 -15.38 0.28
C VAL C 109 -14.98 -15.78 1.23
N HIS C 110 -15.21 -15.69 2.55
CA HIS C 110 -14.17 -16.00 3.53
C HIS C 110 -13.88 -17.51 3.47
N GLY C 111 -12.60 -17.89 3.57
CA GLY C 111 -12.19 -19.26 3.36
C GLY C 111 -11.50 -20.03 4.47
N VAL C 112 -11.45 -19.45 5.69
CA VAL C 112 -10.87 -20.14 6.83
C VAL C 112 -12.00 -20.48 7.85
N THR C 113 -12.09 -21.73 8.40
CA THR C 113 -11.19 -22.88 8.17
C THR C 113 -11.56 -23.59 6.85
N VAL C 114 -12.82 -23.41 6.44
CA VAL C 114 -13.41 -23.90 5.21
C VAL C 114 -14.02 -22.69 4.50
N LYS C 115 -14.57 -22.88 3.26
CA LYS C 115 -15.30 -21.84 2.56
C LYS C 115 -16.50 -21.52 3.44
N ASN C 116 -16.72 -20.25 3.79
CA ASN C 116 -17.82 -19.84 4.67
C ASN C 116 -19.09 -19.91 3.82
N ARG C 117 -19.55 -21.15 3.67
CA ARG C 117 -20.58 -21.65 2.79
C ARG C 117 -21.47 -22.62 3.52
N MET C 118 -22.78 -22.58 3.23
CA MET C 118 -23.75 -23.47 3.87
C MET C 118 -24.84 -23.98 2.89
N ILE C 119 -25.10 -25.31 2.89
CA ILE C 119 -26.15 -25.95 2.09
C ILE C 119 -27.11 -26.70 3.03
N ARG C 120 -28.41 -26.36 2.96
CA ARG C 120 -29.46 -27.02 3.74
C ARG C 120 -30.56 -27.42 2.79
N LEU C 121 -30.74 -28.74 2.61
CA LEU C 121 -31.79 -29.29 1.75
C LEU C 121 -33.07 -29.52 2.54
N HIS C 122 -34.22 -29.38 1.86
CA HIS C 122 -35.54 -29.60 2.45
C HIS C 122 -36.22 -30.70 1.64
N PRO C 123 -37.08 -31.58 2.24
CA PRO C 123 -37.69 -32.69 1.47
C PRO C 123 -38.40 -32.24 0.18
N ASP C 124 -38.97 -31.02 0.21
CA ASP C 124 -39.63 -30.30 -0.86
C ASP C 124 -38.72 -30.15 -2.11
N GLY C 125 -37.41 -30.07 -1.87
CA GLY C 125 -36.37 -29.85 -2.87
C GLY C 125 -35.85 -28.42 -2.75
N THR C 126 -36.20 -27.73 -1.64
CA THR C 126 -35.77 -26.36 -1.43
C THR C 126 -34.37 -26.33 -0.87
N VAL C 127 -33.57 -25.41 -1.40
CA VAL C 127 -32.18 -25.20 -1.05
C VAL C 127 -32.03 -23.85 -0.31
N LEU C 128 -31.39 -23.91 0.86
CA LEU C 128 -30.97 -22.74 1.61
C LEU C 128 -29.45 -22.66 1.41
N TYR C 129 -28.97 -21.64 0.69
CA TYR C 129 -27.56 -21.46 0.35
C TYR C 129 -26.98 -20.20 0.98
N GLY C 130 -26.02 -20.37 1.90
CA GLY C 130 -25.42 -19.27 2.62
C GLY C 130 -23.97 -19.03 2.27
N LEU C 131 -23.57 -17.74 2.21
CA LEU C 131 -22.20 -17.30 1.92
C LEU C 131 -21.83 -16.10 2.77
N ARG C 132 -20.60 -16.10 3.35
CA ARG C 132 -20.12 -14.94 4.12
C ARG C 132 -19.17 -14.15 3.20
N ILE C 133 -19.67 -13.00 2.73
CA ILE C 133 -18.98 -12.18 1.73
C ILE C 133 -18.55 -10.83 2.30
N THR C 134 -17.33 -10.39 1.93
CA THR C 134 -16.84 -9.03 2.16
C THR C 134 -16.82 -8.39 0.78
N THR C 135 -17.54 -7.27 0.63
CA THR C 135 -17.70 -6.51 -0.61
C THR C 135 -17.29 -5.07 -0.45
N THR C 136 -16.45 -4.58 -1.38
CA THR C 136 -16.15 -3.15 -1.47
C THR C 136 -17.02 -2.67 -2.61
N ALA C 137 -18.06 -1.91 -2.30
CA ALA C 137 -18.99 -1.39 -3.29
C ALA C 137 -18.75 0.10 -3.52
N ALA C 138 -19.00 0.56 -4.76
CA ALA C 138 -18.88 1.95 -5.15
C ALA C 138 -20.02 2.75 -4.58
N CYS C 139 -19.71 3.98 -4.15
CA CYS C 139 -20.66 4.93 -3.58
C CYS C 139 -20.19 6.30 -3.97
N MET C 140 -20.70 6.80 -5.13
CA MET C 140 -20.40 8.15 -5.64
C MET C 140 -20.99 9.15 -4.63
N MET C 141 -20.16 10.07 -4.16
CA MET C 141 -20.57 10.99 -3.11
C MET C 141 -20.60 12.46 -3.51
N ASP C 142 -21.59 13.18 -2.97
CA ASP C 142 -21.69 14.61 -3.16
C ASP C 142 -21.18 15.24 -1.87
N LEU C 143 -20.00 15.89 -1.95
CA LEU C 143 -19.38 16.48 -0.77
C LEU C 143 -19.56 18.00 -0.71
N ARG C 144 -20.60 18.56 -1.37
CA ARG C 144 -20.85 20.00 -1.33
C ARG C 144 -21.15 20.49 0.10
N ARG C 145 -21.87 19.71 0.89
CA ARG C 145 -22.27 20.05 2.26
C ARG C 145 -21.31 19.43 3.32
N TYR C 146 -20.16 18.86 2.92
CA TYR C 146 -19.17 18.22 3.80
C TYR C 146 -18.62 19.24 4.79
N PRO C 147 -18.52 18.91 6.11
CA PRO C 147 -18.79 17.61 6.75
C PRO C 147 -20.21 17.48 7.37
N LEU C 148 -21.16 18.36 6.98
CA LEU C 148 -22.56 18.27 7.42
C LEU C 148 -23.38 17.60 6.28
N ASP C 149 -22.84 16.53 5.69
CA ASP C 149 -23.42 15.84 4.53
C ASP C 149 -24.02 14.49 4.87
N GLU C 150 -24.95 14.05 3.99
CA GLU C 150 -25.63 12.76 4.04
C GLU C 150 -25.43 12.06 2.71
N GLN C 151 -24.99 10.82 2.78
CA GLN C 151 -24.69 10.03 1.59
C GLN C 151 -25.57 8.78 1.52
N ASN C 152 -26.07 8.47 0.32
CA ASN C 152 -26.90 7.30 0.07
C ASN C 152 -26.02 6.26 -0.62
N CYS C 153 -25.76 5.13 0.08
CA CYS C 153 -24.96 4.05 -0.46
C CYS C 153 -25.83 2.81 -0.68
N THR C 154 -25.65 2.15 -1.84
CA THR C 154 -26.48 1.00 -2.16
C THR C 154 -25.68 -0.24 -2.49
N LEU C 155 -26.36 -1.38 -2.50
CA LEU C 155 -25.87 -2.67 -2.94
C LEU C 155 -26.84 -3.19 -3.98
N GLU C 156 -26.37 -3.24 -5.24
CA GLU C 156 -27.19 -3.66 -6.38
C GLU C 156 -26.97 -5.13 -6.68
N ILE C 157 -27.98 -5.97 -6.41
CA ILE C 157 -27.93 -7.44 -6.61
C ILE C 157 -28.63 -7.82 -7.92
N GLU C 158 -27.96 -8.55 -8.82
CA GLU C 158 -28.56 -8.93 -10.11
C GLU C 158 -28.14 -10.36 -10.57
N SER C 159 -28.84 -10.93 -11.57
CA SER C 159 -28.49 -12.18 -12.22
C SER C 159 -27.50 -11.86 -13.32
N TYR C 160 -26.40 -12.62 -13.43
CA TYR C 160 -25.43 -12.27 -14.45
C TYR C 160 -25.86 -12.68 -15.89
N GLY C 161 -26.34 -13.91 -16.05
CA GLY C 161 -26.71 -14.40 -17.37
C GLY C 161 -28.16 -14.72 -17.63
N TYR C 162 -28.92 -15.06 -16.58
CA TYR C 162 -30.31 -15.42 -16.70
C TYR C 162 -31.22 -14.21 -16.70
N THR C 163 -32.15 -14.16 -17.65
CA THR C 163 -33.16 -13.10 -17.81
C THR C 163 -34.36 -13.42 -16.91
N THR C 164 -35.35 -12.50 -16.86
CA THR C 164 -36.59 -12.63 -16.05
C THR C 164 -37.43 -13.85 -16.48
N ASP C 165 -37.14 -14.43 -17.67
CA ASP C 165 -37.80 -15.62 -18.18
C ASP C 165 -37.29 -16.88 -17.47
N ASP C 166 -36.07 -16.83 -16.90
CA ASP C 166 -35.44 -17.97 -16.24
C ASP C 166 -35.29 -17.78 -14.74
N ILE C 167 -35.01 -16.54 -14.27
CA ILE C 167 -34.82 -16.27 -12.84
C ILE C 167 -35.64 -15.06 -12.40
N GLU C 168 -36.19 -15.13 -11.18
CA GLU C 168 -36.93 -14.06 -10.50
C GLU C 168 -36.37 -13.92 -9.11
N PHE C 169 -36.08 -12.68 -8.70
CA PHE C 169 -35.52 -12.35 -7.38
C PHE C 169 -36.58 -11.70 -6.51
N TYR C 170 -36.50 -11.95 -5.20
CA TYR C 170 -37.38 -11.33 -4.21
C TYR C 170 -36.70 -11.30 -2.85
N TRP C 171 -37.06 -10.30 -2.03
CA TRP C 171 -36.55 -10.17 -0.67
C TRP C 171 -37.35 -11.14 0.21
N ARG C 172 -36.67 -12.18 0.74
CA ARG C 172 -37.33 -13.18 1.58
C ARG C 172 -37.49 -12.64 3.01
N GLY C 173 -38.70 -12.21 3.30
CA GLY C 173 -39.06 -11.63 4.58
C GLY C 173 -39.55 -10.21 4.43
N GLY C 174 -39.64 -9.74 3.18
CA GLY C 174 -40.11 -8.40 2.83
C GLY C 174 -39.22 -7.32 3.38
N ASP C 175 -39.79 -6.36 4.11
CA ASP C 175 -39.06 -5.25 4.68
C ASP C 175 -38.09 -5.71 5.81
N LYS C 176 -38.30 -6.93 6.34
CA LYS C 176 -37.45 -7.50 7.39
C LYS C 176 -36.38 -8.49 6.84
N ALA C 177 -36.13 -8.47 5.51
CA ALA C 177 -35.16 -9.35 4.83
C ALA C 177 -33.69 -9.00 5.19
N VAL C 178 -33.37 -7.70 5.41
CA VAL C 178 -32.00 -7.28 5.75
C VAL C 178 -31.97 -6.92 7.24
N THR C 179 -31.06 -7.58 7.99
CA THR C 179 -30.90 -7.40 9.43
C THR C 179 -29.47 -6.96 9.78
N GLY C 180 -29.30 -6.41 10.98
CA GLY C 180 -27.99 -5.98 11.48
C GLY C 180 -27.58 -4.56 11.11
N VAL C 181 -28.49 -3.80 10.49
CA VAL C 181 -28.25 -2.40 10.09
C VAL C 181 -28.25 -1.50 11.33
N GLU C 182 -29.03 -1.87 12.36
CA GLU C 182 -29.15 -1.09 13.59
C GLU C 182 -27.94 -1.29 14.53
N ARG C 183 -27.26 -2.44 14.45
CA ARG C 183 -26.09 -2.73 15.28
C ARG C 183 -24.75 -2.24 14.60
N ILE C 184 -24.82 -1.52 13.44
CA ILE C 184 -23.65 -1.01 12.71
C ILE C 184 -22.92 0.01 13.58
N GLU C 185 -21.59 -0.21 13.77
CA GLU C 185 -20.71 0.61 14.62
C GLU C 185 -19.70 1.42 13.79
N LEU C 186 -20.18 2.47 13.12
CA LEU C 186 -19.29 3.37 12.35
C LEU C 186 -18.93 4.57 13.23
N PRO C 187 -17.64 4.87 13.50
CA PRO C 187 -17.31 5.99 14.40
C PRO C 187 -17.64 7.38 13.81
N GLN C 188 -17.42 7.58 12.50
CA GLN C 188 -17.66 8.85 11.83
C GLN C 188 -19.06 8.96 11.17
N PHE C 189 -19.79 7.86 11.07
CA PHE C 189 -21.12 7.87 10.44
C PHE C 189 -22.20 7.19 11.26
N SER C 190 -23.46 7.52 10.95
CA SER C 190 -24.62 6.91 11.58
C SER C 190 -25.63 6.56 10.51
N ILE C 191 -26.13 5.28 10.53
CA ILE C 191 -27.16 4.83 9.58
C ILE C 191 -28.47 5.41 10.05
N VAL C 192 -29.03 6.32 9.26
CA VAL C 192 -30.24 7.06 9.59
C VAL C 192 -31.50 6.31 9.08
N GLU C 193 -31.37 5.55 7.96
CA GLU C 193 -32.44 4.81 7.29
C GLU C 193 -31.90 3.80 6.31
N HIS C 194 -32.69 2.76 6.00
CA HIS C 194 -32.35 1.78 4.96
C HIS C 194 -33.64 1.32 4.22
N ARG C 195 -33.56 1.03 2.90
CA ARG C 195 -34.72 0.63 2.10
C ARG C 195 -34.40 -0.54 1.17
N LEU C 196 -35.38 -1.45 0.99
CA LEU C 196 -35.27 -2.60 0.10
C LEU C 196 -36.11 -2.35 -1.13
N VAL C 197 -35.58 -2.67 -2.32
CA VAL C 197 -36.25 -2.42 -3.59
C VAL C 197 -36.14 -3.68 -4.48
N SER C 198 -37.24 -3.99 -5.19
CA SER C 198 -37.38 -5.08 -6.15
C SER C 198 -37.77 -4.49 -7.50
N ARG C 199 -37.03 -4.81 -8.56
CA ARG C 199 -37.24 -4.31 -9.92
C ARG C 199 -36.95 -5.38 -10.96
N ASN C 200 -37.16 -5.02 -12.23
CA ASN C 200 -36.84 -5.81 -13.42
C ASN C 200 -36.25 -4.82 -14.43
N VAL C 201 -34.92 -4.70 -14.42
CA VAL C 201 -34.16 -3.78 -15.26
C VAL C 201 -34.03 -4.32 -16.69
N VAL C 202 -34.45 -3.53 -17.69
CA VAL C 202 -34.42 -3.90 -19.10
C VAL C 202 -33.09 -3.50 -19.74
N PHE C 203 -32.46 -4.44 -20.48
CA PHE C 203 -31.21 -4.26 -21.20
C PHE C 203 -31.32 -4.82 -22.64
N ALA C 204 -30.24 -4.71 -23.45
CA ALA C 204 -30.18 -5.19 -24.83
C ALA C 204 -30.38 -6.70 -24.90
N THR C 205 -29.80 -7.44 -23.95
CA THR C 205 -29.86 -8.90 -23.83
C THR C 205 -31.15 -9.38 -23.11
N GLY C 206 -32.05 -8.45 -22.78
CA GLY C 206 -33.34 -8.71 -22.13
C GLY C 206 -33.55 -8.05 -20.77
N ALA C 207 -34.67 -8.41 -20.10
CA ALA C 207 -35.04 -7.92 -18.76
C ALA C 207 -34.35 -8.77 -17.70
N TYR C 208 -33.78 -8.13 -16.68
CA TYR C 208 -33.07 -8.86 -15.63
C TYR C 208 -33.66 -8.59 -14.24
N PRO C 209 -33.69 -9.59 -13.33
CA PRO C 209 -34.22 -9.32 -11.99
C PRO C 209 -33.24 -8.50 -11.16
N ARG C 210 -33.73 -7.51 -10.39
CA ARG C 210 -32.83 -6.74 -9.55
C ARG C 210 -33.35 -6.48 -8.15
N LEU C 211 -32.52 -6.78 -7.17
CA LEU C 211 -32.74 -6.47 -5.77
C LEU C 211 -31.83 -5.33 -5.44
N SER C 212 -32.31 -4.37 -4.65
CA SER C 212 -31.53 -3.20 -4.29
C SER C 212 -31.62 -2.90 -2.79
N LEU C 213 -30.46 -2.81 -2.12
CA LEU C 213 -30.36 -2.42 -0.69
C LEU C 213 -29.78 -1.04 -0.62
N SER C 214 -30.45 -0.10 0.04
CA SER C 214 -30.00 1.30 0.17
C SER C 214 -29.99 1.73 1.61
N PHE C 215 -28.95 2.45 2.01
CA PHE C 215 -28.88 3.00 3.34
C PHE C 215 -28.41 4.44 3.25
N ARG C 216 -28.85 5.25 4.22
CA ARG C 216 -28.53 6.66 4.28
C ARG C 216 -27.63 6.89 5.47
N LEU C 217 -26.37 7.26 5.18
CA LEU C 217 -25.31 7.55 6.15
C LEU C 217 -25.29 9.04 6.52
N LYS C 218 -25.23 9.38 7.83
CA LYS C 218 -25.13 10.76 8.34
C LYS C 218 -23.77 10.95 9.07
N ARG C 219 -22.96 11.90 8.59
CA ARG C 219 -21.64 12.18 9.16
C ARG C 219 -21.73 12.84 10.53
N ASN C 220 -20.80 12.46 11.44
CA ASN C 220 -20.70 13.00 12.80
C ASN C 220 -19.69 14.16 12.80
N ILE C 221 -20.17 15.38 13.07
CA ILE C 221 -19.41 16.64 13.06
C ILE C 221 -18.23 16.69 14.06
N GLY C 222 -18.33 15.94 15.17
CA GLY C 222 -17.36 15.90 16.27
C GLY C 222 -15.90 16.01 15.91
N TYR C 223 -15.43 15.10 15.04
CA TYR C 223 -14.04 15.07 14.58
C TYR C 223 -13.62 16.38 13.92
N PHE C 224 -14.48 16.91 13.05
CA PHE C 224 -14.25 18.13 12.28
C PHE C 224 -14.23 19.37 13.15
N ILE C 225 -15.05 19.39 14.23
CA ILE C 225 -15.08 20.51 15.19
C ILE C 225 -13.71 20.61 15.84
N LEU C 226 -13.17 19.45 16.25
CA LEU C 226 -11.88 19.35 16.88
C LEU C 226 -10.71 19.51 15.89
N GLN C 227 -10.82 19.05 14.65
CA GLN C 227 -9.70 19.09 13.71
C GLN C 227 -9.62 20.30 12.86
N THR C 228 -10.76 20.83 12.41
CA THR C 228 -10.72 21.97 11.49
C THR C 228 -11.38 23.20 12.06
N TYR C 229 -12.59 23.09 12.63
CA TYR C 229 -13.31 24.26 13.11
C TYR C 229 -12.61 24.96 14.29
N MET C 230 -12.27 24.24 15.37
CA MET C 230 -11.57 24.87 16.50
C MET C 230 -10.18 25.48 16.09
N PRO C 231 -9.26 24.79 15.36
CA PRO C 231 -8.01 25.45 14.99
C PRO C 231 -8.25 26.71 14.15
N SER C 232 -9.31 26.75 13.32
CA SER C 232 -9.65 27.94 12.52
C SER C 232 -10.08 29.12 13.38
N ILE C 233 -10.89 28.85 14.42
CA ILE C 233 -11.39 29.85 15.36
C ILE C 233 -10.22 30.41 16.13
N LEU C 234 -9.35 29.50 16.67
CA LEU C 234 -8.17 29.90 17.45
C LEU C 234 -7.19 30.73 16.63
N ILE C 235 -6.93 30.37 15.35
CA ILE C 235 -6.04 31.17 14.49
C ILE C 235 -6.67 32.57 14.25
N THR C 236 -8.01 32.65 14.03
CA THR C 236 -8.71 33.91 13.87
C THR C 236 -8.64 34.73 15.21
N ILE C 237 -8.76 34.06 16.39
CA ILE C 237 -8.65 34.78 17.68
C ILE C 237 -7.19 35.29 17.84
N LEU C 238 -6.19 34.44 17.49
CA LEU C 238 -4.78 34.81 17.53
C LEU C 238 -4.49 36.07 16.69
N SER C 239 -5.19 36.22 15.53
CA SER C 239 -5.02 37.36 14.65
C SER C 239 -5.43 38.70 15.32
N TRP C 240 -6.31 38.65 16.32
CA TRP C 240 -6.85 39.84 17.00
C TRP C 240 -5.95 40.35 18.08
N VAL C 241 -5.02 39.50 18.57
CA VAL C 241 -4.03 39.92 19.60
C VAL C 241 -3.23 41.17 19.08
N SER C 242 -2.99 41.25 17.76
CA SER C 242 -2.28 42.34 17.10
C SER C 242 -2.85 43.75 17.45
N PHE C 243 -4.20 43.90 17.49
CA PHE C 243 -4.88 45.18 17.75
C PHE C 243 -4.59 45.74 19.17
N TRP C 244 -4.12 44.88 20.08
CA TRP C 244 -3.78 45.25 21.45
C TRP C 244 -2.27 45.51 21.60
N ILE C 245 -1.47 45.22 20.57
CA ILE C 245 -0.03 45.44 20.58
C ILE C 245 0.27 46.82 19.94
N ASN C 246 1.22 47.57 20.54
CA ASN C 246 1.63 48.93 20.14
C ASN C 246 1.97 48.96 18.64
N TYR C 247 1.46 49.99 17.92
CA TYR C 247 1.69 50.06 16.48
C TYR C 247 3.17 50.32 16.14
N ASP C 248 3.99 50.67 17.17
CA ASP C 248 5.44 50.83 17.03
C ASP C 248 6.08 49.45 16.74
N ALA C 249 5.40 48.35 17.15
CA ALA C 249 5.85 46.97 17.02
C ALA C 249 5.55 46.41 15.61
N SER C 250 6.28 46.94 14.61
CA SER C 250 6.10 46.56 13.23
C SER C 250 6.35 45.03 13.02
N ALA C 251 7.53 44.47 13.45
CA ALA C 251 7.83 43.04 13.29
C ALA C 251 6.77 42.14 13.98
N ALA C 252 6.48 42.39 15.26
CA ALA C 252 5.49 41.64 16.06
C ALA C 252 4.14 41.61 15.37
N ARG C 253 3.64 42.79 14.97
CA ARG C 253 2.32 42.84 14.33
C ARG C 253 2.32 42.23 12.91
N VAL C 254 3.41 42.39 12.13
CA VAL C 254 3.49 41.76 10.81
C VAL C 254 3.68 40.21 11.01
N ALA C 255 4.45 39.77 12.03
CA ALA C 255 4.66 38.35 12.33
C ALA C 255 3.33 37.69 12.67
N LEU C 256 2.45 38.37 13.44
CA LEU C 256 1.12 37.80 13.72
C LEU C 256 0.31 37.71 12.46
N GLY C 257 0.42 38.73 11.61
CA GLY C 257 -0.26 38.80 10.33
C GLY C 257 0.17 37.74 9.34
N ILE C 258 1.47 37.45 9.27
CA ILE C 258 1.97 36.45 8.33
C ILE C 258 1.59 35.05 8.82
N THR C 259 1.82 34.81 10.10
CA THR C 259 1.57 33.54 10.75
C THR C 259 0.12 33.11 10.61
N THR C 260 -0.82 34.01 10.98
CA THR C 260 -2.23 33.69 10.94
C THR C 260 -2.68 33.51 9.49
N VAL C 261 -2.26 34.41 8.55
CA VAL C 261 -2.62 34.29 7.13
C VAL C 261 -2.16 32.94 6.54
N LEU C 262 -0.86 32.55 6.73
CA LEU C 262 -0.35 31.29 6.17
C LEU C 262 -0.95 30.07 6.81
N THR C 263 -1.02 29.99 8.16
CA THR C 263 -1.59 28.79 8.82
C THR C 263 -3.03 28.58 8.35
N MET C 264 -3.73 29.70 8.05
CA MET C 264 -5.08 29.62 7.54
C MET C 264 -5.07 28.98 6.15
N THR C 265 -4.15 29.39 5.25
CA THR C 265 -4.11 28.78 3.91
C THR C 265 -3.76 27.28 4.01
N THR C 266 -2.82 26.86 4.89
CA THR C 266 -2.45 25.45 5.05
C THR C 266 -3.62 24.61 5.63
N ILE C 267 -4.46 25.16 6.55
CA ILE C 267 -5.64 24.44 7.07
C ILE C 267 -6.56 24.08 5.90
N ASN C 268 -6.77 25.03 4.95
CA ASN C 268 -7.62 24.80 3.79
C ASN C 268 -6.98 23.84 2.78
N THR C 269 -5.71 24.07 2.39
CA THR C 269 -5.06 23.21 1.41
C THR C 269 -4.86 21.79 1.94
N HIS C 270 -4.57 21.64 3.24
CA HIS C 270 -4.35 20.33 3.82
C HIS C 270 -5.63 19.49 3.73
N LEU C 271 -6.76 20.03 4.24
CA LEU C 271 -8.07 19.38 4.24
C LEU C 271 -8.43 18.88 2.81
N ARG C 272 -8.18 19.71 1.78
CA ARG C 272 -8.45 19.38 0.39
C ARG C 272 -7.66 18.15 -0.08
N GLU C 273 -6.44 17.94 0.43
CA GLU C 273 -5.59 16.81 0.07
C GLU C 273 -6.05 15.50 0.77
N THR C 274 -6.85 15.58 1.86
CA THR C 274 -7.39 14.43 2.62
C THR C 274 -8.53 13.76 1.82
N LEU C 275 -9.09 14.48 0.83
CA LEU C 275 -10.28 14.09 0.05
C LEU C 275 -10.00 13.89 -1.46
N PRO C 276 -10.97 13.33 -2.26
CA PRO C 276 -10.70 13.17 -3.71
C PRO C 276 -10.73 14.52 -4.43
N LYS C 277 -10.01 14.62 -5.57
CA LYS C 277 -9.84 15.88 -6.33
C LYS C 277 -11.13 16.34 -7.07
N ILE C 278 -12.14 16.73 -6.26
CA ILE C 278 -13.42 17.29 -6.71
C ILE C 278 -13.18 18.77 -7.13
N PRO C 279 -13.92 19.29 -8.15
CA PRO C 279 -13.67 20.67 -8.59
C PRO C 279 -14.50 21.73 -7.87
N TYR C 280 -15.52 21.31 -7.11
CA TYR C 280 -16.43 22.23 -6.42
C TYR C 280 -15.93 22.62 -5.03
N VAL C 281 -16.67 23.55 -4.38
CA VAL C 281 -16.37 24.11 -3.05
C VAL C 281 -17.32 23.46 -2.01
N LYS C 282 -16.72 22.85 -0.97
CA LYS C 282 -17.39 22.19 0.16
C LYS C 282 -17.83 23.21 1.23
N ALA C 283 -18.74 22.79 2.14
CA ALA C 283 -19.25 23.61 3.25
C ALA C 283 -18.11 24.10 4.15
N ILE C 284 -17.15 23.23 4.39
CA ILE C 284 -16.02 23.54 5.22
C ILE C 284 -15.04 24.51 4.49
N ASP C 285 -15.05 24.57 3.15
CA ASP C 285 -14.18 25.50 2.41
C ASP C 285 -14.76 26.91 2.45
N MET C 286 -16.10 27.03 2.64
CA MET C 286 -16.77 28.33 2.73
C MET C 286 -16.39 29.00 4.06
N TYR C 287 -16.37 28.19 5.14
CA TYR C 287 -15.98 28.64 6.46
C TYR C 287 -14.51 29.07 6.45
N LEU C 288 -13.60 28.19 5.98
CA LEU C 288 -12.17 28.48 5.95
C LEU C 288 -11.83 29.70 5.09
N MET C 289 -12.59 29.98 4.01
CA MET C 289 -12.36 31.14 3.15
C MET C 289 -12.77 32.40 3.89
N GLY C 290 -13.83 32.31 4.68
CA GLY C 290 -14.31 33.39 5.54
C GLY C 290 -13.24 33.77 6.54
N CYS C 291 -12.70 32.75 7.23
CA CYS C 291 -11.62 32.87 8.20
C CYS C 291 -10.39 33.54 7.59
N PHE C 292 -10.06 33.19 6.33
CA PHE C 292 -8.93 33.76 5.61
C PHE C 292 -9.16 35.27 5.42
N VAL C 293 -10.38 35.68 5.02
CA VAL C 293 -10.70 37.09 4.81
C VAL C 293 -10.56 37.86 6.12
N PHE C 294 -11.02 37.28 7.24
CA PHE C 294 -10.88 37.89 8.55
C PHE C 294 -9.39 38.00 9.00
N VAL C 295 -8.55 36.97 8.74
CA VAL C 295 -7.15 37.06 9.14
C VAL C 295 -6.38 38.02 8.21
N PHE C 296 -6.72 38.02 6.88
CA PHE C 296 -6.05 38.89 5.92
C PHE C 296 -6.38 40.38 6.23
N LEU C 297 -7.64 40.65 6.63
CA LEU C 297 -8.06 42.02 6.93
C LEU C 297 -7.35 42.56 8.20
N ALA C 298 -7.08 41.68 9.20
CA ALA C 298 -6.33 42.09 10.39
C ALA C 298 -4.95 42.60 9.98
N LEU C 299 -4.28 41.90 9.03
CA LEU C 299 -2.96 42.32 8.55
C LEU C 299 -3.04 43.64 7.75
N LEU C 300 -4.06 43.78 6.86
CA LEU C 300 -4.26 45.02 6.09
C LEU C 300 -4.53 46.15 7.04
N GLU C 301 -5.25 45.85 8.16
CA GLU C 301 -5.54 46.86 9.18
C GLU C 301 -4.20 47.37 9.74
N TYR C 302 -3.23 46.45 10.08
CA TYR C 302 -1.95 46.91 10.58
C TYR C 302 -1.22 47.72 9.51
N ALA C 303 -1.20 47.22 8.27
CA ALA C 303 -0.59 47.95 7.15
C ALA C 303 -1.17 49.38 7.07
N PHE C 304 -2.49 49.51 7.15
CA PHE C 304 -3.16 50.82 7.13
C PHE C 304 -2.73 51.72 8.36
N VAL C 305 -2.76 51.17 9.60
CA VAL C 305 -2.35 51.86 10.82
C VAL C 305 -0.86 52.25 10.71
N ASN C 306 0.00 51.34 10.22
CA ASN C 306 1.44 51.58 10.03
C ASN C 306 1.67 52.68 9.03
N TYR C 307 0.82 52.75 8.01
CA TYR C 307 0.89 53.76 6.93
C TYR C 307 0.48 55.14 7.42
N ILE C 308 -0.40 55.26 8.44
CA ILE C 308 -0.93 56.57 8.86
C ILE C 308 -0.49 57.09 10.25
N PHE C 309 -0.03 56.22 11.19
CA PHE C 309 0.26 56.67 12.56
C PHE C 309 1.24 57.86 12.72
N PHE C 310 2.14 58.14 11.76
CA PHE C 310 3.02 59.30 11.95
C PHE C 310 2.26 60.63 11.86
N SER C 311 1.54 60.83 10.74
CA SER C 311 0.79 62.03 10.44
C SER C 311 -0.55 62.11 11.19
N GLN C 312 -1.16 60.94 11.48
CA GLN C 312 -2.45 60.89 12.16
C GLN C 312 -2.44 59.87 13.33
N PRO C 313 -1.65 60.11 14.43
CA PRO C 313 -1.60 59.13 15.54
C PRO C 313 -2.96 58.85 16.19
N ALA C 314 -3.80 59.89 16.35
CA ALA C 314 -5.13 59.77 16.95
C ALA C 314 -6.01 58.81 16.16
N ARG C 315 -6.02 58.95 14.81
CA ARG C 315 -6.79 58.13 13.87
C ARG C 315 -6.32 56.68 13.95
N ALA C 316 -4.99 56.48 13.90
CA ALA C 316 -4.38 55.16 14.00
C ALA C 316 -4.79 54.48 15.28
N ALA C 317 -4.63 55.19 16.43
CA ALA C 317 -5.04 54.69 17.75
C ALA C 317 -6.53 54.26 17.72
N ALA C 318 -7.41 55.11 17.10
CA ALA C 318 -8.85 54.86 16.95
C ALA C 318 -9.13 53.59 16.11
N ILE C 319 -8.42 53.40 14.98
CA ILE C 319 -8.62 52.24 14.11
C ILE C 319 -8.30 50.97 14.91
N ASP C 320 -7.23 50.96 15.74
CA ASP C 320 -6.91 49.80 16.56
C ASP C 320 -7.98 49.59 17.63
N ARG C 321 -8.49 50.70 18.21
CA ARG C 321 -9.55 50.65 19.22
C ARG C 321 -10.83 50.00 18.68
N TRP C 322 -11.26 50.40 17.47
CA TRP C 322 -12.46 49.88 16.82
C TRP C 322 -12.30 48.44 16.37
N SER C 323 -11.13 48.09 15.82
CA SER C 323 -10.82 46.75 15.34
C SER C 323 -10.99 45.74 16.46
N ARG C 324 -10.70 46.12 17.70
CA ARG C 324 -10.84 45.27 18.88
C ARG C 324 -12.28 44.82 19.13
N ILE C 325 -13.28 45.56 18.64
CA ILE C 325 -14.69 45.20 18.87
C ILE C 325 -15.33 44.76 17.53
N VAL C 326 -15.07 45.48 16.43
CA VAL C 326 -15.65 45.16 15.11
C VAL C 326 -15.27 43.75 14.68
N PHE C 327 -13.97 43.37 14.70
CA PHE C 327 -13.52 42.04 14.26
C PHE C 327 -14.22 40.91 15.07
N PRO C 328 -14.16 40.83 16.44
CA PRO C 328 -14.85 39.74 17.14
C PRO C 328 -16.35 39.71 16.89
N PHE C 329 -16.97 40.90 16.77
CA PHE C 329 -18.40 41.02 16.52
C PHE C 329 -18.76 40.44 15.16
N THR C 330 -18.06 40.86 14.09
CA THR C 330 -18.30 40.43 12.71
C THR C 330 -18.02 38.90 12.54
N PHE C 331 -17.03 38.37 13.26
CA PHE C 331 -16.70 36.95 13.20
C PHE C 331 -17.80 36.15 13.88
N SER C 332 -18.34 36.64 15.00
CA SER C 332 -19.46 35.99 15.70
C SER C 332 -20.68 35.99 14.80
N LEU C 333 -20.91 37.12 14.11
CA LEU C 333 -21.99 37.28 13.13
C LEU C 333 -21.82 36.34 11.93
N PHE C 334 -20.56 36.14 11.46
CA PHE C 334 -20.26 35.22 10.34
C PHE C 334 -20.55 33.78 10.76
N ASN C 335 -20.14 33.38 11.98
CA ASN C 335 -20.37 32.03 12.52
C ASN C 335 -21.86 31.76 12.64
N LEU C 336 -22.61 32.74 13.15
CA LEU C 336 -24.05 32.69 13.31
C LEU C 336 -24.71 32.50 11.94
N VAL C 337 -24.35 33.32 10.92
CA VAL C 337 -24.92 33.20 9.58
C VAL C 337 -24.55 31.84 8.94
N TYR C 338 -23.27 31.44 9.02
CA TYR C 338 -22.77 30.17 8.47
C TYR C 338 -23.54 28.95 9.06
N TRP C 339 -23.46 28.76 10.39
CA TRP C 339 -24.05 27.62 11.10
C TRP C 339 -25.57 27.57 10.95
N LEU C 340 -26.27 28.72 10.93
CA LEU C 340 -27.72 28.71 10.74
C LEU C 340 -28.07 28.29 9.32
N TYR C 341 -27.38 28.87 8.31
CA TYR C 341 -27.58 28.53 6.89
C TYR C 341 -27.32 27.02 6.62
N TYR C 342 -26.28 26.43 7.23
CA TYR C 342 -25.94 25.03 7.00
C TYR C 342 -26.71 24.04 7.87
N VAL C 343 -27.40 24.49 8.95
CA VAL C 343 -28.24 23.59 9.75
C VAL C 343 -29.71 24.00 9.61
N SER D 13 1.76 -51.89 3.81
CA SER D 13 1.30 -53.13 3.13
C SER D 13 -0.15 -53.43 3.53
N PHE D 14 -0.32 -53.88 4.80
CA PHE D 14 -1.60 -54.09 5.47
C PHE D 14 -2.15 -52.71 5.83
N VAL D 15 -1.25 -51.80 6.26
CA VAL D 15 -1.59 -50.42 6.64
C VAL D 15 -2.07 -49.61 5.40
N LYS D 16 -1.50 -49.88 4.21
CA LYS D 16 -1.92 -49.25 2.94
C LYS D 16 -3.39 -49.55 2.63
N GLU D 17 -3.80 -50.83 2.83
CA GLU D 17 -5.13 -51.36 2.52
C GLU D 17 -6.19 -50.95 3.53
N THR D 18 -5.82 -50.92 4.85
CA THR D 18 -6.74 -50.56 5.94
C THR D 18 -7.28 -49.15 5.76
N VAL D 19 -6.42 -48.19 5.32
CA VAL D 19 -6.84 -46.80 5.05
C VAL D 19 -7.77 -46.79 3.81
N ASP D 20 -7.48 -47.61 2.77
CA ASP D 20 -8.27 -47.67 1.55
C ASP D 20 -9.70 -48.18 1.80
N LYS D 21 -9.89 -49.16 2.70
CA LYS D 21 -11.24 -49.64 3.02
C LYS D 21 -12.03 -48.56 3.81
N LEU D 22 -11.33 -47.82 4.68
CA LEU D 22 -11.88 -46.76 5.53
C LEU D 22 -12.62 -45.73 4.69
N LEU D 23 -12.01 -45.32 3.57
CA LEU D 23 -12.55 -44.29 2.68
C LEU D 23 -13.42 -44.85 1.56
N LYS D 24 -13.53 -46.18 1.42
CA LYS D 24 -14.40 -46.77 0.41
C LYS D 24 -15.88 -46.58 0.81
N GLY D 25 -16.62 -45.90 -0.05
CA GLY D 25 -18.04 -45.62 0.17
C GLY D 25 -18.33 -44.57 1.22
N TYR D 26 -17.28 -43.82 1.66
CA TYR D 26 -17.34 -42.74 2.64
C TYR D 26 -17.94 -41.51 1.97
N ASP D 27 -18.96 -40.92 2.60
CA ASP D 27 -19.62 -39.72 2.07
C ASP D 27 -19.21 -38.49 2.89
N ILE D 28 -18.42 -37.57 2.27
CA ILE D 28 -17.95 -36.34 2.94
C ILE D 28 -19.13 -35.43 3.29
N ARG D 29 -20.23 -35.49 2.49
CA ARG D 29 -21.46 -34.71 2.65
C ARG D 29 -22.09 -34.88 4.03
N LEU D 30 -21.95 -36.09 4.59
CA LEU D 30 -22.52 -36.49 5.87
C LEU D 30 -21.51 -36.35 7.02
N ARG D 31 -21.93 -35.65 8.07
CA ARG D 31 -21.15 -35.44 9.29
C ARG D 31 -21.14 -36.75 10.12
N PRO D 32 -20.10 -37.00 10.99
CA PRO D 32 -20.13 -38.20 11.84
C PRO D 32 -21.36 -38.25 12.73
N ASP D 33 -22.00 -39.45 12.86
CA ASP D 33 -23.22 -39.67 13.64
C ASP D 33 -24.40 -38.90 12.99
N PHE D 34 -24.39 -38.83 11.63
CA PHE D 34 -25.45 -38.17 10.86
C PHE D 34 -26.79 -38.72 11.30
N GLY D 35 -27.62 -37.83 11.81
CA GLY D 35 -28.96 -38.18 12.26
C GLY D 35 -29.06 -38.64 13.70
N GLY D 36 -27.94 -38.67 14.40
CA GLY D 36 -27.90 -39.05 15.80
C GLY D 36 -27.46 -37.89 16.67
N PRO D 37 -26.85 -38.18 17.84
CA PRO D 37 -26.38 -37.10 18.72
C PRO D 37 -25.37 -36.17 18.02
N PRO D 38 -25.35 -34.86 18.35
CA PRO D 38 -24.41 -33.93 17.71
C PRO D 38 -22.94 -34.32 17.94
N VAL D 39 -22.09 -34.20 16.90
CA VAL D 39 -20.64 -34.49 16.98
C VAL D 39 -19.96 -33.41 17.87
N CYS D 40 -19.06 -33.85 18.80
CA CYS D 40 -18.41 -32.94 19.74
C CYS D 40 -17.00 -32.59 19.32
N VAL D 41 -16.78 -31.34 18.87
CA VAL D 41 -15.48 -30.91 18.40
C VAL D 41 -14.72 -30.15 19.52
N GLY D 42 -13.59 -30.71 19.95
CA GLY D 42 -12.72 -30.16 20.99
C GLY D 42 -11.63 -29.29 20.41
N MET D 43 -11.75 -27.97 20.62
CA MET D 43 -10.83 -26.97 20.08
C MET D 43 -9.72 -26.69 21.07
N ASN D 44 -8.53 -26.41 20.49
CA ASN D 44 -7.24 -26.19 21.13
C ASN D 44 -6.48 -25.17 20.30
N ILE D 45 -5.94 -24.09 20.94
CA ILE D 45 -5.21 -23.06 20.21
C ILE D 45 -3.84 -22.80 20.84
N ASP D 46 -2.77 -22.76 20.02
CA ASP D 46 -1.43 -22.41 20.48
C ASP D 46 -1.06 -21.12 19.81
N ILE D 47 -1.17 -19.98 20.50
CA ILE D 47 -0.86 -18.66 19.94
C ILE D 47 0.65 -18.52 19.65
N ALA D 48 1.00 -18.50 18.35
CA ALA D 48 2.36 -18.29 17.92
C ALA D 48 2.78 -16.83 18.13
N SER D 49 1.88 -15.85 17.82
CA SER D 49 2.20 -14.42 17.95
C SER D 49 1.03 -13.49 17.76
N ILE D 50 1.13 -12.26 18.32
CA ILE D 50 0.17 -11.19 18.05
C ILE D 50 1.01 -10.18 17.31
N ASP D 51 1.09 -10.35 15.97
CA ASP D 51 1.92 -9.64 15.00
C ASP D 51 1.70 -8.17 14.97
N MET D 52 0.43 -7.72 15.16
CA MET D 52 0.10 -6.29 15.09
C MET D 52 -1.24 -5.97 15.76
N VAL D 53 -1.38 -4.69 16.26
CA VAL D 53 -2.59 -4.12 16.86
C VAL D 53 -2.78 -2.74 16.23
N SER D 54 -3.84 -2.55 15.43
CA SER D 54 -4.11 -1.29 14.75
C SER D 54 -5.32 -0.56 15.31
N GLU D 55 -5.13 0.71 15.71
CA GLU D 55 -6.21 1.58 16.19
C GLU D 55 -6.92 2.17 14.97
N VAL D 56 -6.14 2.55 13.94
CA VAL D 56 -6.62 3.09 12.67
C VAL D 56 -7.68 2.15 12.04
N ASN D 57 -7.34 0.86 11.86
CA ASN D 57 -8.31 -0.07 11.27
C ASN D 57 -8.99 -0.88 12.33
N MET D 58 -8.87 -0.47 13.59
CA MET D 58 -9.45 -1.09 14.78
C MET D 58 -9.55 -2.60 14.68
N ASP D 59 -8.37 -3.24 14.53
CA ASP D 59 -8.22 -4.68 14.39
C ASP D 59 -6.84 -5.12 14.91
N TYR D 60 -6.61 -6.46 14.98
CA TYR D 60 -5.33 -7.03 15.41
C TYR D 60 -5.04 -8.31 14.58
N THR D 61 -3.76 -8.61 14.34
CA THR D 61 -3.39 -9.81 13.58
C THR D 61 -2.78 -10.80 14.53
N LEU D 62 -3.15 -12.04 14.38
CA LEU D 62 -2.79 -13.16 15.23
C LEU D 62 -2.45 -14.38 14.38
N THR D 63 -1.33 -15.07 14.71
CA THR D 63 -0.92 -16.34 14.04
C THR D 63 -1.01 -17.43 15.08
N MET D 64 -1.61 -18.56 14.73
CA MET D 64 -1.80 -19.64 15.69
C MET D 64 -1.85 -21.03 15.06
N TYR D 65 -1.73 -22.03 15.92
CA TYR D 65 -1.89 -23.44 15.61
C TYR D 65 -3.29 -23.78 16.07
N PHE D 66 -4.22 -23.97 15.12
CA PHE D 66 -5.61 -24.23 15.44
C PHE D 66 -5.88 -25.73 15.32
N GLN D 67 -6.15 -26.37 16.47
CA GLN D 67 -6.36 -27.82 16.50
C GLN D 67 -7.79 -28.18 16.88
N GLN D 68 -8.37 -29.11 16.11
CA GLN D 68 -9.72 -29.62 16.30
C GLN D 68 -9.66 -31.12 16.47
N TYR D 69 -10.47 -31.62 17.39
CA TYR D 69 -10.56 -33.03 17.75
C TYR D 69 -12.00 -33.46 17.80
N TRP D 70 -12.36 -34.48 17.02
CA TRP D 70 -13.71 -35.07 17.00
C TRP D 70 -13.59 -36.55 16.68
N ARG D 71 -14.68 -37.31 16.90
CA ARG D 71 -14.73 -38.75 16.62
C ARG D 71 -15.56 -39.04 15.37
N ASP D 72 -14.98 -39.80 14.43
CA ASP D 72 -15.67 -40.26 13.24
C ASP D 72 -15.54 -41.79 13.21
N LYS D 73 -16.59 -42.52 13.66
CA LYS D 73 -16.56 -43.99 13.73
C LYS D 73 -16.26 -44.63 12.38
N ARG D 74 -16.64 -43.99 11.25
CA ARG D 74 -16.36 -44.43 9.88
C ARG D 74 -14.86 -44.61 9.63
N LEU D 75 -14.01 -43.96 10.46
CA LEU D 75 -12.55 -43.97 10.31
C LEU D 75 -11.82 -44.84 11.38
N ALA D 76 -12.56 -45.71 12.10
CA ALA D 76 -11.94 -46.62 13.07
C ALA D 76 -11.22 -47.77 12.36
N TYR D 77 -10.06 -48.22 12.89
CA TYR D 77 -9.28 -49.34 12.33
C TYR D 77 -8.88 -50.34 13.45
N SER D 78 -9.06 -51.64 13.15
CA SER D 78 -8.87 -52.74 14.10
C SER D 78 -7.46 -53.31 14.23
N GLY D 79 -6.77 -53.53 13.10
CA GLY D 79 -5.48 -54.20 13.11
C GLY D 79 -4.30 -53.51 13.77
N ILE D 80 -4.11 -52.24 13.42
CA ILE D 80 -2.96 -51.43 13.80
C ILE D 80 -3.09 -50.87 15.23
N PRO D 81 -2.06 -51.09 16.09
CA PRO D 81 -2.07 -50.53 17.46
C PRO D 81 -1.31 -49.20 17.54
N LEU D 82 -1.35 -48.42 16.45
CA LEU D 82 -0.64 -47.14 16.31
C LEU D 82 -1.55 -46.02 15.85
N ASN D 83 -1.14 -44.78 16.11
CA ASN D 83 -1.83 -43.58 15.63
C ASN D 83 -1.29 -43.27 14.23
N LEU D 84 -2.18 -43.07 13.25
CA LEU D 84 -1.73 -42.87 11.88
C LEU D 84 -1.62 -41.39 11.45
N THR D 85 -0.38 -40.92 11.17
CA THR D 85 -0.17 -39.56 10.66
C THR D 85 -0.15 -39.66 9.13
N LEU D 86 -1.23 -39.21 8.51
CA LEU D 86 -1.38 -39.29 7.06
C LEU D 86 -1.04 -37.96 6.41
N ASP D 87 -0.56 -38.00 5.14
CA ASP D 87 -0.22 -36.82 4.35
C ASP D 87 -1.45 -35.88 4.32
N ASN D 88 -1.26 -34.60 4.66
CA ASN D 88 -2.31 -33.57 4.80
C ASN D 88 -3.37 -33.52 3.67
N ARG D 89 -3.01 -33.94 2.44
CA ARG D 89 -3.94 -33.94 1.32
C ARG D 89 -5.17 -34.87 1.58
N VAL D 90 -5.09 -35.83 2.53
CA VAL D 90 -6.18 -36.74 2.88
C VAL D 90 -7.37 -35.96 3.48
N ALA D 91 -7.13 -34.78 4.09
CA ALA D 91 -8.16 -33.90 4.66
C ALA D 91 -9.23 -33.50 3.59
N ASP D 92 -8.85 -33.50 2.30
CA ASP D 92 -9.77 -33.19 1.21
C ASP D 92 -10.75 -34.35 0.96
N GLN D 93 -10.43 -35.55 1.48
CA GLN D 93 -11.24 -36.77 1.34
C GLN D 93 -12.02 -37.12 2.62
N LEU D 94 -11.93 -36.26 3.66
CA LEU D 94 -12.61 -36.48 4.93
C LEU D 94 -13.59 -35.37 5.25
N TRP D 95 -14.56 -35.65 6.12
CA TRP D 95 -15.46 -34.61 6.62
C TRP D 95 -14.69 -33.88 7.69
N VAL D 96 -14.79 -32.56 7.72
CA VAL D 96 -14.16 -31.67 8.71
C VAL D 96 -15.21 -30.63 9.19
N PRO D 97 -15.12 -30.16 10.46
CA PRO D 97 -16.09 -29.13 10.91
C PRO D 97 -15.97 -27.84 10.10
N ASP D 98 -17.08 -27.15 9.88
CA ASP D 98 -17.13 -25.89 9.12
C ASP D 98 -16.85 -24.66 10.04
N THR D 99 -15.81 -24.80 10.88
CA THR D 99 -15.39 -23.83 11.86
C THR D 99 -14.89 -22.57 11.16
N TYR D 100 -15.35 -21.42 11.63
CA TYR D 100 -14.97 -20.12 11.07
C TYR D 100 -14.88 -19.10 12.22
N PHE D 101 -14.11 -18.00 12.00
CA PHE D 101 -13.92 -16.93 13.00
C PHE D 101 -14.86 -15.82 12.65
N LEU D 102 -15.91 -15.70 13.42
CA LEU D 102 -17.02 -14.79 13.25
C LEU D 102 -16.61 -13.32 13.08
N ASN D 103 -15.57 -12.85 13.81
CA ASN D 103 -15.06 -11.46 13.76
C ASN D 103 -13.77 -11.33 12.92
N ASP D 104 -13.56 -12.24 12.02
CA ASP D 104 -12.45 -12.31 11.09
C ASP D 104 -12.61 -11.24 9.97
N LYS D 105 -11.52 -10.54 9.59
CA LYS D 105 -11.52 -9.58 8.48
C LYS D 105 -10.92 -10.25 7.22
N LYS D 106 -9.76 -10.91 7.37
CA LYS D 106 -9.04 -11.74 6.39
C LYS D 106 -8.28 -12.82 7.14
N SER D 107 -8.25 -14.04 6.61
CA SER D 107 -7.53 -15.13 7.21
C SER D 107 -6.85 -15.97 6.14
N PHE D 108 -5.88 -16.82 6.53
CA PHE D 108 -5.21 -17.73 5.61
C PHE D 108 -4.43 -18.81 6.34
N VAL D 109 -4.39 -20.00 5.76
CA VAL D 109 -3.60 -21.15 6.19
C VAL D 109 -2.26 -21.01 5.46
N HIS D 110 -1.13 -21.14 6.17
CA HIS D 110 0.18 -20.96 5.55
C HIS D 110 0.43 -22.14 4.59
N GLY D 111 1.03 -21.86 3.44
CA GLY D 111 1.17 -22.85 2.39
C GLY D 111 2.54 -23.27 1.89
N VAL D 112 3.60 -22.84 2.58
CA VAL D 112 4.96 -23.25 2.23
C VAL D 112 5.51 -24.18 3.35
N THR D 113 6.12 -25.35 3.03
CA THR D 113 6.40 -25.91 1.69
C THR D 113 5.13 -26.59 1.14
N VAL D 114 4.25 -27.00 2.06
CA VAL D 114 2.95 -27.62 1.80
C VAL D 114 1.91 -26.80 2.60
N LYS D 115 0.61 -27.15 2.48
CA LYS D 115 -0.42 -26.50 3.30
C LYS D 115 -0.10 -26.89 4.73
N ASN D 116 0.04 -25.92 5.65
CA ASN D 116 0.36 -26.17 7.06
C ASN D 116 -0.91 -26.71 7.68
N ARG D 117 -1.09 -28.00 7.47
CA ARG D 117 -2.26 -28.79 7.80
C ARG D 117 -1.78 -30.17 8.26
N MET D 118 -2.49 -30.74 9.24
CA MET D 118 -2.12 -32.02 9.82
C MET D 118 -3.34 -32.90 10.13
N ILE D 119 -3.29 -34.18 9.69
CA ILE D 119 -4.32 -35.19 9.98
C ILE D 119 -3.67 -36.34 10.74
N ARG D 120 -4.20 -36.66 11.94
CA ARG D 120 -3.72 -37.78 12.75
C ARG D 120 -4.91 -38.61 13.17
N LEU D 121 -4.98 -39.83 12.64
CA LEU D 121 -6.07 -40.78 12.95
C LEU D 121 -5.70 -41.65 14.14
N HIS D 122 -6.70 -42.04 14.93
CA HIS D 122 -6.57 -42.89 16.12
C HIS D 122 -7.42 -44.12 15.89
N PRO D 123 -7.01 -45.34 16.37
CA PRO D 123 -7.79 -46.56 16.10
C PRO D 123 -9.28 -46.47 16.49
N ASP D 124 -9.57 -45.65 17.49
CA ASP D 124 -10.88 -45.31 18.05
C ASP D 124 -11.85 -44.72 17.00
N GLY D 125 -11.31 -43.91 16.11
CA GLY D 125 -12.06 -43.17 15.11
C GLY D 125 -11.95 -41.67 15.33
N THR D 126 -11.25 -41.23 16.42
CA THR D 126 -11.05 -39.80 16.67
C THR D 126 -10.08 -39.23 15.67
N VAL D 127 -10.22 -37.94 15.37
CA VAL D 127 -9.39 -37.27 14.38
C VAL D 127 -8.75 -36.07 15.05
N LEU D 128 -7.44 -35.85 14.81
CA LEU D 128 -6.73 -34.66 15.28
C LEU D 128 -6.40 -33.87 14.00
N TYR D 129 -7.04 -32.69 13.84
CA TYR D 129 -6.91 -31.86 12.64
C TYR D 129 -6.28 -30.50 13.00
N GLY D 130 -5.08 -30.26 12.47
CA GLY D 130 -4.33 -29.05 12.75
C GLY D 130 -4.18 -28.13 11.57
N LEU D 131 -4.24 -26.82 11.84
CA LEU D 131 -4.09 -25.78 10.83
C LEU D 131 -3.30 -24.59 11.39
N ARG D 132 -2.31 -24.08 10.63
CA ARG D 132 -1.58 -22.90 11.06
C ARG D 132 -2.20 -21.70 10.31
N ILE D 133 -2.96 -20.88 11.07
CA ILE D 133 -3.71 -19.76 10.52
C ILE D 133 -3.19 -18.40 10.97
N THR D 134 -3.17 -17.43 10.04
CA THR D 134 -2.95 -16.00 10.34
C THR D 134 -4.30 -15.35 10.10
N THR D 135 -4.83 -14.69 11.14
CA THR D 135 -6.13 -14.03 11.16
C THR D 135 -6.01 -12.56 11.53
N THR D 136 -6.63 -11.68 10.73
CA THR D 136 -6.78 -10.28 11.10
C THR D 136 -8.21 -10.18 11.60
N ALA D 137 -8.38 -10.04 12.92
CA ALA D 137 -9.70 -9.95 13.55
C ALA D 137 -10.02 -8.51 13.95
N ALA D 138 -11.31 -8.15 13.90
CA ALA D 138 -11.81 -6.85 14.31
C ALA D 138 -11.78 -6.72 15.83
N CYS D 139 -11.41 -5.54 16.29
CA CYS D 139 -11.35 -5.16 17.71
C CYS D 139 -11.73 -3.69 17.80
N MET D 140 -13.05 -3.41 18.01
CA MET D 140 -13.58 -2.07 18.21
C MET D 140 -12.99 -1.53 19.51
N MET D 141 -12.39 -0.35 19.45
CA MET D 141 -11.68 0.21 20.59
C MET D 141 -12.25 1.51 21.11
N ASP D 142 -12.23 1.64 22.44
CA ASP D 142 -12.62 2.86 23.13
C ASP D 142 -11.35 3.61 23.47
N LEU D 143 -11.11 4.74 22.78
CA LEU D 143 -9.90 5.52 22.98
C LEU D 143 -10.14 6.78 23.83
N ARG D 144 -11.19 6.78 24.68
CA ARG D 144 -11.48 7.92 25.56
C ARG D 144 -10.37 8.14 26.58
N ARG D 145 -9.78 7.05 27.09
CA ARG D 145 -8.71 7.08 28.07
C ARG D 145 -7.30 6.95 27.44
N TYR D 146 -7.20 6.95 26.10
CA TYR D 146 -5.95 6.83 25.34
C TYR D 146 -4.97 7.93 25.74
N PRO D 147 -3.70 7.62 26.02
CA PRO D 147 -3.00 6.33 25.88
C PRO D 147 -2.90 5.51 27.19
N LEU D 148 -3.71 5.85 28.21
CA LEU D 148 -3.76 5.13 29.47
C LEU D 148 -5.02 4.28 29.45
N ASP D 149 -5.12 3.39 28.45
CA ASP D 149 -6.31 2.57 28.20
C ASP D 149 -6.01 1.10 28.08
N GLU D 150 -7.05 0.28 28.34
CA GLU D 150 -7.05 -1.19 28.25
C GLU D 150 -8.07 -1.58 27.22
N GLN D 151 -7.69 -2.50 26.34
CA GLN D 151 -8.58 -2.95 25.29
C GLN D 151 -8.85 -4.46 25.41
N ASN D 152 -10.09 -4.83 25.14
CA ASN D 152 -10.49 -6.23 25.16
C ASN D 152 -10.70 -6.67 23.70
N CYS D 153 -9.82 -7.57 23.23
CA CYS D 153 -9.88 -8.13 21.88
C CYS D 153 -10.22 -9.60 21.95
N THR D 154 -11.13 -10.04 21.08
CA THR D 154 -11.58 -11.42 21.10
C THR D 154 -11.46 -12.12 19.77
N LEU D 155 -11.56 -13.45 19.80
CA LEU D 155 -11.62 -14.32 18.65
C LEU D 155 -12.86 -15.19 18.83
N GLU D 156 -13.86 -14.96 17.95
CA GLU D 156 -15.16 -15.64 18.02
C GLU D 156 -15.18 -16.81 17.07
N ILE D 157 -15.20 -18.04 17.63
CA ILE D 157 -15.19 -19.31 16.87
C ILE D 157 -16.62 -19.86 16.76
N GLU D 158 -17.11 -20.13 15.54
CA GLU D 158 -18.46 -20.67 15.38
C GLU D 158 -18.56 -21.71 14.24
N SER D 159 -19.68 -22.49 14.23
CA SER D 159 -20.01 -23.38 13.14
C SER D 159 -20.76 -22.58 12.06
N TYR D 160 -20.35 -22.71 10.79
CA TYR D 160 -21.01 -21.90 9.76
C TYR D 160 -22.43 -22.40 9.40
N GLY D 161 -22.61 -23.69 9.19
CA GLY D 161 -23.91 -24.22 8.77
C GLY D 161 -24.62 -25.17 9.72
N TYR D 162 -23.86 -25.88 10.57
CA TYR D 162 -24.41 -26.84 11.49
C TYR D 162 -24.86 -26.19 12.79
N THR D 163 -26.10 -26.51 13.21
CA THR D 163 -26.74 -26.04 14.44
C THR D 163 -26.28 -26.93 15.60
N THR D 164 -26.66 -26.58 16.85
CA THR D 164 -26.33 -27.31 18.08
C THR D 164 -26.88 -28.75 18.06
N ASP D 165 -27.82 -29.06 17.14
CA ASP D 165 -28.39 -30.39 16.93
C ASP D 165 -27.41 -31.32 16.22
N ASP D 166 -26.46 -30.75 15.45
CA ASP D 166 -25.49 -31.51 14.67
C ASP D 166 -24.05 -31.36 15.17
N ILE D 167 -23.66 -30.17 15.69
CA ILE D 167 -22.31 -29.92 16.19
C ILE D 167 -22.35 -29.27 17.56
N GLU D 168 -21.39 -29.66 18.40
CA GLU D 168 -21.14 -29.10 19.72
C GLU D 168 -19.65 -28.79 19.83
N PHE D 169 -19.33 -27.58 20.31
CA PHE D 169 -17.95 -27.12 20.48
C PHE D 169 -17.58 -27.12 21.95
N TYR D 170 -16.30 -27.36 22.26
CA TYR D 170 -15.79 -27.29 23.62
C TYR D 170 -14.29 -27.02 23.62
N TRP D 171 -13.79 -26.35 24.67
CA TRP D 171 -12.36 -26.10 24.83
C TRP D 171 -11.71 -27.38 25.36
N ARG D 172 -10.85 -28.02 24.54
CA ARG D 172 -10.18 -29.27 24.93
C ARG D 172 -8.99 -28.94 25.84
N GLY D 173 -9.20 -29.15 27.13
CA GLY D 173 -8.21 -28.89 28.16
C GLY D 173 -8.67 -27.84 29.15
N GLY D 174 -9.93 -27.40 28.98
CA GLY D 174 -10.58 -26.39 29.81
C GLY D 174 -9.89 -25.05 29.74
N ASP D 175 -9.53 -24.51 30.92
CA ASP D 175 -8.84 -23.23 31.06
C ASP D 175 -7.43 -23.28 30.45
N LYS D 176 -6.86 -24.49 30.25
CA LYS D 176 -5.52 -24.65 29.69
C LYS D 176 -5.54 -25.03 28.18
N ALA D 177 -6.70 -24.79 27.50
CA ALA D 177 -6.87 -25.07 26.06
C ALA D 177 -6.06 -24.12 25.15
N VAL D 178 -5.92 -22.84 25.55
CA VAL D 178 -5.16 -21.85 24.78
C VAL D 178 -3.81 -21.63 25.47
N THR D 179 -2.71 -21.81 24.70
CA THR D 179 -1.34 -21.65 25.17
C THR D 179 -0.58 -20.58 24.34
N GLY D 180 0.53 -20.09 24.87
CA GLY D 180 1.40 -19.14 24.21
C GLY D 180 1.06 -17.67 24.39
N VAL D 181 0.06 -17.37 25.25
CA VAL D 181 -0.40 -16.01 25.55
C VAL D 181 0.65 -15.28 26.39
N GLU D 182 1.39 -16.03 27.24
CA GLU D 182 2.42 -15.45 28.11
C GLU D 182 3.73 -15.17 27.35
N ARG D 183 3.93 -15.84 26.20
CA ARG D 183 5.09 -15.70 25.33
C ARG D 183 4.94 -14.56 24.30
N ILE D 184 3.79 -13.84 24.30
CA ILE D 184 3.45 -12.75 23.37
C ILE D 184 4.37 -11.55 23.61
N GLU D 185 5.04 -11.08 22.54
CA GLU D 185 6.01 -9.97 22.55
C GLU D 185 5.46 -8.75 21.82
N LEU D 186 4.54 -8.00 22.47
CA LEU D 186 4.01 -6.78 21.87
C LEU D 186 4.79 -5.56 22.44
N PRO D 187 5.44 -4.71 21.60
CA PRO D 187 6.22 -3.60 22.17
C PRO D 187 5.40 -2.50 22.86
N GLN D 188 4.23 -2.15 22.31
CA GLN D 188 3.37 -1.10 22.85
C GLN D 188 2.27 -1.64 23.79
N PHE D 189 2.05 -2.96 23.84
CA PHE D 189 1.02 -3.55 24.70
C PHE D 189 1.50 -4.69 25.56
N SER D 190 0.77 -4.98 26.62
CA SER D 190 1.06 -6.11 27.50
C SER D 190 -0.24 -6.88 27.78
N ILE D 191 -0.27 -8.22 27.47
CA ILE D 191 -1.45 -9.05 27.75
C ILE D 191 -1.53 -9.19 29.27
N VAL D 192 -2.57 -8.61 29.84
CA VAL D 192 -2.79 -8.56 31.27
C VAL D 192 -3.62 -9.81 31.76
N GLU D 193 -4.50 -10.35 30.88
CA GLU D 193 -5.40 -11.45 31.16
C GLU D 193 -5.99 -12.01 29.88
N HIS D 194 -6.42 -13.29 29.93
CA HIS D 194 -7.12 -13.95 28.82
C HIS D 194 -8.20 -14.88 29.37
N ARG D 195 -9.37 -14.95 28.70
CA ARG D 195 -10.50 -15.76 29.16
C ARG D 195 -11.15 -16.61 28.03
N LEU D 196 -11.43 -17.91 28.35
CA LEU D 196 -12.09 -18.84 27.43
C LEU D 196 -13.55 -18.91 27.79
N VAL D 197 -14.42 -18.89 26.78
CA VAL D 197 -15.87 -18.89 26.96
C VAL D 197 -16.52 -19.88 25.99
N SER D 198 -17.53 -20.65 26.48
CA SER D 198 -18.35 -21.59 25.68
C SER D 198 -19.80 -21.13 25.77
N ARG D 199 -20.49 -21.04 24.63
CA ARG D 199 -21.88 -20.59 24.55
C ARG D 199 -22.64 -21.31 23.47
N ASN D 200 -23.92 -20.98 23.34
CA ASN D 200 -24.81 -21.45 22.29
C ASN D 200 -25.66 -20.25 21.86
N VAL D 201 -25.21 -19.56 20.82
CA VAL D 201 -25.83 -18.34 20.32
C VAL D 201 -27.05 -18.70 19.45
N VAL D 202 -28.21 -18.12 19.78
CA VAL D 202 -29.47 -18.38 19.07
C VAL D 202 -29.65 -17.38 17.91
N PHE D 203 -30.00 -17.89 16.73
CA PHE D 203 -30.25 -17.13 15.51
C PHE D 203 -31.55 -17.62 14.82
N ALA D 204 -31.94 -16.98 13.69
CA ALA D 204 -33.15 -17.31 12.93
C ALA D 204 -33.11 -18.76 12.41
N THR D 205 -31.92 -19.19 11.95
CA THR D 205 -31.65 -20.53 11.42
C THR D 205 -31.37 -21.58 12.54
N GLY D 206 -31.50 -21.17 13.81
CA GLY D 206 -31.31 -22.02 14.97
C GLY D 206 -30.21 -21.60 15.93
N ALA D 207 -29.92 -22.46 16.94
CA ALA D 207 -28.87 -22.26 17.93
C ALA D 207 -27.55 -22.76 17.38
N TYR D 208 -26.48 -21.99 17.57
CA TYR D 208 -25.16 -22.36 17.04
C TYR D 208 -24.11 -22.47 18.15
N PRO D 209 -23.17 -23.43 18.08
CA PRO D 209 -22.14 -23.52 19.12
C PRO D 209 -21.12 -22.40 18.98
N ARG D 210 -20.72 -21.78 20.10
CA ARG D 210 -19.72 -20.73 20.00
C ARG D 210 -18.66 -20.84 21.06
N LEU D 211 -17.39 -20.81 20.65
CA LEU D 211 -16.26 -20.70 21.55
C LEU D 211 -15.76 -19.27 21.43
N SER D 212 -15.22 -18.73 22.52
CA SER D 212 -14.75 -17.35 22.52
C SER D 212 -13.44 -17.23 23.28
N LEU D 213 -12.41 -16.65 22.62
CA LEU D 213 -11.10 -16.37 23.24
C LEU D 213 -11.00 -14.84 23.42
N SER D 214 -10.70 -14.36 24.65
CA SER D 214 -10.60 -12.91 24.94
C SER D 214 -9.28 -12.49 25.55
N PHE D 215 -8.69 -11.41 25.08
CA PHE D 215 -7.49 -10.85 25.67
C PHE D 215 -7.75 -9.48 26.26
N ARG D 216 -7.03 -9.13 27.33
CA ARG D 216 -7.08 -7.77 27.82
C ARG D 216 -5.68 -7.17 27.64
N LEU D 217 -5.57 -6.17 26.73
CA LEU D 217 -4.35 -5.48 26.36
C LEU D 217 -4.16 -4.20 27.17
N LYS D 218 -2.97 -4.00 27.77
CA LYS D 218 -2.69 -2.77 28.49
C LYS D 218 -1.58 -2.04 27.75
N ARG D 219 -1.86 -0.78 27.34
CA ARG D 219 -0.94 0.08 26.60
C ARG D 219 0.22 0.54 27.48
N ASN D 220 1.43 0.58 26.91
CA ASN D 220 2.65 1.03 27.59
C ASN D 220 2.83 2.53 27.30
N ILE D 221 2.75 3.36 28.35
CA ILE D 221 2.81 4.82 28.31
C ILE D 221 4.14 5.39 27.74
N GLY D 222 5.23 4.63 27.89
CA GLY D 222 6.59 4.99 27.50
C GLY D 222 6.74 5.81 26.24
N TYR D 223 6.22 5.28 25.12
CA TYR D 223 6.30 5.93 23.80
C TYR D 223 5.64 7.32 23.82
N PHE D 224 4.46 7.41 24.43
CA PHE D 224 3.66 8.63 24.50
C PHE D 224 4.29 9.69 25.38
N ILE D 225 4.99 9.27 26.47
CA ILE D 225 5.72 10.17 27.36
C ILE D 225 6.80 10.88 26.54
N LEU D 226 7.52 10.10 25.72
CA LEU D 226 8.59 10.58 24.87
C LEU D 226 8.09 11.33 23.65
N GLN D 227 6.95 10.93 23.06
CA GLN D 227 6.48 11.55 21.81
C GLN D 227 5.55 12.73 21.99
N THR D 228 4.65 12.67 22.98
CA THR D 228 3.65 13.71 23.12
C THR D 228 3.76 14.46 24.43
N TYR D 229 3.90 13.76 25.57
CA TYR D 229 3.92 14.41 26.86
C TYR D 229 5.15 15.30 27.06
N MET D 230 6.39 14.78 26.88
CA MET D 230 7.60 15.60 27.05
C MET D 230 7.62 16.79 26.07
N PRO D 231 7.33 16.62 24.74
CA PRO D 231 7.31 17.79 23.85
C PRO D 231 6.29 18.88 24.28
N SER D 232 5.17 18.52 24.93
CA SER D 232 4.20 19.49 25.45
C SER D 232 4.74 20.26 26.66
N ILE D 233 5.39 19.52 27.60
CA ILE D 233 5.99 20.11 28.79
C ILE D 233 7.08 21.07 28.36
N LEU D 234 7.93 20.65 27.39
CA LEU D 234 9.02 21.47 26.86
C LEU D 234 8.54 22.72 26.15
N ILE D 235 7.46 22.65 25.35
CA ILE D 235 6.92 23.82 24.64
C ILE D 235 6.32 24.82 25.65
N THR D 236 5.62 24.32 26.71
CA THR D 236 5.08 25.29 27.67
C THR D 236 6.23 25.90 28.50
N ILE D 237 7.33 25.12 28.78
CA ILE D 237 8.46 25.70 29.51
C ILE D 237 9.09 26.81 28.61
N LEU D 238 9.22 26.54 27.29
CA LEU D 238 9.72 27.53 26.34
C LEU D 238 8.89 28.82 26.40
N SER D 239 7.55 28.71 26.46
CA SER D 239 6.65 29.86 26.53
C SER D 239 6.94 30.77 27.72
N TRP D 240 7.45 30.18 28.83
CA TRP D 240 7.72 30.90 30.08
C TRP D 240 8.96 31.76 30.02
N VAL D 241 9.90 31.47 29.08
CA VAL D 241 11.12 32.25 28.90
C VAL D 241 10.76 33.76 28.61
N SER D 242 9.60 34.00 27.96
CA SER D 242 9.11 35.33 27.63
C SER D 242 9.02 36.28 28.85
N PHE D 243 8.54 35.78 30.03
CA PHE D 243 8.37 36.57 31.27
C PHE D 243 9.70 37.13 31.82
N TRP D 244 10.84 36.54 31.42
CA TRP D 244 12.18 36.96 31.82
C TRP D 244 12.82 37.88 30.79
N ILE D 245 12.19 38.06 29.61
CA ILE D 245 12.68 38.93 28.55
C ILE D 245 12.02 40.35 28.69
N ASN D 246 12.81 41.41 28.49
CA ASN D 246 12.40 42.81 28.60
C ASN D 246 11.13 43.08 27.79
N TYR D 247 10.15 43.79 28.38
CA TYR D 247 8.89 44.05 27.70
C TYR D 247 9.07 44.99 26.49
N ASP D 248 10.25 45.62 26.37
CA ASP D 248 10.61 46.43 25.20
C ASP D 248 10.76 45.54 23.95
N ALA D 249 11.06 44.24 24.16
CA ALA D 249 11.29 43.23 23.13
C ALA D 249 9.96 42.66 22.60
N SER D 250 9.22 43.52 21.86
CA SER D 250 7.93 43.18 21.30
C SER D 250 8.05 41.96 20.32
N ALA D 251 8.96 42.00 19.29
CA ALA D 251 9.11 40.88 18.33
C ALA D 251 9.50 39.57 19.04
N ALA D 252 10.53 39.60 19.88
CA ALA D 252 11.02 38.44 20.64
C ALA D 252 9.92 37.82 21.45
N ARG D 253 9.21 38.64 22.24
CA ARG D 253 8.14 38.08 23.08
C ARG D 253 6.90 37.60 22.26
N VAL D 254 6.55 38.29 21.15
CA VAL D 254 5.45 37.84 20.29
C VAL D 254 5.91 36.57 19.53
N ALA D 255 7.18 36.51 19.08
CA ALA D 255 7.75 35.31 18.41
C ALA D 255 7.64 34.10 19.32
N LEU D 256 7.96 34.24 20.65
CA LEU D 256 7.83 33.12 21.58
C LEU D 256 6.38 32.70 21.71
N GLY D 257 5.46 33.67 21.77
CA GLY D 257 4.03 33.44 21.84
C GLY D 257 3.48 32.67 20.66
N ILE D 258 3.66 33.20 19.44
CA ILE D 258 3.22 32.57 18.20
C ILE D 258 3.78 31.15 18.08
N THR D 259 5.10 30.99 18.25
CA THR D 259 5.81 29.72 18.12
C THR D 259 5.21 28.65 19.03
N THR D 260 5.09 28.95 20.35
CA THR D 260 4.55 28.01 21.32
C THR D 260 3.05 27.75 21.10
N VAL D 261 2.27 28.77 20.67
CA VAL D 261 0.83 28.60 20.43
C VAL D 261 0.62 27.67 19.22
N LEU D 262 1.35 27.90 18.09
CA LEU D 262 1.18 27.05 16.90
C LEU D 262 1.74 25.66 17.09
N THR D 263 2.92 25.50 17.73
CA THR D 263 3.53 24.18 17.96
C THR D 263 2.55 23.28 18.76
N MET D 264 1.85 23.88 19.77
CA MET D 264 0.83 23.22 20.60
C MET D 264 -0.32 22.72 19.78
N THR D 265 -0.80 23.54 18.83
CA THR D 265 -1.90 23.21 17.93
C THR D 265 -1.47 22.03 17.04
N THR D 266 -0.26 22.05 16.45
CA THR D 266 0.19 20.97 15.58
C THR D 266 0.39 19.65 16.38
N ILE D 267 0.89 19.70 17.66
CA ILE D 267 1.05 18.49 18.49
C ILE D 267 -0.32 17.80 18.63
N ASN D 268 -1.38 18.59 18.88
CA ASN D 268 -2.73 18.05 19.05
C ASN D 268 -3.32 17.57 17.72
N THR D 269 -3.26 18.40 16.66
CA THR D 269 -3.84 17.99 15.38
C THR D 269 -3.10 16.82 14.75
N HIS D 270 -1.78 16.74 14.94
CA HIS D 270 -0.97 15.66 14.38
C HIS D 270 -1.40 14.34 14.99
N LEU D 271 -1.42 14.25 16.34
CA LEU D 271 -1.80 13.05 17.09
C LEU D 271 -3.19 12.52 16.63
N ARG D 272 -4.16 13.44 16.42
CA ARG D 272 -5.50 13.12 15.95
C ARG D 272 -5.49 12.42 14.58
N GLU D 273 -4.55 12.79 13.69
CA GLU D 273 -4.43 12.20 12.36
C GLU D 273 -3.78 10.80 12.39
N THR D 274 -3.01 10.47 13.44
CA THR D 274 -2.36 9.16 13.62
C THR D 274 -3.38 8.06 14.02
N LEU D 275 -4.60 8.51 14.38
CA LEU D 275 -5.67 7.64 14.88
C LEU D 275 -6.94 7.66 14.00
N PRO D 276 -7.92 6.72 14.19
CA PRO D 276 -9.14 6.78 13.35
C PRO D 276 -10.04 7.98 13.72
N LYS D 277 -10.82 8.47 12.77
CA LYS D 277 -11.67 9.67 12.91
C LYS D 277 -12.88 9.47 13.86
N ILE D 278 -12.57 9.34 15.17
CA ILE D 278 -13.52 9.24 16.27
C ILE D 278 -14.05 10.65 16.58
N PRO D 279 -15.33 10.78 17.04
CA PRO D 279 -15.88 12.13 17.30
C PRO D 279 -15.69 12.65 18.74
N TYR D 280 -15.25 11.78 19.66
CA TYR D 280 -15.05 12.14 21.05
C TYR D 280 -13.64 12.67 21.33
N VAL D 281 -13.41 13.12 22.59
CA VAL D 281 -12.13 13.69 23.03
C VAL D 281 -11.43 12.68 23.99
N LYS D 282 -10.15 12.37 23.66
CA LYS D 282 -9.29 11.42 24.37
C LYS D 282 -8.61 12.04 25.59
N ALA D 283 -7.96 11.19 26.42
CA ALA D 283 -7.22 11.60 27.61
C ALA D 283 -6.05 12.55 27.24
N ILE D 284 -5.34 12.31 26.10
CA ILE D 284 -4.26 13.22 25.70
C ILE D 284 -4.86 14.55 25.25
N ASP D 285 -5.97 14.48 24.48
CA ASP D 285 -6.63 15.64 23.93
C ASP D 285 -6.97 16.68 25.00
N MET D 286 -7.36 16.24 26.21
CA MET D 286 -7.66 17.22 27.26
C MET D 286 -6.39 17.76 27.92
N TYR D 287 -5.30 16.95 27.97
CA TYR D 287 -4.02 17.41 28.50
C TYR D 287 -3.48 18.48 27.54
N LEU D 288 -3.44 18.14 26.23
CA LEU D 288 -3.00 19.02 25.14
C LEU D 288 -3.87 20.28 24.98
N MET D 289 -5.16 20.22 25.38
CA MET D 289 -6.02 21.41 25.33
C MET D 289 -5.64 22.32 26.52
N GLY D 290 -5.23 21.69 27.64
CA GLY D 290 -4.77 22.40 28.82
C GLY D 290 -3.49 23.16 28.54
N CYS D 291 -2.50 22.51 27.92
CA CYS D 291 -1.22 23.11 27.55
C CYS D 291 -1.43 24.27 26.61
N PHE D 292 -2.39 24.16 25.66
CA PHE D 292 -2.72 25.25 24.75
C PHE D 292 -3.18 26.48 25.54
N VAL D 293 -4.04 26.30 26.55
CA VAL D 293 -4.56 27.39 27.38
C VAL D 293 -3.40 28.06 28.14
N PHE D 294 -2.47 27.28 28.72
CA PHE D 294 -1.31 27.84 29.42
C PHE D 294 -0.45 28.70 28.46
N VAL D 295 -0.20 28.14 27.26
CA VAL D 295 0.64 28.70 26.23
C VAL D 295 -0.02 29.96 25.54
N PHE D 296 -1.37 29.96 25.41
CA PHE D 296 -2.10 31.11 24.87
C PHE D 296 -2.13 32.23 25.91
N LEU D 297 -2.26 31.87 27.22
CA LEU D 297 -2.32 32.87 28.28
C LEU D 297 -0.97 33.60 28.43
N ALA D 298 0.18 32.89 28.20
CA ALA D 298 1.50 33.55 28.24
C ALA D 298 1.54 34.65 27.22
N LEU D 299 1.00 34.41 25.99
CA LEU D 299 0.98 35.43 24.93
C LEU D 299 0.05 36.61 25.29
N LEU D 300 -1.17 36.32 25.84
CA LEU D 300 -2.12 37.33 26.28
C LEU D 300 -1.48 38.16 27.38
N GLU D 301 -0.67 37.49 28.26
CA GLU D 301 0.03 38.20 29.31
C GLU D 301 0.93 39.24 28.67
N TYR D 302 1.73 38.86 27.63
CA TYR D 302 2.59 39.86 26.97
C TYR D 302 1.75 40.97 26.34
N ALA D 303 0.66 40.60 25.63
CA ALA D 303 -0.24 41.58 25.04
C ALA D 303 -0.71 42.58 26.12
N PHE D 304 -1.13 42.07 27.30
CA PHE D 304 -1.57 42.91 28.41
C PHE D 304 -0.43 43.84 28.93
N VAL D 305 0.79 43.28 29.17
CA VAL D 305 1.98 44.02 29.60
C VAL D 305 2.34 45.07 28.53
N ASN D 306 2.33 44.69 27.25
CA ASN D 306 2.64 45.59 26.12
C ASN D 306 1.65 46.72 26.04
N TYR D 307 0.38 46.45 26.37
CA TYR D 307 -0.72 47.39 26.35
C TYR D 307 -0.62 48.39 27.47
N ILE D 308 -0.02 48.04 28.63
CA ILE D 308 -0.01 48.93 29.81
C ILE D 308 1.37 49.53 30.21
N PHE D 309 2.53 48.93 29.82
CA PHE D 309 3.83 49.40 30.32
C PHE D 309 4.17 50.90 30.11
N PHE D 310 3.55 51.61 29.15
CA PHE D 310 3.86 53.05 29.01
C PHE D 310 3.31 53.87 30.21
N SER D 311 2.00 53.75 30.43
CA SER D 311 1.28 54.47 31.47
C SER D 311 1.51 53.88 32.87
N GLN D 312 1.72 52.56 32.96
CA GLN D 312 1.90 51.89 34.25
C GLN D 312 3.13 50.93 34.21
N PRO D 313 4.39 51.46 34.08
CA PRO D 313 5.57 50.56 34.04
C PRO D 313 5.74 49.66 35.27
N ALA D 314 5.44 50.17 36.49
CA ALA D 314 5.54 49.42 37.74
C ALA D 314 4.63 48.19 37.72
N ARG D 315 3.36 48.38 37.27
CA ARG D 315 2.34 47.33 37.17
C ARG D 315 2.78 46.28 36.18
N ALA D 316 3.25 46.73 35.00
CA ALA D 316 3.72 45.84 33.94
C ALA D 316 4.86 44.98 34.45
N ALA D 317 5.87 45.63 35.09
CA ALA D 317 7.02 44.93 35.67
C ALA D 317 6.52 43.85 36.68
N ALA D 318 5.53 44.21 37.53
CA ALA D 318 4.90 43.33 38.52
C ALA D 318 4.21 42.12 37.87
N ILE D 319 3.41 42.36 36.79
CA ILE D 319 2.71 41.28 36.12
C ILE D 319 3.73 40.26 35.57
N ASP D 320 4.88 40.70 35.01
CA ASP D 320 5.91 39.78 34.55
C ASP D 320 6.55 39.03 35.72
N ARG D 321 6.84 39.70 36.87
CA ARG D 321 7.46 38.97 37.97
C ARG D 321 6.49 37.98 38.65
N TRP D 322 5.16 38.22 38.61
CA TRP D 322 4.21 37.26 39.16
C TRP D 322 4.00 36.07 38.23
N SER D 323 3.94 36.33 36.91
CA SER D 323 3.78 35.33 35.88
C SER D 323 4.88 34.28 35.99
N ARG D 324 6.10 34.69 36.37
CA ARG D 324 7.24 33.81 36.55
C ARG D 324 7.02 32.73 37.61
N ILE D 325 6.12 32.95 38.59
CA ILE D 325 5.88 31.98 39.67
C ILE D 325 4.48 31.36 39.49
N VAL D 326 3.45 32.18 39.19
CA VAL D 326 2.09 31.70 39.01
C VAL D 326 1.99 30.64 37.90
N PHE D 327 2.52 30.90 36.68
CA PHE D 327 2.46 29.96 35.56
C PHE D 327 3.11 28.59 35.92
N PRO D 328 4.41 28.50 36.35
CA PRO D 328 4.97 27.17 36.69
C PRO D 328 4.21 26.44 37.80
N PHE D 329 3.73 27.21 38.80
CA PHE D 329 2.97 26.65 39.92
C PHE D 329 1.67 26.01 39.42
N THR D 330 0.87 26.77 38.67
CA THR D 330 -0.43 26.38 38.14
C THR D 330 -0.29 25.19 37.16
N PHE D 331 0.81 25.13 36.39
CA PHE D 331 1.04 24.04 35.44
C PHE D 331 1.34 22.74 36.19
N SER D 332 2.09 22.81 37.30
CA SER D 332 2.37 21.63 38.14
C SER D 332 1.09 21.13 38.76
N LEU D 333 0.22 22.07 39.13
CA LEU D 333 -1.09 21.77 39.70
C LEU D 333 -2.00 21.10 38.68
N PHE D 334 -1.91 21.51 37.38
CA PHE D 334 -2.69 20.94 36.27
C PHE D 334 -2.26 19.47 36.06
N ASN D 335 -0.93 19.23 36.07
CA ASN D 335 -0.33 17.91 35.90
C ASN D 335 -0.71 17.01 37.07
N LEU D 336 -0.68 17.56 38.31
CA LEU D 336 -1.08 16.82 39.50
C LEU D 336 -2.55 16.40 39.40
N VAL D 337 -3.45 17.34 39.07
CA VAL D 337 -4.89 17.05 38.95
C VAL D 337 -5.16 16.01 37.84
N TYR D 338 -4.55 16.20 36.64
CA TYR D 338 -4.73 15.33 35.47
C TYR D 338 -4.20 13.90 35.70
N TRP D 339 -2.96 13.77 36.19
CA TRP D 339 -2.37 12.46 36.38
C TRP D 339 -3.01 11.71 37.54
N LEU D 340 -3.54 12.40 38.57
CA LEU D 340 -4.23 11.71 39.67
C LEU D 340 -5.60 11.25 39.21
N TYR D 341 -6.35 12.13 38.51
CA TYR D 341 -7.67 11.79 37.97
C TYR D 341 -7.60 10.60 36.99
N TYR D 342 -6.57 10.55 36.11
CA TYR D 342 -6.45 9.49 35.12
C TYR D 342 -5.77 8.22 35.67
N VAL D 343 -5.26 8.22 36.92
CA VAL D 343 -4.81 6.96 37.52
C VAL D 343 -5.98 6.49 38.45
N ASN D 344 -6.92 7.44 38.75
CA ASN D 344 -8.16 7.33 39.53
C ASN D 344 -7.92 6.73 40.92
N SER E 13 12.09 -46.58 -24.63
CA SER E 13 10.79 -47.16 -24.26
C SER E 13 10.86 -47.87 -22.90
N PHE E 14 12.06 -48.37 -22.54
CA PHE E 14 12.35 -49.03 -21.27
C PHE E 14 12.16 -48.05 -20.12
N VAL E 15 12.69 -46.83 -20.28
CA VAL E 15 12.64 -45.77 -19.26
C VAL E 15 11.21 -45.25 -19.06
N LYS E 16 10.37 -45.29 -20.14
CA LYS E 16 8.96 -44.85 -20.09
C LYS E 16 8.11 -45.74 -19.13
N GLU E 17 8.24 -47.09 -19.30
CA GLU E 17 7.52 -48.11 -18.54
C GLU E 17 7.97 -48.11 -17.08
N THR E 18 9.30 -47.89 -16.84
CA THR E 18 9.97 -47.86 -15.53
C THR E 18 9.34 -46.85 -14.56
N VAL E 19 9.19 -45.57 -15.00
CA VAL E 19 8.62 -44.47 -14.21
C VAL E 19 7.16 -44.84 -13.83
N ASP E 20 6.40 -45.43 -14.80
CA ASP E 20 5.01 -45.85 -14.60
C ASP E 20 4.93 -47.00 -13.58
N LYS E 21 5.93 -47.92 -13.55
CA LYS E 21 6.01 -49.04 -12.58
C LYS E 21 6.20 -48.52 -11.14
N LEU E 22 7.00 -47.42 -10.97
CA LEU E 22 7.31 -46.79 -9.68
C LEU E 22 6.03 -46.34 -9.00
N LEU E 23 5.22 -45.56 -9.73
CA LEU E 23 4.01 -44.92 -9.22
C LEU E 23 2.76 -45.82 -9.23
N LYS E 24 2.87 -47.06 -9.75
CA LYS E 24 1.78 -48.03 -9.73
C LYS E 24 1.55 -48.52 -8.30
N GLY E 25 0.34 -48.27 -7.78
CA GLY E 25 -0.05 -48.66 -6.43
C GLY E 25 0.59 -47.87 -5.31
N TYR E 26 1.20 -46.72 -5.64
CA TYR E 26 1.85 -45.79 -4.73
C TYR E 26 0.82 -44.99 -3.97
N ASP E 27 0.90 -44.98 -2.63
CA ASP E 27 -0.01 -44.19 -1.79
C ASP E 27 0.71 -42.96 -1.22
N ILE E 28 0.35 -41.73 -1.69
CA ILE E 28 0.96 -40.46 -1.23
C ILE E 28 0.70 -40.22 0.25
N ARG E 29 -0.43 -40.74 0.78
CA ARG E 29 -0.87 -40.63 2.18
C ARG E 29 0.17 -41.17 3.17
N LEU E 30 0.91 -42.20 2.73
CA LEU E 30 1.90 -42.90 3.53
C LEU E 30 3.30 -42.41 3.22
N ARG E 31 4.04 -42.03 4.29
CA ARG E 31 5.43 -41.58 4.20
C ARG E 31 6.35 -42.80 3.93
N PRO E 32 7.56 -42.62 3.35
CA PRO E 32 8.48 -43.77 3.15
C PRO E 32 8.83 -44.48 4.46
N ASP E 33 8.80 -45.83 4.46
CA ASP E 33 9.06 -46.68 5.64
C ASP E 33 7.94 -46.47 6.69
N PHE E 34 6.69 -46.30 6.21
CA PHE E 34 5.48 -45.96 6.98
C PHE E 34 5.40 -46.53 8.43
N GLY E 35 5.59 -47.81 8.63
CA GLY E 35 5.48 -48.30 10.00
C GLY E 35 6.79 -48.49 10.75
N GLY E 36 7.91 -48.19 10.09
CA GLY E 36 9.24 -48.44 10.64
C GLY E 36 10.04 -47.25 11.08
N PRO E 37 11.39 -47.34 10.88
CA PRO E 37 12.27 -46.24 11.30
C PRO E 37 11.95 -44.90 10.63
N PRO E 38 12.25 -43.76 11.29
CA PRO E 38 11.92 -42.44 10.68
C PRO E 38 12.65 -42.19 9.38
N VAL E 39 12.02 -41.44 8.46
CA VAL E 39 12.65 -41.05 7.21
C VAL E 39 13.57 -39.84 7.54
N CYS E 40 14.81 -39.86 7.04
CA CYS E 40 15.79 -38.81 7.33
C CYS E 40 15.86 -37.84 6.20
N VAL E 41 15.37 -36.62 6.45
CA VAL E 41 15.35 -35.57 5.44
C VAL E 41 16.57 -34.66 5.61
N GLY E 42 17.34 -34.52 4.54
CA GLY E 42 18.55 -33.70 4.49
C GLY E 42 18.25 -32.38 3.82
N MET E 43 18.37 -31.31 4.60
CA MET E 43 18.07 -29.95 4.13
C MET E 43 19.37 -29.21 3.76
N ASN E 44 19.24 -28.41 2.71
CA ASN E 44 20.26 -27.62 2.04
C ASN E 44 19.64 -26.30 1.58
N ILE E 45 20.26 -25.16 1.88
CA ILE E 45 19.71 -23.85 1.51
C ILE E 45 20.77 -23.01 0.79
N ASP E 46 20.43 -22.50 -0.42
CA ASP E 46 21.30 -21.57 -1.11
C ASP E 46 20.57 -20.23 -1.08
N ILE E 47 21.07 -19.27 -0.28
CA ILE E 47 20.41 -17.98 -0.13
C ILE E 47 20.69 -17.11 -1.35
N ALA E 48 19.63 -16.82 -2.11
CA ALA E 48 19.69 -15.97 -3.28
C ALA E 48 19.82 -14.52 -2.86
N SER E 49 19.12 -14.10 -1.79
CA SER E 49 19.15 -12.71 -1.33
C SER E 49 18.40 -12.44 -0.04
N ILE E 50 18.78 -11.35 0.64
CA ILE E 50 18.07 -10.81 1.79
C ILE E 50 17.56 -9.50 1.24
N ASP E 51 16.35 -9.55 0.69
CA ASP E 51 15.67 -8.50 -0.05
C ASP E 51 15.37 -7.31 0.78
N MET E 52 15.14 -7.48 2.10
CA MET E 52 14.76 -6.38 2.98
C MET E 52 14.81 -6.76 4.45
N VAL E 53 15.03 -5.74 5.33
CA VAL E 53 15.05 -5.83 6.80
C VAL E 53 14.21 -4.67 7.33
N SER E 54 13.06 -4.95 7.96
CA SER E 54 12.16 -3.93 8.46
C SER E 54 12.13 -3.89 9.98
N GLU E 55 12.39 -2.71 10.55
CA GLU E 55 12.31 -2.47 11.99
C GLU E 55 10.85 -2.22 12.34
N VAL E 56 10.15 -1.46 11.48
CA VAL E 56 8.74 -1.11 11.61
C VAL E 56 7.87 -2.38 11.78
N ASN E 57 8.01 -3.36 10.89
CA ASN E 57 7.23 -4.60 11.01
C ASN E 57 8.06 -5.71 11.61
N MET E 58 9.22 -5.36 12.20
CA MET E 58 10.18 -6.25 12.85
C MET E 58 10.24 -7.64 12.21
N ASP E 59 10.64 -7.64 10.93
CA ASP E 59 10.78 -8.82 10.10
C ASP E 59 11.84 -8.60 8.99
N TYR E 60 12.17 -9.66 8.24
CA TYR E 60 13.11 -9.61 7.12
C TYR E 60 12.63 -10.54 5.98
N THR E 61 12.93 -10.19 4.71
CA THR E 61 12.51 -11.02 3.57
C THR E 61 13.72 -11.67 2.99
N LEU E 62 13.59 -12.95 2.70
CA LEU E 62 14.64 -13.81 2.23
C LEU E 62 14.17 -14.63 1.01
N THR E 63 15.02 -14.73 -0.05
CA THR E 63 14.73 -15.58 -1.22
C THR E 63 15.80 -16.62 -1.25
N MET E 64 15.38 -17.89 -1.43
CA MET E 64 16.33 -19.00 -1.39
C MET E 64 15.91 -20.19 -2.25
N TYR E 65 16.89 -21.07 -2.47
CA TYR E 65 16.74 -22.38 -3.10
C TYR E 65 16.71 -23.36 -1.95
N PHE E 66 15.52 -23.91 -1.67
CA PHE E 66 15.33 -24.82 -0.55
C PHE E 66 15.34 -26.24 -1.07
N GLN E 67 16.38 -27.01 -0.70
CA GLN E 67 16.54 -28.38 -1.19
C GLN E 67 16.40 -29.38 -0.07
N GLN E 68 15.60 -30.44 -0.34
CA GLN E 68 15.32 -31.55 0.58
C GLN E 68 15.72 -32.85 -0.08
N TYR E 69 16.35 -33.76 0.70
CA TYR E 69 16.89 -35.03 0.21
C TYR E 69 16.53 -36.19 1.18
N TRP E 70 15.72 -37.15 0.71
CA TRP E 70 15.29 -38.32 1.49
C TRP E 70 15.18 -39.55 0.59
N ARG E 71 15.07 -40.75 1.19
CA ARG E 71 14.94 -41.97 0.38
C ARG E 71 13.53 -42.49 0.38
N ASP E 72 13.06 -42.93 -0.78
CA ASP E 72 11.78 -43.60 -0.89
C ASP E 72 11.99 -44.87 -1.66
N LYS E 73 12.13 -46.00 -0.96
CA LYS E 73 12.39 -47.29 -1.61
C LYS E 73 11.32 -47.63 -2.66
N ARG E 74 10.07 -47.12 -2.50
CA ARG E 74 8.96 -47.27 -3.46
C ARG E 74 9.29 -46.71 -4.83
N LEU E 75 10.32 -45.84 -4.92
CA LEU E 75 10.73 -45.17 -6.15
C LEU E 75 12.06 -45.68 -6.70
N ALA E 76 12.52 -46.86 -6.23
CA ALA E 76 13.75 -47.48 -6.70
C ALA E 76 13.58 -48.10 -8.09
N TYR E 77 14.57 -47.94 -8.97
CA TYR E 77 14.54 -48.53 -10.30
C TYR E 77 15.85 -49.30 -10.60
N SER E 78 15.70 -50.53 -11.14
CA SER E 78 16.80 -51.46 -11.36
C SER E 78 17.58 -51.32 -12.67
N GLY E 79 16.90 -51.17 -13.80
CA GLY E 79 17.54 -51.19 -15.09
C GLY E 79 18.46 -50.05 -15.46
N ILE E 80 18.02 -48.82 -15.22
CA ILE E 80 18.69 -47.59 -15.61
C ILE E 80 19.87 -47.22 -14.66
N PRO E 81 21.08 -47.00 -15.23
CA PRO E 81 22.24 -46.59 -14.41
C PRO E 81 22.42 -45.06 -14.44
N LEU E 82 21.30 -44.32 -14.50
CA LEU E 82 21.27 -42.86 -14.56
C LEU E 82 20.34 -42.25 -13.53
N ASN E 83 20.57 -40.98 -13.19
CA ASN E 83 19.71 -40.22 -12.29
C ASN E 83 18.62 -39.59 -13.15
N LEU E 84 17.34 -39.77 -12.75
CA LEU E 84 16.23 -39.28 -13.58
C LEU E 84 15.69 -37.88 -13.17
N THR E 85 15.83 -36.88 -14.05
CA THR E 85 15.27 -35.55 -13.81
C THR E 85 13.88 -35.54 -14.47
N LEU E 86 12.85 -35.61 -13.65
CA LEU E 86 11.47 -35.64 -14.12
C LEU E 86 10.84 -34.26 -14.06
N ASP E 87 9.85 -34.00 -14.95
CA ASP E 87 9.12 -32.74 -15.00
C ASP E 87 8.49 -32.49 -13.62
N ASN E 88 8.69 -31.28 -13.04
CA ASN E 88 8.28 -30.88 -11.68
C ASN E 88 6.86 -31.26 -11.29
N ARG E 89 5.92 -31.40 -12.25
CA ARG E 89 4.54 -31.76 -11.97
C ARG E 89 4.41 -33.13 -11.28
N VAL E 90 5.45 -34.02 -11.41
CA VAL E 90 5.48 -35.35 -10.77
C VAL E 90 5.46 -35.24 -9.23
N ALA E 91 5.95 -34.10 -8.66
CA ALA E 91 5.95 -33.83 -7.21
C ALA E 91 4.53 -33.89 -6.60
N ASP E 92 3.49 -33.62 -7.42
CA ASP E 92 2.10 -33.70 -6.99
C ASP E 92 1.64 -35.16 -6.83
N GLN E 93 2.39 -36.11 -7.40
CA GLN E 93 2.10 -37.55 -7.37
C GLN E 93 3.03 -38.30 -6.40
N LEU E 94 3.88 -37.56 -5.65
CA LEU E 94 4.84 -38.17 -4.71
C LEU E 94 4.59 -37.70 -3.30
N TRP E 95 5.06 -38.48 -2.30
CA TRP E 95 5.04 -38.04 -0.91
C TRP E 95 6.20 -37.10 -0.76
N VAL E 96 6.00 -35.98 -0.05
CA VAL E 96 7.04 -34.97 0.25
C VAL E 96 6.95 -34.58 1.74
N PRO E 97 8.08 -34.22 2.39
CA PRO E 97 7.99 -33.82 3.80
C PRO E 97 7.13 -32.56 3.98
N ASP E 98 6.45 -32.47 5.12
CA ASP E 98 5.58 -31.35 5.47
C ASP E 98 6.37 -30.24 6.19
N THR E 99 7.52 -29.92 5.61
CA THR E 99 8.45 -28.90 6.09
C THR E 99 7.80 -27.52 6.01
N TYR E 100 7.91 -26.75 7.11
CA TYR E 100 7.36 -25.41 7.20
C TYR E 100 8.32 -24.52 8.03
N PHE E 101 8.23 -23.18 7.83
CA PHE E 101 9.08 -22.22 8.55
C PHE E 101 8.26 -21.67 9.69
N LEU E 102 8.57 -22.13 10.88
CA LEU E 102 7.87 -21.84 12.11
C LEU E 102 7.64 -20.33 12.36
N ASN E 103 8.64 -19.45 12.01
CA ASN E 103 8.59 -17.99 12.24
C ASN E 103 8.25 -17.20 10.95
N ASP E 104 7.62 -17.88 10.02
CA ASP E 104 7.17 -17.37 8.72
C ASP E 104 5.95 -16.42 8.88
N LYS E 105 5.96 -15.27 8.20
CA LYS E 105 4.82 -14.35 8.21
C LYS E 105 3.97 -14.59 6.97
N LYS E 106 4.63 -14.63 5.79
CA LYS E 106 4.11 -14.94 4.43
C LYS E 106 5.23 -15.59 3.64
N SER E 107 4.90 -16.63 2.88
CA SER E 107 5.87 -17.28 2.01
C SER E 107 5.21 -17.64 0.68
N PHE E 108 6.03 -17.92 -0.36
CA PHE E 108 5.54 -18.35 -1.66
C PHE E 108 6.65 -18.99 -2.51
N VAL E 109 6.27 -19.99 -3.30
CA VAL E 109 7.12 -20.65 -4.28
C VAL E 109 6.90 -19.86 -5.58
N HIS E 110 7.99 -19.48 -6.27
CA HIS E 110 7.87 -18.66 -7.49
C HIS E 110 7.23 -19.55 -8.60
N GLY E 111 6.35 -18.97 -9.40
CA GLY E 111 5.60 -19.76 -10.37
C GLY E 111 5.70 -19.46 -11.86
N VAL E 112 6.65 -18.58 -12.23
CA VAL E 112 6.87 -18.26 -13.65
C VAL E 112 8.27 -18.82 -14.05
N THR E 113 8.40 -19.55 -15.18
CA THR E 113 7.43 -19.89 -16.22
C THR E 113 6.57 -21.07 -15.74
N VAL E 114 7.13 -21.88 -14.85
CA VAL E 114 6.52 -23.03 -14.20
C VAL E 114 6.73 -22.84 -12.69
N LYS E 115 6.19 -23.76 -11.84
CA LYS E 115 6.47 -23.74 -10.40
C LYS E 115 7.98 -23.97 -10.26
N ASN E 116 8.70 -23.11 -9.55
CA ASN E 116 10.15 -23.21 -9.42
C ASN E 116 10.41 -24.36 -8.45
N ARG E 117 10.27 -25.56 -9.00
CA ARG E 117 10.25 -26.86 -8.34
C ARG E 117 11.07 -27.84 -9.16
N MET E 118 11.79 -28.71 -8.48
CA MET E 118 12.65 -29.68 -9.13
C MET E 118 12.60 -31.07 -8.44
N ILE E 119 12.44 -32.16 -9.26
CA ILE E 119 12.46 -33.54 -8.78
C ILE E 119 13.56 -34.30 -9.51
N ARG E 120 14.49 -34.89 -8.76
CA ARG E 120 15.56 -35.71 -9.33
C ARG E 120 15.62 -37.03 -8.59
N LEU E 121 15.28 -38.13 -9.29
CA LEU E 121 15.27 -39.46 -8.73
C LEU E 121 16.60 -40.15 -8.93
N HIS E 122 16.95 -41.07 -8.03
CA HIS E 122 18.18 -41.88 -8.13
C HIS E 122 17.79 -43.35 -8.06
N PRO E 123 18.51 -44.28 -8.77
CA PRO E 123 18.11 -45.70 -8.75
C PRO E 123 17.93 -46.28 -7.33
N ASP E 124 18.70 -45.76 -6.38
CA ASP E 124 18.68 -46.06 -4.96
C ASP E 124 17.27 -45.93 -4.31
N GLY E 125 16.49 -44.97 -4.82
CA GLY E 125 15.17 -44.60 -4.33
C GLY E 125 15.20 -43.18 -3.76
N THR E 126 16.42 -42.59 -3.61
CA THR E 126 16.61 -41.24 -3.05
C THR E 126 16.01 -40.17 -3.97
N VAL E 127 15.43 -39.14 -3.34
CA VAL E 127 14.77 -38.03 -4.02
C VAL E 127 15.50 -36.73 -3.66
N LEU E 128 15.73 -35.88 -4.67
CA LEU E 128 16.25 -34.52 -4.50
C LEU E 128 15.09 -33.59 -4.89
N TYR E 129 14.54 -32.86 -3.92
CA TYR E 129 13.39 -31.99 -4.11
C TYR E 129 13.75 -30.50 -3.86
N GLY E 130 13.69 -29.70 -4.92
CA GLY E 130 14.04 -28.29 -4.85
C GLY E 130 12.88 -27.35 -5.01
N LEU E 131 12.90 -26.24 -4.25
CA LEU E 131 11.89 -25.19 -4.28
C LEU E 131 12.53 -23.81 -4.16
N ARG E 132 12.11 -22.86 -5.00
CA ARG E 132 12.59 -21.47 -4.89
C ARG E 132 11.51 -20.68 -4.13
N ILE E 133 11.82 -20.36 -2.85
CA ILE E 133 10.89 -19.72 -1.93
C ILE E 133 11.33 -18.30 -1.55
N THR E 134 10.35 -17.38 -1.48
CA THR E 134 10.52 -16.06 -0.89
C THR E 134 9.73 -16.11 0.40
N THR E 135 10.41 -15.82 1.53
CA THR E 135 9.86 -15.86 2.90
C THR E 135 10.04 -14.54 3.61
N THR E 136 8.97 -14.03 4.22
CA THR E 136 9.07 -12.90 5.13
C THR E 136 9.00 -13.52 6.50
N ALA E 137 10.12 -13.52 7.21
CA ALA E 137 10.18 -14.12 8.55
C ALA E 137 10.23 -13.03 9.61
N ALA E 138 9.67 -13.32 10.79
CA ALA E 138 9.67 -12.44 11.94
C ALA E 138 11.06 -12.40 12.58
N CYS E 139 11.45 -11.20 13.00
CA CYS E 139 12.72 -10.92 13.66
C CYS E 139 12.48 -9.80 14.66
N MET E 140 12.15 -10.19 15.92
CA MET E 140 11.95 -9.28 17.05
C MET E 140 13.30 -8.61 17.31
N MET E 141 13.30 -7.26 17.33
CA MET E 141 14.53 -6.50 17.46
C MET E 141 14.64 -5.65 18.72
N ASP E 142 15.87 -5.58 19.25
CA ASP E 142 16.20 -4.74 20.38
C ASP E 142 16.88 -3.51 19.83
N LEU E 143 16.20 -2.36 19.88
CA LEU E 143 16.74 -1.12 19.34
C LEU E 143 17.29 -0.18 20.42
N ARG E 144 17.68 -0.71 21.59
CA ARG E 144 18.23 0.11 22.68
C ARG E 144 19.54 0.79 22.26
N ARG E 145 20.37 0.10 21.51
CA ARG E 145 21.66 0.59 21.05
C ARG E 145 21.60 1.18 19.62
N TYR E 146 20.39 1.27 19.02
CA TYR E 146 20.19 1.81 17.67
C TYR E 146 20.75 3.24 17.56
N PRO E 147 21.49 3.60 16.49
CA PRO E 147 21.77 2.80 15.29
C PRO E 147 23.12 2.03 15.35
N LEU E 148 23.73 1.92 16.54
CA LEU E 148 24.97 1.15 16.73
C LEU E 148 24.61 -0.23 17.32
N ASP E 149 23.69 -0.95 16.67
CA ASP E 149 23.16 -2.24 17.14
C ASP E 149 23.43 -3.40 16.17
N GLU E 150 23.32 -4.63 16.71
CA GLU E 150 23.44 -5.92 16.03
C GLU E 150 22.17 -6.70 16.26
N GLN E 151 21.64 -7.31 15.22
CA GLN E 151 20.40 -8.06 15.30
C GLN E 151 20.62 -9.52 14.90
N ASN E 152 19.96 -10.42 15.61
CA ASN E 152 20.05 -11.85 15.31
C ASN E 152 18.72 -12.27 14.71
N CYS E 153 18.73 -12.64 13.42
CA CYS E 153 17.54 -13.08 12.71
C CYS E 153 17.67 -14.55 12.34
N THR E 154 16.58 -15.31 12.54
CA THR E 154 16.62 -16.74 12.29
C THR E 154 15.54 -17.23 11.36
N LEU E 155 15.71 -18.45 10.85
CA LEU E 155 14.76 -19.19 10.05
C LEU E 155 14.59 -20.54 10.73
N GLU E 156 13.40 -20.76 11.29
CA GLU E 156 13.07 -21.98 12.04
C GLU E 156 12.34 -22.96 11.16
N ILE E 157 13.02 -24.07 10.83
CA ILE E 157 12.52 -25.14 9.96
C ILE E 157 11.99 -26.31 10.81
N GLU E 158 10.75 -26.76 10.55
CA GLU E 158 10.15 -27.86 11.31
C GLU E 158 9.17 -28.69 10.48
N SER E 159 8.83 -29.89 11.01
CA SER E 159 7.82 -30.76 10.43
C SER E 159 6.45 -30.34 10.98
N TYR E 160 5.44 -30.22 10.11
CA TYR E 160 4.15 -29.76 10.61
C TYR E 160 3.37 -30.84 11.38
N GLY E 161 3.28 -32.05 10.84
CA GLY E 161 2.50 -33.12 11.47
C GLY E 161 3.24 -34.34 11.98
N TYR E 162 4.39 -34.64 11.37
CA TYR E 162 5.18 -35.82 11.73
C TYR E 162 6.10 -35.53 12.89
N THR E 163 6.10 -36.43 13.88
CA THR E 163 6.94 -36.38 15.06
C THR E 163 8.30 -37.03 14.75
N THR E 164 9.25 -36.99 15.71
CA THR E 164 10.61 -37.55 15.60
C THR E 164 10.58 -39.10 15.37
N ASP E 165 9.42 -39.73 15.61
CA ASP E 165 9.21 -41.16 15.39
C ASP E 165 9.03 -41.47 13.89
N ASP E 166 8.60 -40.47 13.10
CA ASP E 166 8.34 -40.62 11.67
C ASP E 166 9.31 -39.87 10.81
N ILE E 167 9.84 -38.74 11.32
CA ILE E 167 10.68 -37.86 10.52
C ILE E 167 11.85 -37.27 11.31
N GLU E 168 13.03 -37.26 10.68
CA GLU E 168 14.26 -36.72 11.25
C GLU E 168 14.87 -35.75 10.25
N PHE E 169 15.27 -34.57 10.72
CA PHE E 169 15.87 -33.52 9.92
C PHE E 169 17.37 -33.43 10.20
N TYR E 170 18.16 -33.06 9.17
CA TYR E 170 19.59 -32.85 9.30
C TYR E 170 20.09 -31.89 8.23
N TRP E 171 21.14 -31.12 8.54
CA TRP E 171 21.77 -30.22 7.59
C TRP E 171 22.66 -31.06 6.68
N ARG E 172 22.32 -31.15 5.39
CA ARG E 172 23.07 -31.96 4.42
C ARG E 172 24.32 -31.16 3.97
N GLY E 173 25.46 -31.54 4.53
CA GLY E 173 26.74 -30.91 4.29
C GLY E 173 27.33 -30.28 5.54
N GLY E 174 26.64 -30.48 6.67
CA GLY E 174 27.02 -29.96 7.98
C GLY E 174 27.05 -28.44 8.04
N ASP E 175 28.17 -27.87 8.47
CA ASP E 175 28.34 -26.42 8.55
C ASP E 175 28.35 -25.76 7.17
N LYS E 176 28.54 -26.54 6.09
CA LYS E 176 28.56 -26.01 4.73
C LYS E 176 27.21 -26.24 3.98
N ALA E 177 26.12 -26.54 4.73
CA ALA E 177 24.78 -26.78 4.18
C ALA E 177 24.11 -25.50 3.62
N VAL E 178 24.34 -24.34 4.24
CA VAL E 178 23.77 -23.07 3.79
C VAL E 178 24.86 -22.27 3.06
N THR E 179 24.57 -21.87 1.81
CA THR E 179 25.50 -21.12 0.96
C THR E 179 24.90 -19.77 0.52
N GLY E 180 25.74 -18.86 0.06
CA GLY E 180 25.31 -17.56 -0.46
C GLY E 180 25.15 -16.45 0.56
N VAL E 181 25.54 -16.70 1.83
CA VAL E 181 25.45 -15.73 2.93
C VAL E 181 26.52 -14.64 2.75
N GLU E 182 27.66 -14.99 2.14
CA GLU E 182 28.78 -14.06 1.93
C GLU E 182 28.53 -13.15 0.71
N ARG E 183 27.65 -13.55 -0.23
CA ARG E 183 27.35 -12.72 -1.40
C ARG E 183 26.08 -11.83 -1.18
N ILE E 184 25.59 -11.75 0.08
CA ILE E 184 24.45 -10.91 0.47
C ILE E 184 24.87 -9.44 0.41
N GLU E 185 24.11 -8.63 -0.35
CA GLU E 185 24.38 -7.20 -0.54
C GLU E 185 23.29 -6.34 0.11
N LEU E 186 23.36 -6.18 1.45
CA LEU E 186 22.44 -5.32 2.18
C LEU E 186 23.07 -3.92 2.32
N PRO E 187 22.42 -2.81 1.87
CA PRO E 187 23.09 -1.49 1.95
C PRO E 187 23.27 -0.96 3.38
N GLN E 188 22.27 -1.15 4.26
CA GLN E 188 22.31 -0.65 5.64
C GLN E 188 22.85 -1.70 6.65
N PHE E 189 23.00 -2.97 6.24
CA PHE E 189 23.48 -4.02 7.14
C PHE E 189 24.61 -4.85 6.57
N SER E 190 25.35 -5.52 7.46
CA SER E 190 26.42 -6.43 7.05
C SER E 190 26.32 -7.73 7.84
N ILE E 191 26.22 -8.90 7.12
CA ILE E 191 26.16 -10.21 7.80
C ILE E 191 27.54 -10.45 8.40
N VAL E 192 27.60 -10.47 9.73
CA VAL E 192 28.83 -10.60 10.49
C VAL E 192 29.15 -12.10 10.79
N GLU E 193 28.09 -12.93 10.91
CA GLU E 193 28.18 -14.36 11.23
C GLU E 193 26.86 -15.08 10.93
N HIS E 194 26.92 -16.41 10.70
CA HIS E 194 25.73 -17.25 10.54
C HIS E 194 25.99 -18.63 11.19
N ARG E 195 24.94 -19.21 11.84
CA ARG E 195 25.04 -20.48 12.55
C ARG E 195 23.89 -21.46 12.21
N LEU E 196 24.26 -22.76 12.02
CA LEU E 196 23.29 -23.84 11.75
C LEU E 196 23.10 -24.61 13.03
N VAL E 197 21.85 -24.97 13.35
CA VAL E 197 21.51 -25.67 14.59
C VAL E 197 20.51 -26.79 14.28
N SER E 198 20.69 -27.96 14.93
CA SER E 198 19.79 -29.12 14.84
C SER E 198 19.30 -29.45 16.25
N ARG E 199 17.97 -29.59 16.42
CA ARG E 199 17.32 -29.90 17.71
C ARG E 199 16.12 -30.84 17.52
N ASN E 200 15.49 -31.21 18.65
CA ASN E 200 14.26 -31.98 18.72
C ASN E 200 13.39 -31.30 19.79
N VAL E 201 12.53 -30.39 19.35
CA VAL E 201 11.66 -29.59 20.21
C VAL E 201 10.44 -30.42 20.66
N VAL E 202 10.24 -30.50 21.99
CA VAL E 202 9.15 -31.27 22.60
C VAL E 202 7.90 -30.39 22.74
N PHE E 203 6.73 -30.93 22.31
CA PHE E 203 5.42 -30.29 22.39
C PHE E 203 4.38 -31.29 22.94
N ALA E 204 3.10 -30.81 23.09
CA ALA E 204 1.99 -31.62 23.61
C ALA E 204 1.72 -32.84 22.72
N THR E 205 1.80 -32.64 21.39
CA THR E 205 1.57 -33.67 20.35
C THR E 205 2.84 -34.52 20.08
N GLY E 206 3.92 -34.31 20.86
CA GLY E 206 5.17 -35.05 20.78
C GLY E 206 6.41 -34.23 20.47
N ALA E 207 7.55 -34.93 20.23
CA ALA E 207 8.85 -34.32 19.89
C ALA E 207 8.90 -34.09 18.39
N TYR E 208 9.37 -32.92 17.96
CA TYR E 208 9.43 -32.57 16.55
C TYR E 208 10.86 -32.25 16.09
N PRO E 209 11.27 -32.65 14.86
CA PRO E 209 12.62 -32.30 14.41
C PRO E 209 12.71 -30.81 14.07
N ARG E 210 13.81 -30.14 14.49
CA ARG E 210 13.95 -28.75 14.15
C ARG E 210 15.34 -28.41 13.65
N LEU E 211 15.37 -27.69 12.53
CA LEU E 211 16.58 -27.12 11.97
C LEU E 211 16.49 -25.63 12.20
N SER E 212 17.63 -24.98 12.42
CA SER E 212 17.62 -23.55 12.69
C SER E 212 18.78 -22.84 11.98
N LEU E 213 18.45 -21.81 11.19
CA LEU E 213 19.45 -20.97 10.50
C LEU E 213 19.44 -19.61 11.15
N SER E 214 20.59 -19.13 11.61
CA SER E 214 20.68 -17.81 12.26
C SER E 214 21.78 -16.97 11.70
N PHE E 215 21.51 -15.69 11.49
CA PHE E 215 22.57 -14.80 11.06
C PHE E 215 22.57 -13.57 11.96
N ARG E 216 23.74 -12.93 12.09
CA ARG E 216 23.93 -11.74 12.91
C ARG E 216 24.21 -10.55 12.00
N LEU E 217 23.29 -9.57 12.02
CA LEU E 217 23.31 -8.36 11.20
C LEU E 217 23.93 -7.18 11.95
N LYS E 218 24.88 -6.48 11.32
CA LYS E 218 25.48 -5.29 11.94
C LYS E 218 25.13 -4.07 11.10
N ARG E 219 24.46 -3.07 11.73
CA ARG E 219 24.02 -1.83 11.08
C ARG E 219 25.19 -0.93 10.70
N ASN E 220 25.10 -0.30 9.52
CA ASN E 220 26.10 0.65 9.00
C ASN E 220 25.68 2.08 9.39
N ILE E 221 26.51 2.71 10.23
CA ILE E 221 26.28 4.04 10.83
C ILE E 221 26.17 5.20 9.78
N GLY E 222 26.78 5.01 8.60
CA GLY E 222 26.86 5.99 7.52
C GLY E 222 25.64 6.86 7.29
N TYR E 223 24.48 6.21 7.05
CA TYR E 223 23.21 6.90 6.79
C TYR E 223 22.81 7.81 7.96
N PHE E 224 22.96 7.32 9.19
CA PHE E 224 22.57 8.02 10.42
C PHE E 224 23.47 9.21 10.68
N ILE E 225 24.77 9.10 10.34
CA ILE E 225 25.75 10.20 10.49
C ILE E 225 25.28 11.36 9.62
N LEU E 226 24.89 11.06 8.39
CA LEU E 226 24.41 12.02 7.43
C LEU E 226 22.98 12.51 7.70
N GLN E 227 22.09 11.65 8.23
CA GLN E 227 20.69 12.05 8.43
C GLN E 227 20.37 12.65 9.77
N THR E 228 20.98 12.14 10.85
CA THR E 228 20.62 12.59 12.18
C THR E 228 21.78 13.23 12.90
N TYR E 229 22.97 12.60 12.90
CA TYR E 229 24.10 13.14 13.65
C TYR E 229 24.61 14.49 13.10
N MET E 230 24.92 14.61 11.81
CA MET E 230 25.39 15.87 11.24
C MET E 230 24.35 16.99 11.37
N PRO E 231 23.05 16.78 11.05
CA PRO E 231 22.06 17.85 11.27
C PRO E 231 21.95 18.31 12.73
N SER E 232 22.17 17.42 13.70
CA SER E 232 22.14 17.81 15.11
C SER E 232 23.38 18.61 15.52
N ILE E 233 24.57 18.25 14.99
CA ILE E 233 25.80 18.96 15.30
C ILE E 233 25.69 20.36 14.73
N LEU E 234 25.17 20.48 13.47
CA LEU E 234 25.01 21.78 12.83
C LEU E 234 24.00 22.66 13.56
N ILE E 235 22.88 22.09 14.03
CA ILE E 235 21.86 22.87 14.77
C ILE E 235 22.46 23.40 16.07
N THR E 236 23.24 22.57 16.79
CA THR E 236 23.94 22.99 18.01
C THR E 236 24.98 24.08 17.67
N ILE E 237 25.74 23.92 16.54
CA ILE E 237 26.71 24.95 16.17
C ILE E 237 25.97 26.27 15.85
N LEU E 238 24.85 26.19 15.12
CA LEU E 238 24.04 27.37 14.78
C LEU E 238 23.50 28.07 16.06
N SER E 239 23.28 27.31 17.16
CA SER E 239 22.81 27.92 18.41
C SER E 239 23.87 28.84 19.06
N TRP E 240 25.17 28.61 18.77
CA TRP E 240 26.30 29.35 19.33
C TRP E 240 26.56 30.65 18.60
N VAL E 241 25.98 30.85 17.41
CA VAL E 241 26.13 32.12 16.68
C VAL E 241 25.55 33.28 17.56
N SER E 242 24.49 33.00 18.35
CA SER E 242 23.83 33.95 19.24
C SER E 242 24.82 34.69 20.19
N PHE E 243 25.79 33.97 20.80
CA PHE E 243 26.77 34.52 21.75
C PHE E 243 27.70 35.62 21.14
N TRP E 244 27.84 35.64 19.79
CA TRP E 244 28.62 36.65 19.08
C TRP E 244 27.74 37.80 18.59
N ILE E 245 26.40 37.70 18.74
CA ILE E 245 25.48 38.76 18.33
C ILE E 245 25.18 39.68 19.56
N ASN E 246 25.15 41.02 19.32
CA ASN E 246 24.92 42.06 20.33
C ASN E 246 23.68 41.73 21.17
N TYR E 247 23.77 41.86 22.50
CA TYR E 247 22.64 41.52 23.37
C TYR E 247 21.46 42.49 23.20
N ASP E 248 21.69 43.63 22.50
CA ASP E 248 20.63 44.58 22.14
C ASP E 248 19.67 43.92 21.13
N ALA E 249 20.15 42.91 20.37
CA ALA E 249 19.42 42.19 19.34
C ALA E 249 18.50 41.09 19.95
N SER E 250 17.44 41.55 20.65
CA SER E 250 16.51 40.67 21.31
C SER E 250 15.82 39.70 20.31
N ALA E 251 15.18 40.21 19.20
CA ALA E 251 14.51 39.34 18.20
C ALA E 251 15.47 38.32 17.58
N ALA E 252 16.62 38.77 17.06
CA ALA E 252 17.66 37.96 16.43
C ALA E 252 18.10 36.83 17.37
N ARG E 253 18.46 37.19 18.61
CA ARG E 253 18.93 36.17 19.53
C ARG E 253 17.80 35.21 20.01
N VAL E 254 16.56 35.71 20.19
CA VAL E 254 15.42 34.85 20.56
C VAL E 254 15.07 33.96 19.34
N ALA E 255 15.12 34.53 18.09
CA ALA E 255 14.85 33.79 16.84
C ALA E 255 15.83 32.61 16.72
N LEU E 256 17.12 32.85 17.02
CA LEU E 256 18.12 31.80 16.99
C LEU E 256 17.80 30.70 18.03
N GLY E 257 17.34 31.09 19.23
CA GLY E 257 16.94 30.19 20.31
C GLY E 257 15.74 29.31 19.96
N ILE E 258 14.61 29.95 19.60
CA ILE E 258 13.38 29.27 19.20
C ILE E 258 13.67 28.26 18.05
N THR E 259 14.31 28.73 16.98
CA THR E 259 14.62 27.94 15.80
C THR E 259 15.39 26.68 16.13
N THR E 260 16.49 26.80 16.91
CA THR E 260 17.32 25.65 17.24
C THR E 260 16.65 24.77 18.29
N VAL E 261 15.82 25.33 19.19
CA VAL E 261 15.13 24.50 20.18
C VAL E 261 14.05 23.64 19.46
N LEU E 262 13.26 24.24 18.55
CA LEU E 262 12.21 23.49 17.85
C LEU E 262 12.77 22.51 16.86
N THR E 263 13.80 22.89 16.07
CA THR E 263 14.40 22.00 15.07
C THR E 263 14.90 20.69 15.75
N MET E 264 15.50 20.79 16.96
CA MET E 264 15.93 19.63 17.71
C MET E 264 14.77 18.75 18.06
N THR E 265 13.69 19.35 18.58
CA THR E 265 12.49 18.60 18.96
C THR E 265 11.98 17.80 17.76
N THR E 266 11.88 18.44 16.56
CA THR E 266 11.39 17.74 15.37
C THR E 266 12.40 16.64 14.91
N ILE E 267 13.73 16.83 15.01
CA ILE E 267 14.72 15.79 14.66
C ILE E 267 14.44 14.53 15.51
N ASN E 268 14.18 14.70 16.82
CA ASN E 268 13.91 13.59 17.72
C ASN E 268 12.54 12.96 17.45
N THR E 269 11.47 13.77 17.38
CA THR E 269 10.14 13.21 17.18
C THR E 269 9.99 12.56 15.81
N HIS E 270 10.64 13.13 14.76
CA HIS E 270 10.57 12.58 13.42
C HIS E 270 11.16 11.18 13.38
N LEU E 271 12.42 11.02 13.85
CA LEU E 271 13.14 9.74 13.90
C LEU E 271 12.29 8.65 14.60
N ARG E 272 11.63 9.00 15.72
CA ARG E 272 10.76 8.09 16.48
C ARG E 272 9.59 7.56 15.63
N GLU E 273 9.06 8.38 14.70
CA GLU E 273 7.95 7.99 13.83
C GLU E 273 8.42 7.07 12.67
N THR E 274 9.74 7.05 12.34
CA THR E 274 10.31 6.21 11.29
C THR E 274 10.49 4.75 11.76
N LEU E 275 10.33 4.53 13.08
CA LEU E 275 10.54 3.24 13.74
C LEU E 275 9.24 2.70 14.41
N PRO E 276 9.17 1.41 14.87
CA PRO E 276 7.95 0.93 15.56
C PRO E 276 7.84 1.57 16.98
N LYS E 277 6.61 1.73 17.48
CA LYS E 277 6.30 2.41 18.75
C LYS E 277 6.80 1.64 20.01
N ILE E 278 8.13 1.61 20.18
CA ILE E 278 8.82 1.02 21.33
C ILE E 278 8.73 2.01 22.52
N PRO E 279 8.66 1.51 23.78
CA PRO E 279 8.53 2.44 24.93
C PRO E 279 9.86 2.88 25.54
N TYR E 280 10.97 2.23 25.17
CA TYR E 280 12.28 2.54 25.71
C TYR E 280 13.01 3.65 24.93
N VAL E 281 14.18 4.05 25.45
CA VAL E 281 15.04 5.11 24.90
C VAL E 281 16.24 4.46 24.17
N LYS E 282 16.40 4.81 22.89
CA LYS E 282 17.46 4.35 21.98
C LYS E 282 18.76 5.17 22.18
N ALA E 283 19.91 4.64 21.69
CA ALA E 283 21.22 5.30 21.76
C ALA E 283 21.20 6.69 21.08
N ILE E 284 20.50 6.79 19.96
CA ILE E 284 20.36 8.02 19.21
C ILE E 284 19.44 9.01 20.00
N ASP E 285 18.52 8.51 20.86
CA ASP E 285 17.64 9.38 21.66
C ASP E 285 18.41 10.06 22.78
N MET E 286 19.49 9.43 23.24
CA MET E 286 20.35 9.96 24.31
C MET E 286 21.16 11.13 23.77
N TYR E 287 21.70 10.99 22.55
CA TYR E 287 22.47 12.01 21.86
C TYR E 287 21.60 13.26 21.62
N LEU E 288 20.42 13.06 21.03
CA LEU E 288 19.47 14.13 20.70
C LEU E 288 18.90 14.83 21.93
N MET E 289 18.76 14.10 23.07
CA MET E 289 18.28 14.76 24.29
C MET E 289 19.37 15.67 24.81
N GLY E 290 20.63 15.24 24.65
CA GLY E 290 21.82 16.01 24.98
C GLY E 290 21.85 17.32 24.20
N CYS E 291 21.69 17.23 22.89
CA CYS E 291 21.63 18.34 21.95
C CYS E 291 20.50 19.31 22.29
N PHE E 292 19.36 18.78 22.76
CA PHE E 292 18.24 19.62 23.17
C PHE E 292 18.65 20.47 24.37
N VAL E 293 19.30 19.85 25.39
CA VAL E 293 19.75 20.53 26.61
C VAL E 293 20.74 21.63 26.23
N PHE E 294 21.68 21.36 25.29
CA PHE E 294 22.66 22.35 24.86
C PHE E 294 22.01 23.53 24.10
N VAL E 295 20.95 23.26 23.26
CA VAL E 295 20.32 24.37 22.54
C VAL E 295 19.33 25.12 23.44
N PHE E 296 18.72 24.44 24.42
CA PHE E 296 17.82 25.11 25.36
C PHE E 296 18.63 26.03 26.31
N LEU E 297 19.85 25.57 26.72
CA LEU E 297 20.70 26.35 27.61
C LEU E 297 21.22 27.63 26.92
N ALA E 298 21.51 27.57 25.60
CA ALA E 298 21.94 28.75 24.84
C ALA E 298 20.85 29.81 24.91
N LEU E 299 19.54 29.39 24.76
CA LEU E 299 18.43 30.34 24.84
C LEU E 299 18.26 30.92 26.26
N LEU E 300 18.37 30.06 27.32
CA LEU E 300 18.30 30.50 28.72
C LEU E 300 19.43 31.46 28.98
N GLU E 301 20.61 31.21 28.36
CA GLU E 301 21.75 32.11 28.52
C GLU E 301 21.35 33.49 27.99
N TYR E 302 20.71 33.58 26.79
CA TYR E 302 20.27 34.90 26.29
C TYR E 302 19.24 35.50 27.22
N ALA E 303 18.26 34.72 27.66
CA ALA E 303 17.25 35.19 28.63
C ALA E 303 17.95 35.80 29.86
N PHE E 304 18.95 35.10 30.42
CA PHE E 304 19.71 35.57 31.57
C PHE E 304 20.48 36.88 31.25
N VAL E 305 21.20 36.95 30.11
CA VAL E 305 21.94 38.14 29.65
C VAL E 305 20.94 39.30 29.43
N ASN E 306 19.79 39.02 28.77
CA ASN E 306 18.75 40.01 28.51
C ASN E 306 18.16 40.55 29.79
N TYR E 307 18.06 39.71 30.81
CA TYR E 307 17.53 40.05 32.13
C TYR E 307 18.48 40.90 32.93
N ILE E 308 19.81 40.80 32.70
CA ILE E 308 20.78 41.54 33.55
C ILE E 308 21.56 42.70 32.87
N PHE E 309 21.69 42.73 31.52
CA PHE E 309 22.56 43.72 30.86
C PHE E 309 22.29 45.21 31.20
N PHE E 310 21.09 45.60 31.64
CA PHE E 310 20.87 47.02 31.97
C PHE E 310 21.66 47.44 33.23
N SER E 311 21.44 46.71 34.33
CA SER E 311 22.04 46.98 35.63
C SER E 311 23.50 46.48 35.70
N GLN E 312 23.83 45.40 34.98
CA GLN E 312 25.17 44.81 35.01
C GLN E 312 25.70 44.53 33.58
N PRO E 313 25.97 45.59 32.76
CA PRO E 313 26.47 45.36 31.40
C PRO E 313 27.78 44.57 31.31
N ALA E 314 28.74 44.83 32.23
CA ALA E 314 30.02 44.13 32.31
C ALA E 314 29.84 42.61 32.47
N ARG E 315 28.95 42.21 33.42
CA ARG E 315 28.62 40.82 33.74
C ARG E 315 28.00 40.16 32.54
N ALA E 316 27.02 40.84 31.91
CA ALA E 316 26.33 40.34 30.72
C ALA E 316 27.34 40.08 29.61
N ALA E 317 28.19 41.10 29.32
CA ALA E 317 29.24 40.98 28.31
C ALA E 317 30.12 39.74 28.60
N ALA E 318 30.52 39.55 29.90
CA ALA E 318 31.33 38.42 30.36
C ALA E 318 30.63 37.07 30.15
N ILE E 319 29.31 36.97 30.47
CA ILE E 319 28.58 35.73 30.29
C ILE E 319 28.60 35.33 28.82
N ASP E 320 28.42 36.29 27.88
CA ASP E 320 28.48 36.00 26.43
C ASP E 320 29.88 35.58 26.03
N ARG E 321 30.89 36.25 26.62
CA ARG E 321 32.31 35.98 26.36
C ARG E 321 32.68 34.54 26.73
N TRP E 322 32.22 34.06 27.91
CA TRP E 322 32.50 32.71 28.41
C TRP E 322 31.73 31.64 27.68
N SER E 323 30.45 31.93 27.35
CA SER E 323 29.57 31.02 26.62
C SER E 323 30.19 30.61 25.29
N ARG E 324 30.93 31.53 24.66
CA ARG E 324 31.63 31.30 23.39
C ARG E 324 32.67 30.17 23.47
N ILE E 325 33.21 29.88 24.67
CA ILE E 325 34.23 28.84 24.80
C ILE E 325 33.66 27.64 25.59
N VAL E 326 32.90 27.90 26.68
CA VAL E 326 32.32 26.83 27.51
C VAL E 326 31.40 25.93 26.69
N PHE E 327 30.43 26.49 25.93
CA PHE E 327 29.49 25.68 25.12
C PHE E 327 30.23 24.76 24.12
N PRO E 328 31.10 25.25 23.18
CA PRO E 328 31.80 24.31 22.26
C PRO E 328 32.64 23.25 22.97
N PHE E 329 33.27 23.64 24.09
CA PHE E 329 34.11 22.73 24.88
C PHE E 329 33.25 21.61 25.48
N THR E 330 32.15 21.97 26.16
CA THR E 330 31.24 21.02 26.82
C THR E 330 30.56 20.08 25.80
N PHE E 331 30.25 20.60 24.60
CA PHE E 331 29.62 19.80 23.56
C PHE E 331 30.62 18.78 23.00
N SER E 332 31.90 19.21 22.82
CA SER E 332 32.98 18.31 22.38
C SER E 332 33.18 17.22 23.44
N LEU E 333 33.14 17.62 24.73
CA LEU E 333 33.26 16.70 25.86
C LEU E 333 32.08 15.72 25.90
N PHE E 334 30.85 16.19 25.57
CA PHE E 334 29.65 15.35 25.55
C PHE E 334 29.77 14.30 24.45
N ASN E 335 30.23 14.71 23.25
CA ASN E 335 30.42 13.82 22.10
C ASN E 335 31.46 12.77 22.39
N LEU E 336 32.57 13.18 23.03
CA LEU E 336 33.64 12.28 23.47
C LEU E 336 33.11 11.23 24.46
N VAL E 337 32.35 11.66 25.50
CA VAL E 337 31.78 10.74 26.49
C VAL E 337 30.76 9.79 25.84
N TYR E 338 29.82 10.32 25.04
CA TYR E 338 28.80 9.53 24.34
C TYR E 338 29.42 8.46 23.41
N TRP E 339 30.26 8.87 22.43
CA TRP E 339 30.84 7.97 21.44
C TRP E 339 31.77 6.94 22.07
N LEU E 340 32.51 7.29 23.15
CA LEU E 340 33.37 6.31 23.83
C LEU E 340 32.53 5.29 24.58
N TYR E 341 31.48 5.74 25.31
CA TYR E 341 30.57 4.85 26.04
C TYR E 341 29.88 3.85 25.08
N TYR E 342 29.45 4.29 23.89
CA TYR E 342 28.77 3.37 23.00
C TYR E 342 29.74 2.48 22.20
N VAL E 343 30.97 2.93 21.92
CA VAL E 343 31.90 2.08 21.17
C VAL E 343 32.91 1.42 22.15
#